data_1T9G
#
_entry.id   1T9G
#
_cell.length_a   94.333
_cell.length_b   101.322
_cell.length_c   244.785
_cell.angle_alpha   90.00
_cell.angle_beta   90.00
_cell.angle_gamma   90.00
#
_symmetry.space_group_name_H-M   'P 21 21 21'
#
loop_
_entity.id
_entity.type
_entity.pdbx_description
1 polymer 'Acyl-CoA dehydrogenase, medium-chain specific, mitochondrial'
2 polymer 'Electron transfer flavoprotein alpha-subunit, mitochondrial'
3 polymer 'Electron transfer flavoprotein beta-subunit'
4 non-polymer 'FLAVIN-ADENINE DINUCLEOTIDE'
5 non-polymer 'ADENOSINE MONOPHOSPHATE'
#
loop_
_entity_poly.entity_id
_entity_poly.type
_entity_poly.pdbx_seq_one_letter_code
_entity_poly.pdbx_strand_id
1 'polypeptide(L)'
;KANRQREPGLGFSFEFTEQQKEFQATARKFAREEIIPVAAEYDKTGEYPVPLIRRAWELGLMNTHIPENCGGLGLGTFDA
CLISEELAYGCTGVQTAIEGNSLGQMPIIIAGNDQQKKKYLGRMTEEPLMCAYCVTEPGAGSDVAGIKTKAEKKGDEYII
NGQKMWITNGGKANWYFLLARSDPDPKAPANKAFTGFIVEADTPGIQIGRKELNMGQRCSDTRGIVFEDVKVPKENVLIG
DGAGFKVAMGAFDKTRPVVAAGAVGLAQRALDEATKYALERKTFGKLLVEHQAISFMLAEMAMKVELARMSYQRAAWEVD
SGRRNTYYASIAKAFAGDIANQLATDAVQILGGNGFNTEYPVEKLMRDAKIYQIYEGTSQIQRLIVAREHIDKYKN
;
A,B,C,D
2 'polypeptide(L)'
;MFRAAAPGQLRRAASLLRFQSTLVIAEHANDSLAPITLNTITAATRLGGEVSCLVAGTKCDKVAQDLCKVAGIAKVLVAQ
HDVYKGLLPEELTPLILATQKQFNYTHICAGASAFGKNLLPRVAAKLEVAPISDIIAIKSPDTFVRTIYAGNALCTVKCD
EKVKVFSVRGTSFDAAATSGGSASSEKASSTSPVEISEWLDQKLTKSDRPELTGAKVVVSGGRGLKSGENFKLLYDLADQ
LHAAVGASRAAVDAGFVPNDMQVGQTGKIVAPELYIAVGISGAIQHLAGMKDSKTIVAINKDPEAPIFQVADYGIVADLF
KVVPEMTEILKKK
;
R
3 'polypeptide(L)'
;MAELRVLVAVKRVIDYAVKIRVKPDRTGVVTDGVKHSMNPFCEIAVEEAVRLKEKKLVKEVIAVSCGPAQCQETIRTALA
MGADRGIHVEVPPAEAERLGPLQVARVLAKLAEKEKVDLVLLGKQAIDDDCNQTGQMTAGFLDWPQGTFASQVTLEGDKL
KVEREIDGGLETLRLKLPAVVTADLRLNEPRYATLPNIMKAKKKKIEVIKPGDLGVDLTSKLSVISVEDPPQRTAGVKVE
TTEDLVAKLKEIGRI
;
S
#
loop_
_chem_comp.id
_chem_comp.type
_chem_comp.name
_chem_comp.formula
AMP non-polymer 'ADENOSINE MONOPHOSPHATE' 'C10 H14 N5 O7 P'
FAD non-polymer 'FLAVIN-ADENINE DINUCLEOTIDE' 'C27 H33 N9 O15 P2'
#
# COMPACT_ATOMS: atom_id res chain seq x y z
N LEU A 10 -1.03 16.20 26.61
CA LEU A 10 -0.02 15.55 25.71
C LEU A 10 0.43 16.29 24.35
N GLY A 11 0.02 15.75 23.17
CA GLY A 11 0.47 16.16 21.83
C GLY A 11 1.53 15.28 21.17
N PHE A 12 1.50 15.19 19.84
CA PHE A 12 2.64 14.61 19.10
C PHE A 12 3.91 15.42 19.33
N SER A 13 5.06 14.73 19.35
CA SER A 13 6.37 15.40 19.36
C SER A 13 7.43 14.65 18.60
N PHE A 14 8.25 15.40 17.86
CA PHE A 14 9.43 14.90 17.14
C PHE A 14 10.79 15.50 17.63
N GLU A 15 10.93 15.83 18.91
CA GLU A 15 12.22 16.27 19.39
C GLU A 15 12.77 15.27 20.37
N PHE A 16 14.02 14.83 20.18
CA PHE A 16 14.68 13.99 21.17
C PHE A 16 14.71 14.68 22.50
N THR A 17 14.94 13.87 23.52
CA THR A 17 15.14 14.33 24.88
C THR A 17 16.57 14.85 25.02
N GLU A 18 16.82 15.81 25.92
CA GLU A 18 18.23 16.33 26.09
C GLU A 18 19.24 15.22 26.33
N GLN A 19 18.91 14.30 27.21
CA GLN A 19 19.72 13.08 27.37
C GLN A 19 19.93 12.25 26.11
N GLN A 20 18.86 12.04 25.34
CA GLN A 20 18.94 11.28 24.11
C GLN A 20 19.94 11.91 23.19
N LYS A 21 19.86 13.24 23.04
CA LYS A 21 20.86 13.98 22.28
C LYS A 21 22.33 13.76 22.75
N GLU A 22 22.59 13.54 24.03
CA GLU A 22 23.92 13.15 24.44
C GLU A 22 24.32 11.80 23.86
N PHE A 23 23.42 10.80 23.98
CA PHE A 23 23.70 9.48 23.37
C PHE A 23 24.01 9.64 21.90
N GLN A 24 23.24 10.49 21.23
CA GLN A 24 23.39 10.61 19.82
C GLN A 24 24.75 11.22 19.51
N ALA A 25 25.12 12.29 20.22
CA ALA A 25 26.44 12.89 20.09
C ALA A 25 27.61 11.86 20.33
N THR A 26 27.59 11.14 21.47
CA THR A 26 28.57 10.13 21.72
C THR A 26 28.70 9.19 20.54
N ALA A 27 27.54 8.73 20.07
CA ALA A 27 27.47 7.70 19.09
C ALA A 27 27.96 8.22 17.71
N ARG A 28 27.55 9.41 17.30
CA ARG A 28 28.05 10.04 16.08
C ARG A 28 29.56 10.24 16.14
N LYS A 29 30.08 10.82 17.23
CA LYS A 29 31.54 10.93 17.46
C LYS A 29 32.31 9.59 17.38
N PHE A 30 31.77 8.55 18.00
CA PHE A 30 32.42 7.26 17.91
C PHE A 30 32.45 6.69 16.49
N ALA A 31 31.33 6.84 15.78
CA ALA A 31 31.18 6.24 14.48
C ALA A 31 32.02 6.98 13.43
N ARG A 32 32.07 8.31 13.56
CA ARG A 32 32.74 9.17 12.58
C ARG A 32 34.23 9.32 12.77
N GLU A 33 34.68 9.45 14.03
CA GLU A 33 36.10 9.59 14.40
C GLU A 33 36.85 8.24 14.57
N GLU A 34 36.09 7.16 14.77
CA GLU A 34 36.74 5.93 15.09
C GLU A 34 36.36 4.77 14.21
N ILE A 35 35.07 4.64 13.84
CA ILE A 35 34.64 3.60 12.88
C ILE A 35 34.97 3.91 11.41
N ILE A 36 34.62 5.11 10.93
CA ILE A 36 34.83 5.35 9.51
C ILE A 36 36.29 5.08 9.10
N PRO A 37 37.27 5.61 9.84
CA PRO A 37 38.64 5.50 9.37
C PRO A 37 39.10 4.06 9.22
N VAL A 38 38.56 3.10 9.97
CA VAL A 38 39.04 1.74 9.81
C VAL A 38 38.08 0.80 9.05
N ALA A 39 36.82 1.21 8.89
CA ALA A 39 35.84 0.27 8.34
C ALA A 39 36.22 -0.29 6.97
N ALA A 40 36.71 0.57 6.07
CA ALA A 40 37.14 0.06 4.79
C ALA A 40 38.01 -1.21 4.95
N GLU A 41 38.95 -1.16 5.91
CA GLU A 41 39.96 -2.22 6.12
C GLU A 41 39.36 -3.49 6.67
N TYR A 42 38.57 -3.29 7.72
CA TYR A 42 37.78 -4.35 8.32
C TYR A 42 36.93 -5.10 7.33
N ASP A 43 36.36 -4.40 6.34
CA ASP A 43 35.65 -5.05 5.26
C ASP A 43 36.60 -5.85 4.38
N LYS A 44 37.78 -5.28 4.13
CA LYS A 44 38.74 -5.91 3.24
C LYS A 44 39.19 -7.23 3.91
N THR A 45 39.52 -7.18 5.21
CA THR A 45 40.12 -8.32 5.88
C THR A 45 39.07 -9.20 6.52
N GLY A 46 37.90 -8.63 6.84
CA GLY A 46 36.79 -9.38 7.36
C GLY A 46 37.01 -9.86 8.77
N GLU A 47 37.97 -9.28 9.49
CA GLU A 47 38.17 -9.74 10.85
C GLU A 47 37.33 -9.03 11.89
N TYR A 48 37.02 -9.76 12.94
CA TYR A 48 36.16 -9.32 14.02
C TYR A 48 36.67 -8.07 14.72
N PRO A 49 35.90 -6.98 14.74
CA PRO A 49 36.45 -5.66 15.16
C PRO A 49 36.53 -5.47 16.70
N VAL A 50 37.36 -6.30 17.34
CA VAL A 50 37.36 -6.41 18.79
C VAL A 50 37.56 -5.09 19.48
N PRO A 51 38.54 -4.29 19.04
CA PRO A 51 38.80 -2.98 19.69
C PRO A 51 37.64 -1.95 19.66
N LEU A 52 36.95 -1.82 18.52
CA LEU A 52 35.86 -0.86 18.40
C LEU A 52 34.69 -1.33 19.21
N ILE A 53 34.51 -2.64 19.32
CA ILE A 53 33.51 -3.20 20.21
C ILE A 53 33.77 -2.79 21.66
N ARG A 54 34.96 -3.14 22.18
CA ARG A 54 35.40 -2.78 23.56
C ARG A 54 35.17 -1.30 23.89
N ARG A 55 35.36 -0.49 22.86
CA ARG A 55 35.27 0.92 22.96
C ARG A 55 33.79 1.31 23.00
N ALA A 56 32.99 0.70 22.10
CA ALA A 56 31.54 0.88 22.08
C ALA A 56 31.04 0.56 23.46
N TRP A 57 31.44 -0.61 23.97
CA TRP A 57 31.18 -1.03 25.35
C TRP A 57 31.61 0.00 26.42
N GLU A 58 32.83 0.55 26.35
CA GLU A 58 33.33 1.58 27.32
C GLU A 58 32.43 2.83 27.36
N LEU A 59 32.00 3.22 26.18
CA LEU A 59 31.38 4.45 25.90
C LEU A 59 29.86 4.37 26.21
N GLY A 60 29.37 3.21 26.70
CA GLY A 60 27.94 2.99 26.96
C GLY A 60 27.00 2.67 25.78
N LEU A 61 27.57 2.39 24.63
CA LEU A 61 26.77 2.22 23.45
C LEU A 61 26.38 0.76 23.20
N MET A 62 26.42 -0.09 24.20
CA MET A 62 26.22 -1.52 23.96
C MET A 62 25.47 -2.08 25.16
N ASN A 63 25.03 -3.33 25.03
CA ASN A 63 24.06 -3.96 25.92
C ASN A 63 23.09 -2.99 26.54
N THR A 64 22.57 -2.03 25.79
CA THR A 64 21.79 -0.93 26.35
C THR A 64 20.44 -1.30 27.02
N HIS A 65 19.86 -2.47 26.71
CA HIS A 65 18.54 -2.83 27.26
C HIS A 65 18.60 -3.39 28.68
N ILE A 66 19.81 -3.69 29.15
CA ILE A 66 19.98 -4.32 30.48
C ILE A 66 19.47 -3.44 31.62
N PRO A 67 18.68 -3.98 32.54
CA PRO A 67 18.14 -3.16 33.63
C PRO A 67 19.20 -2.64 34.64
N GLU A 68 18.98 -1.43 35.21
CA GLU A 68 19.78 -0.89 36.35
C GLU A 68 20.03 -1.97 37.39
N ASN A 69 18.99 -2.64 37.87
CA ASN A 69 19.12 -3.89 38.64
C ASN A 69 20.39 -4.68 38.38
N CYS A 70 20.71 -4.95 37.12
CA CYS A 70 21.87 -5.78 36.79
C CYS A 70 23.11 -4.98 36.40
N GLY A 71 23.14 -3.70 36.71
CA GLY A 71 24.27 -2.88 36.31
C GLY A 71 24.21 -2.40 34.89
N GLY A 72 23.04 -2.49 34.26
CA GLY A 72 22.88 -1.95 32.91
C GLY A 72 22.47 -0.48 32.92
N LEU A 73 22.40 0.10 31.73
CA LEU A 73 22.00 1.50 31.63
C LEU A 73 20.46 1.66 31.63
N GLY A 74 19.74 0.53 31.51
CA GLY A 74 18.25 0.46 31.58
C GLY A 74 17.46 1.23 30.53
N LEU A 75 17.96 1.33 29.31
CA LEU A 75 17.35 2.21 28.32
C LEU A 75 16.30 1.54 27.45
N GLY A 76 15.47 2.37 26.84
CA GLY A 76 14.43 1.92 25.92
C GLY A 76 14.92 1.57 24.51
N THR A 77 13.95 1.07 23.72
CA THR A 77 14.10 0.72 22.32
C THR A 77 14.27 1.97 21.45
N PHE A 78 13.61 3.05 21.84
CA PHE A 78 13.85 4.32 21.16
C PHE A 78 15.29 4.78 21.34
N ASP A 79 15.84 4.62 22.56
CA ASP A 79 17.26 4.94 22.83
C ASP A 79 18.24 4.05 22.04
N ALA A 80 17.99 2.75 22.10
CA ALA A 80 18.78 1.76 21.37
C ALA A 80 18.80 2.08 19.89
N CYS A 81 17.70 2.68 19.41
CA CYS A 81 17.54 2.99 18.00
C CYS A 81 18.34 4.19 17.57
N LEU A 82 18.40 5.26 18.36
CA LEU A 82 19.29 6.41 18.11
C LEU A 82 20.70 5.96 17.89
N ILE A 83 21.18 5.10 18.79
CA ILE A 83 22.58 4.69 18.81
C ILE A 83 22.91 3.88 17.56
N SER A 84 22.16 2.81 17.31
CA SER A 84 22.33 1.98 16.09
C SER A 84 22.27 2.70 14.79
N GLU A 85 21.45 3.74 14.71
CA GLU A 85 21.49 4.51 13.47
C GLU A 85 22.90 5.13 13.30
N GLU A 86 23.40 5.73 14.37
CA GLU A 86 24.73 6.34 14.35
C GLU A 86 25.80 5.30 14.09
N LEU A 87 25.77 4.16 14.79
CA LEU A 87 26.79 3.13 14.53
C LEU A 87 26.73 2.57 13.09
N ALA A 88 25.54 2.38 12.58
CA ALA A 88 25.36 1.80 11.24
C ALA A 88 25.84 2.73 10.14
N TYR A 89 25.61 4.04 10.30
CA TYR A 89 26.11 5.04 9.36
C TYR A 89 27.58 4.72 9.10
N GLY A 90 28.27 4.36 10.19
CA GLY A 90 29.68 4.05 10.17
C GLY A 90 30.00 2.76 9.48
N CYS A 91 29.35 1.69 9.96
CA CYS A 91 29.47 0.36 9.40
C CYS A 91 28.46 -0.58 9.99
N THR A 92 27.72 -1.29 9.16
CA THR A 92 26.70 -2.17 9.67
C THR A 92 27.33 -3.49 10.10
N GLY A 93 28.55 -3.74 9.61
CA GLY A 93 29.26 -4.93 10.05
C GLY A 93 29.39 -4.79 11.55
N VAL A 94 30.09 -3.72 11.92
CA VAL A 94 30.35 -3.39 13.33
C VAL A 94 29.05 -3.34 14.15
N GLN A 95 28.12 -2.50 13.67
CA GLN A 95 26.84 -2.29 14.29
C GLN A 95 26.04 -3.61 14.45
N THR A 96 26.01 -4.48 13.44
CA THR A 96 25.47 -5.83 13.63
C THR A 96 26.10 -6.52 14.83
N ALA A 97 27.43 -6.55 14.90
CA ALA A 97 28.10 -7.38 15.92
C ALA A 97 27.68 -6.86 17.29
N ILE A 98 27.70 -5.55 17.47
CA ILE A 98 27.06 -4.89 18.62
C ILE A 98 25.56 -5.29 18.92
N GLU A 99 24.65 -5.21 17.94
CA GLU A 99 23.24 -5.49 18.20
C GLU A 99 23.01 -6.94 18.52
N GLY A 100 23.79 -7.80 17.88
CA GLY A 100 23.67 -9.24 18.13
C GLY A 100 23.65 -9.53 19.62
N ASN A 101 24.49 -8.83 20.36
CA ASN A 101 24.48 -8.99 21.78
C ASN A 101 23.12 -8.71 22.32
N SER A 102 22.56 -7.61 21.88
CA SER A 102 21.38 -7.16 22.54
C SER A 102 20.20 -8.02 22.07
N LEU A 103 20.34 -8.71 20.95
CA LEU A 103 19.32 -9.66 20.52
C LEU A 103 19.43 -10.95 21.30
N GLY A 104 20.66 -11.45 21.47
CA GLY A 104 20.94 -12.49 22.42
C GLY A 104 20.24 -12.21 23.72
N GLN A 105 20.40 -11.00 24.26
CA GLN A 105 19.89 -10.65 25.58
C GLN A 105 18.34 -10.57 25.72
N MET A 106 17.70 -10.19 24.63
CA MET A 106 16.29 -9.87 24.69
C MET A 106 15.44 -11.00 25.39
N PRO A 107 15.57 -12.27 24.93
CA PRO A 107 14.78 -13.38 25.52
C PRO A 107 15.03 -13.54 27.02
N ILE A 108 16.24 -13.22 27.48
CA ILE A 108 16.53 -13.25 28.91
C ILE A 108 15.99 -12.04 29.62
N ILE A 109 16.07 -10.87 29.00
CA ILE A 109 15.53 -9.63 29.56
C ILE A 109 14.01 -9.74 29.70
N ILE A 110 13.32 -10.22 28.66
CA ILE A 110 11.84 -10.24 28.72
C ILE A 110 11.27 -11.47 29.50
N ALA A 111 12.08 -12.53 29.63
CA ALA A 111 11.60 -13.81 30.16
C ALA A 111 12.55 -14.58 31.14
N GLY A 112 13.66 -13.97 31.56
CA GLY A 112 14.47 -14.56 32.62
C GLY A 112 13.87 -14.22 33.98
N ASN A 113 14.17 -15.07 34.97
CA ASN A 113 14.03 -14.76 36.40
C ASN A 113 15.36 -14.16 36.98
N ASP A 114 15.37 -13.64 38.20
CA ASP A 114 16.53 -12.79 38.61
C ASP A 114 17.87 -13.47 38.73
N GLN A 115 17.84 -14.77 38.99
CA GLN A 115 19.05 -15.56 38.93
C GLN A 115 19.73 -15.46 37.55
N GLN A 116 18.97 -15.87 36.51
CA GLN A 116 19.40 -15.79 35.10
C GLN A 116 19.77 -14.41 34.66
N LYS A 117 19.02 -13.39 35.09
CA LYS A 117 19.29 -12.05 34.63
C LYS A 117 20.56 -11.55 35.24
N LYS A 118 20.74 -11.80 36.53
CA LYS A 118 21.93 -11.30 37.24
C LYS A 118 23.14 -12.08 36.69
N LYS A 119 22.96 -13.38 36.56
CA LYS A 119 23.99 -14.26 36.05
C LYS A 119 24.42 -13.87 34.63
N TYR A 120 23.50 -13.92 33.66
CA TYR A 120 23.86 -13.78 32.23
C TYR A 120 23.79 -12.37 31.69
N LEU A 121 22.99 -11.52 32.30
CA LEU A 121 23.07 -10.13 31.96
C LEU A 121 24.19 -9.47 32.73
N GLY A 122 24.20 -9.62 34.04
CA GLY A 122 25.23 -9.02 34.91
C GLY A 122 26.62 -9.08 34.32
N ARG A 123 27.07 -10.29 33.96
CA ARG A 123 28.43 -10.45 33.46
C ARG A 123 28.82 -9.49 32.30
N MET A 124 27.82 -9.10 31.50
CA MET A 124 27.97 -8.29 30.30
C MET A 124 28.23 -6.90 30.72
N THR A 125 27.79 -6.57 31.94
CA THR A 125 28.04 -5.29 32.60
C THR A 125 29.51 -5.21 33.04
N GLU A 126 29.99 -6.22 33.75
CA GLU A 126 31.37 -6.20 34.23
C GLU A 126 32.40 -6.25 33.12
N GLU A 127 32.10 -6.96 32.03
CA GLU A 127 33.13 -7.27 30.99
C GLU A 127 32.58 -7.22 29.54
N PRO A 128 33.25 -6.59 28.58
CA PRO A 128 32.79 -6.59 27.17
C PRO A 128 32.60 -7.92 26.48
N LEU A 129 31.91 -8.87 27.12
CA LEU A 129 31.57 -10.17 26.53
C LEU A 129 30.51 -10.08 25.43
N MET A 130 30.35 -11.17 24.69
CA MET A 130 29.43 -11.24 23.57
C MET A 130 28.46 -12.37 23.83
N CYS A 131 27.26 -12.28 23.28
CA CYS A 131 26.41 -13.43 23.23
C CYS A 131 25.73 -13.44 21.89
N ALA A 132 25.01 -14.53 21.58
CA ALA A 132 24.33 -14.72 20.29
C ALA A 132 22.91 -15.26 20.49
N TYR A 133 22.10 -15.20 19.43
CA TYR A 133 20.73 -15.74 19.34
C TYR A 133 20.78 -16.97 18.41
N CYS A 134 20.63 -18.22 18.86
CA CYS A 134 20.68 -19.35 17.92
C CYS A 134 19.30 -19.89 17.73
N VAL A 135 18.66 -19.52 16.63
CA VAL A 135 17.38 -20.11 16.24
C VAL A 135 17.47 -20.78 14.84
N THR A 136 18.09 -20.12 13.86
CA THR A 136 18.13 -20.65 12.50
C THR A 136 18.83 -22.00 12.32
N GLU A 137 18.40 -22.75 11.31
CA GLU A 137 18.96 -24.05 11.02
C GLU A 137 19.11 -24.21 9.51
N PRO A 138 20.02 -25.10 9.04
CA PRO A 138 20.15 -25.30 7.61
C PRO A 138 18.77 -25.54 7.00
N GLY A 139 17.81 -26.07 7.78
CA GLY A 139 16.48 -26.40 7.27
C GLY A 139 15.36 -25.38 7.38
N ALA A 140 15.49 -24.42 8.28
CA ALA A 140 14.39 -23.52 8.64
C ALA A 140 14.95 -22.21 9.21
N GLY A 141 14.40 -21.09 8.74
CA GLY A 141 14.83 -19.76 9.18
C GLY A 141 13.61 -18.93 9.41
N SER A 142 13.08 -18.38 8.33
CA SER A 142 11.75 -17.82 8.34
C SER A 142 10.80 -18.74 9.12
N ASP A 143 10.62 -19.99 8.67
CA ASP A 143 9.64 -20.91 9.30
C ASP A 143 10.13 -21.45 10.66
N VAL A 144 9.83 -20.73 11.74
CA VAL A 144 10.52 -20.99 12.99
C VAL A 144 10.03 -22.28 13.56
N ALA A 145 8.72 -22.53 13.40
CA ALA A 145 8.13 -23.79 13.86
C ALA A 145 8.72 -25.05 13.13
N GLY A 146 9.63 -24.76 12.19
CA GLY A 146 10.28 -25.79 11.38
C GLY A 146 11.62 -26.29 11.90
N ILE A 147 12.16 -25.63 12.93
CA ILE A 147 13.44 -26.03 13.52
C ILE A 147 13.40 -27.46 14.10
N LYS A 148 14.43 -28.24 13.77
CA LYS A 148 14.51 -29.66 14.10
C LYS A 148 15.57 -30.05 15.16
N THR A 149 16.26 -29.09 15.80
CA THR A 149 17.15 -29.36 16.96
C THR A 149 16.31 -29.85 18.12
N LYS A 150 16.52 -31.13 18.50
CA LYS A 150 15.76 -31.75 19.61
C LYS A 150 16.48 -31.51 20.94
N ALA A 151 15.69 -31.24 21.97
CA ALA A 151 16.16 -31.19 23.35
C ALA A 151 15.41 -32.25 24.18
N GLU A 152 16.11 -33.29 24.67
CA GLU A 152 15.46 -34.29 25.57
C GLU A 152 15.73 -34.04 27.08
N LYS A 153 14.67 -34.18 27.89
CA LYS A 153 14.82 -34.12 29.36
C LYS A 153 15.57 -35.36 29.92
N LYS A 154 16.20 -35.22 31.08
CA LYS A 154 17.06 -36.26 31.66
C LYS A 154 17.31 -35.84 33.09
N GLY A 155 16.27 -35.99 33.92
CA GLY A 155 16.38 -35.63 35.31
C GLY A 155 16.43 -34.13 35.50
N ASP A 156 17.61 -33.61 35.79
CA ASP A 156 17.71 -32.18 36.20
C ASP A 156 18.47 -31.30 35.20
N GLU A 157 18.29 -31.64 33.93
CA GLU A 157 19.12 -31.15 32.83
C GLU A 157 18.64 -31.71 31.48
N TYR A 158 18.99 -31.02 30.41
CA TYR A 158 18.40 -31.28 29.11
C TYR A 158 19.51 -31.51 28.17
N ILE A 159 19.34 -32.48 27.28
CA ILE A 159 20.36 -32.79 26.27
C ILE A 159 19.97 -32.27 24.88
N ILE A 160 20.73 -31.29 24.40
CA ILE A 160 20.46 -30.61 23.14
C ILE A 160 21.19 -31.31 21.97
N ASN A 161 20.42 -31.77 21.01
CA ASN A 161 20.99 -32.32 19.79
C ASN A 161 20.45 -31.65 18.55
N GLY A 162 21.35 -30.98 17.83
CA GLY A 162 21.01 -30.39 16.55
C GLY A 162 22.07 -29.45 16.03
N GLN A 163 21.67 -28.58 15.10
CA GLN A 163 22.62 -27.77 14.38
C GLN A 163 22.00 -26.42 14.01
N LYS A 164 22.69 -25.35 14.33
CA LYS A 164 22.17 -24.03 14.07
C LYS A 164 23.01 -23.39 12.98
N MET A 165 22.44 -22.52 12.18
CA MET A 165 23.23 -21.97 11.07
C MET A 165 23.09 -20.43 10.99
N TRP A 166 24.08 -19.75 10.43
CA TRP A 166 24.05 -18.26 10.31
C TRP A 166 24.07 -17.46 11.61
N ILE A 167 24.76 -17.91 12.67
CA ILE A 167 24.68 -17.19 13.96
C ILE A 167 25.63 -15.98 14.08
N THR A 168 25.05 -14.80 14.09
CA THR A 168 25.80 -13.60 14.37
C THR A 168 26.53 -13.76 15.66
N ASN A 169 27.82 -13.47 15.70
CA ASN A 169 28.58 -13.60 16.92
C ASN A 169 28.62 -15.01 17.41
N GLY A 170 27.93 -15.95 16.76
CA GLY A 170 28.06 -17.37 17.20
C GLY A 170 29.52 -17.61 16.97
N GLY A 171 30.23 -18.32 17.82
CA GLY A 171 31.71 -18.24 17.61
C GLY A 171 32.54 -17.14 18.31
N LYS A 172 31.94 -16.05 18.72
CA LYS A 172 32.62 -15.10 19.59
C LYS A 172 31.85 -14.94 20.92
N ALA A 173 30.88 -15.80 21.17
CA ALA A 173 29.97 -15.63 22.31
C ALA A 173 30.39 -16.32 23.60
N ASN A 174 29.98 -15.71 24.71
CA ASN A 174 30.13 -16.33 26.03
C ASN A 174 29.00 -17.32 26.31
N TRP A 175 27.79 -16.94 25.87
CA TRP A 175 26.61 -17.79 25.88
C TRP A 175 25.67 -17.52 24.72
N TYR A 176 24.75 -18.47 24.56
CA TYR A 176 23.75 -18.39 23.51
C TYR A 176 22.31 -18.39 24.03
N PHE A 177 21.42 -17.64 23.37
CA PHE A 177 20.01 -18.04 23.46
C PHE A 177 19.83 -19.14 22.44
N LEU A 178 19.22 -20.24 22.88
CA LEU A 178 18.95 -21.36 22.00
C LEU A 178 17.50 -21.78 22.08
N LEU A 179 16.90 -21.95 20.91
CA LEU A 179 15.57 -22.50 20.81
C LEU A 179 15.65 -23.92 20.29
N ALA A 180 14.87 -24.82 20.89
CA ALA A 180 14.91 -26.24 20.49
C ALA A 180 13.57 -26.92 20.61
N ARG A 181 13.37 -27.96 19.77
CA ARG A 181 12.12 -28.75 19.77
C ARG A 181 12.11 -29.78 20.90
N SER A 182 11.40 -29.39 21.97
CA SER A 182 11.10 -30.15 23.19
C SER A 182 10.30 -31.40 22.93
N ASP A 183 9.06 -31.17 22.49
CA ASP A 183 8.07 -32.20 22.31
C ASP A 183 8.36 -33.05 21.09
N PRO A 184 8.56 -34.36 21.23
CA PRO A 184 8.98 -35.14 20.06
C PRO A 184 7.79 -35.59 19.21
N ASP A 185 6.59 -35.65 19.77
CA ASP A 185 5.39 -35.93 18.96
C ASP A 185 5.14 -34.83 17.86
N PRO A 186 5.27 -35.20 16.58
CA PRO A 186 5.28 -34.21 15.49
C PRO A 186 3.92 -33.55 15.27
N LYS A 187 2.89 -33.94 16.00
CA LYS A 187 1.60 -33.31 15.81
C LYS A 187 1.41 -32.10 16.74
N ALA A 188 2.36 -31.81 17.64
CA ALA A 188 2.13 -30.75 18.66
C ALA A 188 2.34 -29.31 18.13
N PRO A 189 1.45 -28.42 18.55
CA PRO A 189 1.46 -27.02 18.10
C PRO A 189 2.73 -26.27 18.52
N ALA A 190 3.13 -25.26 17.75
CA ALA A 190 4.25 -24.36 18.10
C ALA A 190 4.20 -23.95 19.57
N ASN A 191 2.99 -23.53 19.96
CA ASN A 191 2.69 -23.00 21.28
C ASN A 191 3.13 -23.87 22.42
N LYS A 192 3.43 -25.14 22.17
CA LYS A 192 3.84 -26.01 23.27
C LYS A 192 5.01 -26.96 22.91
N ALA A 193 5.68 -26.73 21.77
CA ALA A 193 6.63 -27.71 21.24
C ALA A 193 8.09 -27.29 21.41
N PHE A 194 8.29 -26.09 21.96
CA PHE A 194 9.61 -25.54 22.06
C PHE A 194 9.97 -25.01 23.42
N THR A 195 11.22 -25.27 23.81
CA THR A 195 11.83 -24.66 24.98
C THR A 195 13.03 -23.84 24.58
N GLY A 196 13.14 -22.63 25.16
CA GLY A 196 14.31 -21.75 25.00
C GLY A 196 15.30 -21.83 26.16
N PHE A 197 16.57 -21.98 25.82
CA PHE A 197 17.59 -22.20 26.83
C PHE A 197 18.60 -21.13 26.72
N ILE A 198 19.27 -20.88 27.84
CA ILE A 198 20.54 -20.17 27.91
C ILE A 198 21.62 -21.22 27.85
N VAL A 199 22.58 -21.13 26.95
CA VAL A 199 23.55 -22.19 26.90
C VAL A 199 24.92 -21.56 26.96
N GLU A 200 25.69 -21.96 27.98
CA GLU A 200 27.05 -21.46 28.17
C GLU A 200 27.92 -22.08 27.09
N ALA A 201 28.85 -21.30 26.55
CA ALA A 201 29.50 -21.69 25.30
C ALA A 201 30.65 -22.66 25.50
N ASP A 202 31.54 -22.36 26.44
CA ASP A 202 32.57 -23.34 26.92
C ASP A 202 32.02 -24.76 27.16
N THR A 203 30.69 -24.94 27.19
CA THR A 203 30.04 -26.26 27.33
C THR A 203 30.58 -27.29 26.30
N PRO A 204 30.93 -28.50 26.75
CA PRO A 204 31.36 -29.58 25.82
C PRO A 204 30.21 -30.09 24.95
N GLY A 205 30.49 -30.39 23.70
CA GLY A 205 29.48 -30.86 22.75
C GLY A 205 29.19 -29.78 21.71
N ILE A 206 29.48 -28.53 22.07
CA ILE A 206 29.31 -27.39 21.20
C ILE A 206 30.54 -27.35 20.30
N GLN A 207 30.36 -27.71 19.02
CA GLN A 207 31.37 -27.46 17.97
C GLN A 207 31.00 -26.21 17.16
N ILE A 208 31.68 -25.09 17.41
CA ILE A 208 31.58 -23.88 16.54
C ILE A 208 32.23 -24.17 15.18
N GLY A 209 31.47 -24.03 14.07
CA GLY A 209 32.01 -24.23 12.70
C GLY A 209 32.94 -23.12 12.20
N ARG A 210 33.35 -23.15 10.94
CA ARG A 210 34.20 -22.08 10.37
C ARG A 210 33.51 -20.71 10.23
N LYS A 211 34.32 -19.64 10.14
CA LYS A 211 33.77 -18.34 9.71
C LYS A 211 33.13 -18.40 8.29
N GLU A 212 31.86 -18.03 8.19
CA GLU A 212 31.11 -18.05 6.94
C GLU A 212 31.45 -16.81 6.14
N LEU A 213 31.65 -17.00 4.83
CA LEU A 213 32.17 -15.92 3.98
C LEU A 213 31.05 -15.28 3.15
N ASN A 214 30.60 -14.10 3.56
CA ASN A 214 29.35 -13.55 2.99
C ASN A 214 29.59 -12.38 2.03
N MET A 215 28.57 -12.03 1.24
CA MET A 215 28.65 -10.89 0.34
C MET A 215 29.11 -9.63 1.07
N GLY A 216 28.43 -9.34 2.18
CA GLY A 216 28.48 -8.08 2.87
C GLY A 216 28.67 -8.26 4.38
N GLN A 217 28.65 -7.12 5.10
CA GLN A 217 28.97 -7.08 6.50
C GLN A 217 30.06 -8.09 6.80
N ARG A 218 31.08 -8.06 5.98
CA ARG A 218 32.10 -9.04 6.03
C ARG A 218 32.79 -9.19 7.42
N CYS A 219 32.88 -8.13 8.22
CA CYS A 219 33.54 -8.30 9.54
C CYS A 219 32.64 -8.80 10.72
N SER A 220 31.37 -9.02 10.46
CA SER A 220 30.55 -9.66 11.44
C SER A 220 30.97 -11.15 11.50
N ASP A 221 30.92 -11.72 12.69
CA ASP A 221 31.19 -13.15 12.88
C ASP A 221 29.89 -13.92 12.70
N THR A 222 29.75 -14.52 11.54
CA THR A 222 28.60 -15.33 11.30
C THR A 222 29.06 -16.71 11.07
N ARG A 223 28.46 -17.63 11.81
CA ARG A 223 28.77 -19.03 11.56
C ARG A 223 27.77 -20.00 12.09
N GLY A 224 27.96 -21.24 11.66
CA GLY A 224 27.10 -22.33 12.05
C GLY A 224 27.76 -22.98 13.23
N ILE A 225 26.95 -23.51 14.11
CA ILE A 225 27.45 -24.28 15.22
C ILE A 225 26.72 -25.63 15.38
N VAL A 226 27.44 -26.72 15.65
CA VAL A 226 26.74 -28.00 15.92
C VAL A 226 26.68 -28.32 17.42
N PHE A 227 25.59 -28.99 17.84
CA PHE A 227 25.32 -29.37 19.23
C PHE A 227 25.21 -30.86 19.44
N GLU A 228 26.31 -31.45 19.93
CA GLU A 228 26.36 -32.89 20.17
C GLU A 228 26.30 -33.20 21.65
N ASP A 229 25.21 -33.86 22.04
CA ASP A 229 24.89 -34.18 23.43
C ASP A 229 25.09 -33.06 24.45
N VAL A 230 25.19 -31.81 24.00
CA VAL A 230 25.32 -30.66 24.90
C VAL A 230 24.36 -30.78 26.09
N LYS A 231 24.88 -30.64 27.29
CA LYS A 231 24.02 -30.69 28.48
C LYS A 231 23.75 -29.27 29.05
N VAL A 232 22.49 -29.01 29.36
CA VAL A 232 22.03 -27.72 29.82
C VAL A 232 21.24 -27.94 31.08
N PRO A 233 21.69 -27.42 32.21
CA PRO A 233 20.93 -27.50 33.47
C PRO A 233 19.49 -26.96 33.41
N LYS A 234 18.58 -27.62 34.10
CA LYS A 234 17.20 -27.14 34.17
C LYS A 234 17.05 -25.68 34.66
N GLU A 235 18.07 -25.12 35.33
CA GLU A 235 17.97 -23.73 35.85
C GLU A 235 18.04 -22.70 34.73
N ASN A 236 18.53 -23.17 33.57
CA ASN A 236 18.74 -22.35 32.38
C ASN A 236 17.59 -22.40 31.36
N VAL A 237 16.51 -23.09 31.69
CA VAL A 237 15.27 -23.07 30.88
C VAL A 237 14.61 -21.72 31.06
N LEU A 238 13.91 -21.22 30.04
CA LEU A 238 13.54 -19.83 30.09
C LEU A 238 12.28 -19.46 30.81
N ILE A 239 11.13 -20.04 30.45
CA ILE A 239 10.01 -19.83 31.37
C ILE A 239 9.56 -21.16 31.92
N GLY A 240 9.45 -22.13 31.03
CA GLY A 240 9.24 -23.52 31.39
C GLY A 240 9.34 -24.31 30.12
N ASP A 241 9.31 -25.64 30.26
CA ASP A 241 9.21 -26.53 29.13
C ASP A 241 8.11 -26.06 28.23
N GLY A 242 8.33 -26.14 26.92
CA GLY A 242 7.29 -25.78 25.98
C GLY A 242 6.93 -24.32 25.77
N ALA A 243 7.50 -23.38 26.54
CA ALA A 243 7.29 -21.92 26.33
C ALA A 243 8.34 -21.24 25.40
N GLY A 244 9.24 -22.04 24.84
CA GLY A 244 10.21 -21.53 23.89
C GLY A 244 9.75 -20.55 22.80
N PHE A 245 8.59 -20.84 22.21
CA PHE A 245 8.07 -20.07 21.07
C PHE A 245 7.71 -18.63 21.49
N LYS A 246 6.61 -18.49 22.23
CA LYS A 246 6.24 -17.22 22.89
C LYS A 246 7.52 -16.48 23.35
N VAL A 247 8.48 -17.18 23.99
CA VAL A 247 9.68 -16.44 24.42
C VAL A 247 10.35 -15.72 23.24
N ALA A 248 10.80 -16.50 22.23
CA ALA A 248 11.50 -16.02 21.02
C ALA A 248 10.67 -15.01 20.30
N MET A 249 9.47 -15.41 19.94
CA MET A 249 8.55 -14.52 19.31
C MET A 249 8.52 -13.16 19.96
N GLY A 250 8.53 -13.15 21.29
CA GLY A 250 8.40 -11.92 22.07
C GLY A 250 9.56 -10.95 21.98
N ALA A 251 10.74 -11.52 21.72
CA ALA A 251 11.97 -10.76 21.63
C ALA A 251 11.90 -9.74 20.51
N PHE A 252 11.14 -10.07 19.48
CA PHE A 252 11.15 -9.36 18.21
C PHE A 252 10.60 -7.92 18.23
N ASP A 253 9.63 -7.68 19.08
CA ASP A 253 9.06 -6.35 19.28
C ASP A 253 10.14 -5.35 19.63
N LYS A 254 11.00 -5.70 20.58
CA LYS A 254 12.05 -4.78 21.05
C LYS A 254 13.29 -4.69 20.14
N THR A 255 13.51 -5.66 19.25
CA THR A 255 14.69 -5.64 18.37
C THR A 255 14.45 -5.24 16.92
N ARG A 256 13.29 -5.57 16.35
CA ARG A 256 13.11 -5.39 14.94
C ARG A 256 13.28 -3.93 14.60
N PRO A 257 12.85 -3.01 15.47
CA PRO A 257 13.03 -1.60 15.19
C PRO A 257 14.51 -1.20 15.11
N VAL A 258 15.36 -1.90 15.86
CA VAL A 258 16.81 -1.65 15.84
C VAL A 258 17.49 -2.14 14.52
N VAL A 259 17.08 -3.28 13.96
CA VAL A 259 17.52 -3.59 12.62
C VAL A 259 17.02 -2.54 11.64
N ALA A 260 15.80 -2.06 11.79
CA ALA A 260 15.35 -1.00 10.89
C ALA A 260 16.24 0.22 10.91
N ALA A 261 16.74 0.54 12.11
CA ALA A 261 17.55 1.75 12.31
C ALA A 261 18.95 1.61 11.72
N GLY A 262 19.43 0.36 11.73
CA GLY A 262 20.62 0.00 10.97
C GLY A 262 20.40 0.30 9.49
N ALA A 263 19.25 -0.15 8.96
CA ALA A 263 19.00 0.03 7.57
C ALA A 263 19.03 1.53 7.30
N VAL A 264 18.40 2.32 8.16
CA VAL A 264 18.40 3.80 8.02
C VAL A 264 19.80 4.38 8.17
N GLY A 265 20.65 3.79 9.02
CA GLY A 265 22.03 4.28 9.13
C GLY A 265 22.77 4.12 7.81
N LEU A 266 22.79 2.90 7.30
CA LEU A 266 23.49 2.65 6.09
C LEU A 266 22.95 3.59 5.00
N ALA A 267 21.62 3.64 4.84
CA ALA A 267 20.94 4.54 3.90
C ALA A 267 21.46 5.96 3.94
N GLN A 268 21.47 6.52 5.14
CA GLN A 268 21.90 7.86 5.38
C GLN A 268 23.32 8.08 4.85
N ARG A 269 24.21 7.15 5.20
CA ARG A 269 25.54 7.16 4.68
C ARG A 269 25.53 7.25 3.16
N ALA A 270 24.81 6.33 2.52
CA ALA A 270 24.76 6.32 1.07
C ALA A 270 24.33 7.71 0.54
N LEU A 271 23.28 8.30 1.10
CA LEU A 271 22.84 9.63 0.66
C LEU A 271 23.98 10.69 0.86
N ASP A 272 24.66 10.62 2.01
CA ASP A 272 25.78 11.47 2.32
C ASP A 272 26.90 11.33 1.30
N GLU A 273 27.38 10.13 1.12
CA GLU A 273 28.36 9.88 0.09
C GLU A 273 27.97 10.45 -1.27
N ALA A 274 26.81 10.05 -1.75
CA ALA A 274 26.32 10.44 -3.04
C ALA A 274 26.12 11.95 -3.14
N THR A 275 25.53 12.58 -2.12
CA THR A 275 25.35 14.03 -2.14
C THR A 275 26.67 14.79 -2.18
N LYS A 276 27.59 14.54 -1.21
CA LYS A 276 29.02 15.01 -1.23
C LYS A 276 29.63 14.95 -2.64
N TYR A 277 29.64 13.78 -3.23
CA TYR A 277 30.14 13.61 -4.60
C TYR A 277 29.47 14.47 -5.72
N ALA A 278 28.14 14.58 -5.72
CA ALA A 278 27.44 15.28 -6.81
C ALA A 278 27.57 16.77 -6.65
N LEU A 279 28.04 17.21 -5.47
CA LEU A 279 28.46 18.60 -5.26
C LEU A 279 29.93 18.92 -5.69
N GLU A 280 30.63 17.95 -6.23
CA GLU A 280 31.98 18.22 -6.65
C GLU A 280 32.38 17.62 -8.04
N ARG A 281 31.79 16.51 -8.48
CA ARG A 281 32.02 16.00 -9.84
C ARG A 281 31.35 16.88 -10.85
N LYS A 282 31.93 17.09 -12.03
CA LYS A 282 31.28 17.84 -13.15
C LYS A 282 31.16 16.98 -14.42
N THR A 283 30.07 17.11 -15.14
CA THR A 283 29.92 16.47 -16.45
C THR A 283 29.25 17.50 -17.32
N PHE A 284 29.50 17.46 -18.63
CA PHE A 284 28.93 18.46 -19.54
C PHE A 284 28.87 19.88 -18.93
N GLY A 285 29.95 20.35 -18.30
CA GLY A 285 30.02 21.72 -17.81
C GLY A 285 29.19 22.02 -16.56
N LYS A 286 28.69 20.99 -15.87
CA LYS A 286 27.84 21.26 -14.72
C LYS A 286 28.17 20.26 -13.61
N LEU A 287 28.00 20.68 -12.34
CA LEU A 287 28.00 19.75 -11.18
C LEU A 287 26.82 18.77 -11.23
N LEU A 288 27.04 17.52 -10.81
CA LEU A 288 26.08 16.43 -11.05
C LEU A 288 24.70 16.88 -10.59
N VAL A 289 24.74 17.68 -9.54
CA VAL A 289 23.61 18.14 -8.80
C VAL A 289 22.72 19.02 -9.65
N GLU A 290 23.21 19.48 -10.81
CA GLU A 290 22.52 20.49 -11.61
C GLU A 290 21.87 19.83 -12.75
N HIS A 291 22.06 18.54 -12.87
CA HIS A 291 21.29 17.71 -13.78
C HIS A 291 20.00 17.29 -12.99
N GLN A 292 18.85 17.51 -13.60
CA GLN A 292 17.59 17.36 -12.88
C GLN A 292 17.37 15.88 -12.54
N ALA A 293 17.81 14.98 -13.43
CA ALA A 293 17.74 13.57 -13.09
C ALA A 293 18.55 13.31 -11.84
N ILE A 294 19.72 13.92 -11.68
CA ILE A 294 20.46 13.63 -10.44
C ILE A 294 19.71 14.18 -9.21
N SER A 295 19.31 15.45 -9.28
CA SER A 295 18.53 16.05 -8.22
C SER A 295 17.29 15.29 -7.77
N PHE A 296 16.50 14.85 -8.77
CA PHE A 296 15.37 14.01 -8.52
C PHE A 296 15.74 12.75 -7.79
N MET A 297 16.84 12.10 -8.17
CA MET A 297 17.32 10.95 -7.36
C MET A 297 17.56 11.38 -5.94
N LEU A 298 18.42 12.37 -5.78
CA LEU A 298 18.74 12.86 -4.45
C LEU A 298 17.49 13.19 -3.62
N ALA A 299 16.51 13.79 -4.28
CA ALA A 299 15.27 14.12 -3.61
C ALA A 299 14.68 12.82 -3.12
N GLU A 300 14.48 11.91 -4.04
CA GLU A 300 13.79 10.70 -3.72
C GLU A 300 14.48 9.94 -2.62
N MET A 301 15.80 9.91 -2.64
CA MET A 301 16.59 9.39 -1.55
C MET A 301 16.33 10.08 -0.17
N ALA A 302 16.35 11.41 -0.11
CA ALA A 302 16.09 12.16 1.13
C ALA A 302 14.72 11.77 1.63
N MET A 303 13.78 11.76 0.70
CA MET A 303 12.43 11.28 0.94
C MET A 303 12.35 9.91 1.71
N LYS A 304 13.14 8.94 1.27
CA LYS A 304 12.98 7.59 1.78
C LYS A 304 13.62 7.45 3.16
N VAL A 305 14.75 8.13 3.36
CA VAL A 305 15.46 8.08 4.63
C VAL A 305 14.56 8.70 5.67
N GLU A 306 13.98 9.87 5.37
CA GLU A 306 13.12 10.50 6.36
C GLU A 306 11.95 9.59 6.70
N LEU A 307 11.32 8.99 5.67
CA LEU A 307 10.19 8.13 5.93
C LEU A 307 10.65 6.92 6.69
N ALA A 308 11.81 6.39 6.30
CA ALA A 308 12.28 5.19 6.92
C ALA A 308 12.60 5.44 8.38
N ARG A 309 13.12 6.61 8.72
CA ARG A 309 13.52 6.86 10.07
C ARG A 309 12.32 7.09 10.97
N MET A 310 11.26 7.65 10.40
CA MET A 310 10.10 7.88 11.19
C MET A 310 9.40 6.56 11.41
N SER A 311 9.53 5.61 10.50
CA SER A 311 8.89 4.34 10.73
C SER A 311 9.51 3.63 11.93
N TYR A 312 10.84 3.51 12.01
CA TYR A 312 11.47 2.87 13.22
C TYR A 312 11.20 3.71 14.48
N GLN A 313 11.30 5.03 14.38
CA GLN A 313 11.09 5.84 15.54
C GLN A 313 9.75 5.50 16.19
N ARG A 314 8.67 5.59 15.39
CA ARG A 314 7.32 5.18 15.76
C ARG A 314 7.25 3.80 16.39
N ALA A 315 7.83 2.80 15.74
CA ALA A 315 7.81 1.46 16.29
C ALA A 315 8.43 1.42 17.68
N ALA A 316 9.42 2.25 17.87
CA ALA A 316 10.29 2.08 19.00
C ALA A 316 9.56 2.69 20.18
N TRP A 317 8.90 3.81 19.92
CA TRP A 317 8.09 4.49 20.91
C TRP A 317 6.89 3.63 21.25
N GLU A 318 6.19 3.10 20.28
CA GLU A 318 5.11 2.13 20.56
C GLU A 318 5.55 1.11 21.67
N VAL A 319 6.53 0.25 21.42
CA VAL A 319 6.92 -0.67 22.49
C VAL A 319 7.36 -0.02 23.82
N ASP A 320 8.31 0.93 23.76
CA ASP A 320 8.63 1.79 24.92
C ASP A 320 7.42 2.41 25.66
N SER A 321 6.28 2.61 25.01
CA SER A 321 5.15 3.06 25.79
C SER A 321 4.19 1.92 26.17
N GLY A 322 4.74 0.72 26.33
CA GLY A 322 4.02 -0.36 26.92
C GLY A 322 3.14 -1.23 26.03
N ARG A 323 2.83 -0.79 24.81
CA ARG A 323 2.02 -1.66 23.95
C ARG A 323 2.78 -2.46 22.90
N ARG A 324 2.10 -3.43 22.29
CA ARG A 324 2.74 -4.27 21.27
C ARG A 324 2.86 -3.42 20.01
N ASN A 325 3.93 -3.66 19.25
CA ASN A 325 4.28 -2.80 18.14
C ASN A 325 4.51 -3.65 16.87
N THR A 326 4.11 -4.92 16.97
CA THR A 326 4.25 -5.92 15.91
C THR A 326 3.95 -5.41 14.54
N TYR A 327 2.84 -4.68 14.40
CA TYR A 327 2.43 -4.13 13.14
C TYR A 327 3.38 -3.05 12.69
N TYR A 328 3.66 -2.06 13.54
CA TYR A 328 4.57 -0.97 13.19
C TYR A 328 6.02 -1.44 13.00
N ALA A 329 6.46 -2.38 13.84
CA ALA A 329 7.84 -2.88 13.76
C ALA A 329 8.01 -3.52 12.41
N SER A 330 7.02 -4.29 11.99
CA SER A 330 7.12 -4.96 10.72
C SER A 330 7.10 -4.04 9.50
N ILE A 331 6.26 -3.02 9.53
CA ILE A 331 6.30 -1.93 8.60
C ILE A 331 7.72 -1.38 8.57
N ALA A 332 8.27 -1.02 9.75
CA ALA A 332 9.58 -0.31 9.77
C ALA A 332 10.63 -1.17 9.10
N LYS A 333 10.69 -2.44 9.50
CA LYS A 333 11.66 -3.35 8.91
C LYS A 333 11.57 -3.43 7.39
N ALA A 334 10.40 -3.83 6.90
CA ALA A 334 10.14 -3.94 5.51
C ALA A 334 10.56 -2.65 4.76
N PHE A 335 10.03 -1.50 5.17
CA PHE A 335 10.30 -0.29 4.44
C PHE A 335 11.76 0.16 4.49
N ALA A 336 12.34 0.19 5.70
CA ALA A 336 13.78 0.50 5.83
C ALA A 336 14.72 -0.49 5.06
N GLY A 337 14.46 -1.79 5.18
CA GLY A 337 15.24 -2.78 4.47
C GLY A 337 15.32 -2.54 2.97
N ASP A 338 14.19 -2.16 2.36
CA ASP A 338 14.13 -2.09 0.92
C ASP A 338 14.81 -0.80 0.49
N ILE A 339 14.43 0.30 1.17
CA ILE A 339 15.03 1.57 0.81
C ILE A 339 16.52 1.62 1.15
N ALA A 340 16.98 0.76 2.06
CA ALA A 340 18.39 0.63 2.28
C ALA A 340 18.98 0.22 0.95
N ASN A 341 18.52 -0.91 0.40
CA ASN A 341 19.00 -1.41 -0.88
C ASN A 341 18.81 -0.47 -2.03
N GLN A 342 17.75 0.34 -2.02
CA GLN A 342 17.58 1.21 -3.15
C GLN A 342 18.54 2.34 -3.04
N LEU A 343 18.77 2.86 -1.84
CA LEU A 343 19.69 3.97 -1.72
C LEU A 343 21.10 3.62 -2.10
N ALA A 344 21.55 2.45 -1.72
CA ALA A 344 22.92 2.01 -1.95
C ALA A 344 23.27 1.86 -3.45
N THR A 345 22.46 1.06 -4.17
CA THR A 345 22.54 1.01 -5.62
C THR A 345 22.47 2.40 -6.33
N ASP A 346 21.65 3.31 -5.78
CA ASP A 346 21.58 4.70 -6.28
C ASP A 346 22.81 5.52 -5.97
N ALA A 347 23.39 5.27 -4.80
CA ALA A 347 24.65 5.95 -4.46
C ALA A 347 25.74 5.45 -5.42
N VAL A 348 25.78 4.13 -5.65
CA VAL A 348 26.81 3.63 -6.54
C VAL A 348 26.53 4.30 -7.87
N GLN A 349 25.27 4.29 -8.25
CA GLN A 349 24.92 4.88 -9.51
C GLN A 349 25.40 6.34 -9.62
N ILE A 350 25.19 7.19 -8.61
CA ILE A 350 25.66 8.60 -8.68
C ILE A 350 27.20 8.73 -8.85
N LEU A 351 27.93 7.78 -8.30
CA LEU A 351 29.37 7.85 -8.31
C LEU A 351 30.03 7.24 -9.57
N GLY A 352 29.24 6.64 -10.44
CA GLY A 352 29.74 6.29 -11.76
C GLY A 352 30.64 5.10 -11.64
N GLY A 353 31.76 5.11 -12.34
CA GLY A 353 32.68 3.97 -12.30
C GLY A 353 33.31 3.96 -10.94
N ASN A 354 33.63 5.16 -10.46
CA ASN A 354 34.16 5.26 -9.10
C ASN A 354 33.31 4.49 -8.12
N GLY A 355 32.02 4.51 -8.38
CA GLY A 355 31.08 3.90 -7.49
C GLY A 355 31.24 2.39 -7.43
N PHE A 356 31.72 1.82 -8.54
CA PHE A 356 31.78 0.37 -8.71
C PHE A 356 33.12 -0.13 -8.12
N ASN A 357 33.89 0.86 -7.69
CA ASN A 357 35.22 0.61 -7.25
C ASN A 357 35.46 0.52 -5.73
N THR A 358 36.20 -0.49 -5.29
CA THR A 358 36.39 -0.70 -3.85
C THR A 358 37.16 0.42 -3.15
N GLU A 359 37.80 1.32 -3.88
CA GLU A 359 38.49 2.40 -3.17
C GLU A 359 37.58 3.58 -2.78
N TYR A 360 36.29 3.46 -3.13
CA TYR A 360 35.24 4.38 -2.68
C TYR A 360 34.28 3.69 -1.69
N PRO A 361 33.60 4.48 -0.86
CA PRO A 361 32.86 3.95 0.23
C PRO A 361 31.51 3.31 -0.17
N VAL A 362 31.07 3.45 -1.44
CA VAL A 362 29.68 3.05 -1.76
C VAL A 362 29.44 1.64 -2.25
N GLU A 363 30.34 1.07 -3.01
CA GLU A 363 30.13 -0.33 -3.33
C GLU A 363 29.99 -1.22 -2.05
N LYS A 364 30.67 -0.84 -0.97
CA LYS A 364 30.53 -1.62 0.25
C LYS A 364 29.10 -1.59 0.72
N LEU A 365 28.45 -0.42 0.60
CA LEU A 365 27.05 -0.24 1.01
C LEU A 365 26.12 -1.19 0.25
N MET A 366 26.33 -1.36 -1.06
CA MET A 366 25.47 -2.28 -1.78
C MET A 366 25.58 -3.69 -1.22
N ARG A 367 26.79 -4.14 -0.91
CA ARG A 367 26.93 -5.48 -0.39
C ARG A 367 26.40 -5.61 1.03
N ASP A 368 26.53 -4.56 1.84
CA ASP A 368 25.99 -4.64 3.19
C ASP A 368 24.48 -4.65 3.16
N ALA A 369 23.82 -3.91 2.26
CA ALA A 369 22.41 -3.60 2.52
C ALA A 369 21.49 -4.78 2.29
N LYS A 370 21.86 -5.65 1.33
CA LYS A 370 21.07 -6.87 1.05
C LYS A 370 20.62 -7.67 2.31
N ILE A 371 21.52 -7.91 3.27
CA ILE A 371 21.17 -8.48 4.59
C ILE A 371 19.88 -7.88 5.21
N TYR A 372 19.63 -6.59 4.98
CA TYR A 372 18.52 -5.92 5.62
C TYR A 372 17.20 -6.38 5.02
N GLN A 373 17.25 -7.19 3.96
CA GLN A 373 16.05 -7.74 3.44
C GLN A 373 16.03 -9.23 3.67
N ILE A 374 16.96 -9.71 4.48
CA ILE A 374 16.95 -11.12 4.80
C ILE A 374 16.89 -11.43 6.29
N TYR A 375 17.88 -11.05 7.08
CA TYR A 375 17.82 -11.49 8.49
C TYR A 375 16.79 -10.77 9.30
N GLU A 376 16.47 -11.40 10.43
CA GLU A 376 15.47 -10.91 11.32
C GLU A 376 14.09 -10.79 10.63
N GLY A 377 13.81 -11.71 9.72
CA GLY A 377 12.59 -11.68 8.95
C GLY A 377 12.71 -10.92 7.63
N THR A 378 12.66 -11.68 6.53
CA THR A 378 12.82 -11.19 5.15
C THR A 378 11.67 -10.27 4.82
N SER A 379 11.88 -9.41 3.81
CA SER A 379 10.82 -8.63 3.22
C SER A 379 9.46 -9.37 3.13
N GLN A 380 9.44 -10.53 2.52
CA GLN A 380 8.23 -11.33 2.46
C GLN A 380 7.62 -11.67 3.84
N ILE A 381 8.42 -12.12 4.81
CA ILE A 381 7.85 -12.49 6.12
C ILE A 381 7.26 -11.25 6.77
N GLN A 382 7.97 -10.15 6.65
CA GLN A 382 7.48 -8.83 7.06
C GLN A 382 6.11 -8.45 6.51
N ARG A 383 5.85 -8.73 5.23
CA ARG A 383 4.54 -8.44 4.64
C ARG A 383 3.46 -9.37 5.18
N LEU A 384 3.82 -10.65 5.30
CA LEU A 384 2.92 -11.57 6.00
C LEU A 384 2.44 -11.00 7.32
N ILE A 385 3.38 -10.69 8.23
CA ILE A 385 3.06 -10.03 9.47
C ILE A 385 2.19 -8.77 9.35
N VAL A 386 2.55 -7.82 8.48
CA VAL A 386 1.72 -6.62 8.31
C VAL A 386 0.31 -7.03 7.87
N ALA A 387 0.22 -7.86 6.82
CA ALA A 387 -1.10 -8.25 6.33
C ALA A 387 -1.94 -8.85 7.45
N ARG A 388 -1.35 -9.72 8.26
CA ARG A 388 -2.08 -10.40 9.31
C ARG A 388 -2.50 -9.38 10.40
N GLU A 389 -1.57 -8.60 10.92
CA GLU A 389 -1.93 -7.48 11.77
C GLU A 389 -3.04 -6.63 11.18
N HIS A 390 -2.85 -6.12 9.97
CA HIS A 390 -3.82 -5.23 9.28
C HIS A 390 -5.22 -5.82 9.09
N ILE A 391 -5.27 -7.04 8.57
CA ILE A 391 -6.54 -7.66 8.22
C ILE A 391 -7.32 -7.85 9.51
N ASP A 392 -6.59 -8.02 10.58
CA ASP A 392 -7.24 -8.46 11.77
C ASP A 392 -8.07 -7.39 12.47
N LYS A 393 -7.79 -6.12 12.19
CA LYS A 393 -8.68 -5.03 12.58
C LYS A 393 -9.99 -5.01 11.77
N TYR A 394 -10.40 -6.09 11.09
CA TYR A 394 -11.63 -6.11 10.21
C TYR A 394 -12.60 -7.36 10.32
N LYS A 395 -12.04 -8.58 10.46
CA LYS A 395 -12.80 -9.82 10.92
C LYS A 395 -11.98 -11.12 10.77
N LEU B 10 7.93 -10.60 -46.64
CA LEU B 10 8.74 -10.99 -45.43
C LEU B 10 7.79 -11.28 -44.21
N GLY B 11 7.66 -10.36 -43.27
CA GLY B 11 6.85 -10.65 -42.11
C GLY B 11 7.70 -11.06 -40.92
N PHE B 12 7.15 -10.99 -39.73
CA PHE B 12 7.93 -11.21 -38.53
C PHE B 12 8.32 -12.67 -38.42
N SER B 13 9.48 -12.90 -37.81
CA SER B 13 10.02 -14.24 -37.51
C SER B 13 10.86 -14.10 -36.24
N PHE B 14 10.56 -14.93 -35.25
CA PHE B 14 11.37 -15.01 -34.07
C PHE B 14 11.98 -16.42 -34.02
N GLU B 15 12.68 -16.76 -35.10
CA GLU B 15 13.20 -18.08 -35.31
C GLU B 15 14.63 -17.87 -35.78
N PHE B 16 15.56 -18.67 -35.27
CA PHE B 16 16.99 -18.55 -35.67
C PHE B 16 17.28 -19.32 -36.96
N THR B 17 18.29 -18.89 -37.73
CA THR B 17 18.90 -19.77 -38.80
C THR B 17 19.50 -21.07 -38.20
N GLU B 18 19.55 -22.12 -39.01
CA GLU B 18 20.23 -23.35 -38.55
C GLU B 18 21.72 -23.11 -38.14
N GLN B 19 22.35 -22.17 -38.85
CA GLN B 19 23.70 -21.73 -38.51
C GLN B 19 23.74 -21.06 -37.18
N GLN B 20 22.78 -20.16 -36.96
CA GLN B 20 22.65 -19.49 -35.65
C GLN B 20 22.39 -20.51 -34.55
N LYS B 21 21.47 -21.43 -34.78
CA LYS B 21 21.11 -22.42 -33.79
C LYS B 21 22.32 -23.26 -33.41
N GLU B 22 23.32 -23.25 -34.26
CA GLU B 22 24.46 -24.03 -33.93
C GLU B 22 25.56 -23.24 -33.23
N PHE B 23 25.73 -21.97 -33.59
CA PHE B 23 26.65 -21.08 -32.87
C PHE B 23 26.20 -21.07 -31.45
N GLN B 24 24.91 -20.84 -31.28
CA GLN B 24 24.36 -20.83 -29.97
C GLN B 24 24.69 -22.10 -29.21
N ALA B 25 24.52 -23.28 -29.82
CA ALA B 25 24.81 -24.57 -29.13
C ALA B 25 26.28 -24.72 -28.76
N THR B 26 27.18 -24.22 -29.61
CA THR B 26 28.58 -24.23 -29.28
C THR B 26 28.78 -23.50 -27.95
N ALA B 27 28.42 -22.21 -27.96
CA ALA B 27 28.67 -21.31 -26.83
C ALA B 27 27.93 -21.75 -25.55
N ARG B 28 26.75 -22.34 -25.69
CA ARG B 28 26.09 -22.92 -24.54
C ARG B 28 26.93 -24.01 -23.92
N LYS B 29 27.20 -25.07 -24.70
CA LYS B 29 28.13 -26.16 -24.32
C LYS B 29 29.39 -25.60 -23.64
N PHE B 30 30.06 -24.65 -24.32
CA PHE B 30 31.25 -24.01 -23.78
C PHE B 30 31.00 -23.38 -22.41
N ALA B 31 30.07 -22.42 -22.35
CA ALA B 31 29.81 -21.65 -21.15
C ALA B 31 29.34 -22.56 -20.04
N ARG B 32 28.54 -23.56 -20.37
CA ARG B 32 28.03 -24.48 -19.34
C ARG B 32 29.05 -25.52 -18.80
N GLU B 33 29.90 -26.09 -19.65
CA GLU B 33 30.90 -27.06 -19.16
C GLU B 33 32.27 -26.49 -18.81
N GLU B 34 32.72 -25.48 -19.53
CA GLU B 34 34.01 -24.88 -19.26
C GLU B 34 33.95 -23.64 -18.37
N ILE B 35 33.13 -22.61 -18.68
CA ILE B 35 33.09 -21.41 -17.80
C ILE B 35 32.50 -21.63 -16.38
N ILE B 36 31.21 -21.97 -16.31
CA ILE B 36 30.51 -22.13 -15.03
C ILE B 36 31.35 -22.84 -13.95
N PRO B 37 31.90 -24.03 -14.23
CA PRO B 37 32.65 -24.76 -13.18
C PRO B 37 34.00 -24.12 -12.67
N VAL B 38 34.53 -23.09 -13.33
CA VAL B 38 35.68 -22.31 -12.78
C VAL B 38 35.42 -20.82 -12.37
N ALA B 39 34.29 -20.26 -12.82
CA ALA B 39 34.05 -18.81 -12.66
C ALA B 39 34.23 -18.33 -11.26
N ALA B 40 33.67 -19.07 -10.28
CA ALA B 40 33.66 -18.65 -8.85
C ALA B 40 35.06 -18.53 -8.34
N GLU B 41 35.80 -19.61 -8.47
CA GLU B 41 37.25 -19.60 -8.41
C GLU B 41 37.91 -18.34 -9.08
N TYR B 42 37.66 -18.06 -10.36
CA TYR B 42 38.25 -16.82 -10.96
C TYR B 42 37.85 -15.54 -10.30
N ASP B 43 36.56 -15.38 -10.02
CA ASP B 43 35.98 -14.26 -9.21
C ASP B 43 36.60 -14.11 -7.81
N LYS B 44 36.71 -15.21 -7.05
CA LYS B 44 37.40 -15.13 -5.77
C LYS B 44 38.81 -14.52 -5.97
N THR B 45 39.69 -15.13 -6.77
CA THR B 45 41.09 -14.66 -6.94
C THR B 45 41.29 -13.35 -7.75
N GLY B 46 40.50 -13.11 -8.78
CA GLY B 46 40.73 -11.95 -9.65
C GLY B 46 41.71 -12.20 -10.80
N GLU B 47 42.36 -13.35 -10.81
CA GLU B 47 43.15 -13.72 -11.96
C GLU B 47 42.32 -13.62 -13.27
N TYR B 48 42.93 -13.01 -14.29
CA TYR B 48 42.45 -12.93 -15.66
C TYR B 48 42.48 -14.31 -16.25
N PRO B 49 41.40 -14.74 -16.90
CA PRO B 49 41.19 -16.16 -17.22
C PRO B 49 41.65 -16.59 -18.61
N VAL B 50 42.97 -16.72 -18.75
CA VAL B 50 43.55 -16.85 -20.08
C VAL B 50 43.18 -18.17 -20.76
N PRO B 51 43.21 -19.30 -20.07
CA PRO B 51 42.66 -20.56 -20.58
C PRO B 51 41.30 -20.40 -21.29
N LEU B 52 40.48 -19.57 -20.67
CA LEU B 52 39.12 -19.33 -21.12
C LEU B 52 39.14 -18.46 -22.36
N ILE B 53 39.78 -17.27 -22.30
CA ILE B 53 39.81 -16.38 -23.46
C ILE B 53 40.26 -17.25 -24.61
N ARG B 54 41.46 -17.81 -24.45
CA ARG B 54 42.07 -18.74 -25.40
C ARG B 54 41.11 -19.86 -25.90
N ARG B 55 40.34 -20.52 -25.01
CA ARG B 55 39.39 -21.55 -25.49
C ARG B 55 38.24 -21.02 -26.35
N ALA B 56 37.79 -19.80 -25.98
CA ALA B 56 36.82 -19.03 -26.75
C ALA B 56 37.27 -18.72 -28.18
N TRP B 57 38.46 -18.14 -28.32
CA TRP B 57 39.13 -18.00 -29.61
C TRP B 57 39.19 -19.33 -30.44
N GLU B 58 39.72 -20.41 -29.86
CA GLU B 58 39.71 -21.70 -30.55
C GLU B 58 38.31 -22.00 -31.08
N LEU B 59 37.26 -21.63 -30.37
CA LEU B 59 35.95 -22.06 -30.80
C LEU B 59 35.27 -21.10 -31.78
N GLY B 60 35.90 -19.95 -32.03
CA GLY B 60 35.37 -18.97 -32.97
C GLY B 60 34.30 -18.09 -32.35
N LEU B 61 34.26 -18.07 -31.02
CA LEU B 61 33.30 -17.30 -30.26
C LEU B 61 33.82 -15.92 -29.88
N MET B 62 34.95 -15.50 -30.45
CA MET B 62 35.56 -14.24 -30.12
C MET B 62 35.90 -13.52 -31.45
N ASN B 63 36.21 -12.22 -31.41
CA ASN B 63 36.57 -11.47 -32.62
C ASN B 63 35.62 -11.85 -33.79
N THR B 64 34.33 -11.73 -33.56
CA THR B 64 33.39 -12.28 -34.51
C THR B 64 33.08 -11.30 -35.61
N HIS B 65 33.35 -10.01 -35.37
CA HIS B 65 32.93 -8.94 -36.26
C HIS B 65 33.93 -8.68 -37.33
N ILE B 66 35.13 -9.20 -37.13
CA ILE B 66 36.18 -9.08 -38.13
C ILE B 66 35.76 -9.80 -39.43
N PRO B 67 35.71 -9.04 -40.53
CA PRO B 67 35.38 -9.59 -41.85
C PRO B 67 36.23 -10.75 -42.31
N GLU B 68 35.68 -11.49 -43.29
CA GLU B 68 36.38 -12.60 -44.00
C GLU B 68 37.73 -12.22 -44.63
N ASN B 69 37.79 -11.03 -45.24
CA ASN B 69 39.00 -10.55 -45.95
C ASN B 69 40.21 -10.32 -45.00
N CYS B 70 40.04 -10.67 -43.73
CA CYS B 70 41.16 -10.66 -42.78
C CYS B 70 41.27 -11.99 -42.04
N GLY B 71 40.55 -13.01 -42.51
CA GLY B 71 40.49 -14.33 -41.85
C GLY B 71 39.52 -14.40 -40.67
N GLY B 72 38.66 -13.38 -40.54
CA GLY B 72 37.71 -13.31 -39.45
C GLY B 72 36.44 -14.04 -39.83
N LEU B 73 35.52 -14.20 -38.88
CA LEU B 73 34.26 -14.88 -39.23
C LEU B 73 33.29 -14.05 -40.03
N GLY B 74 33.52 -12.73 -40.09
CA GLY B 74 32.61 -11.76 -40.73
C GLY B 74 31.14 -12.00 -40.41
N LEU B 75 30.82 -12.01 -39.12
CA LEU B 75 29.49 -12.30 -38.60
C LEU B 75 28.77 -11.01 -38.25
N GLY B 76 27.43 -11.06 -38.08
CA GLY B 76 26.59 -9.84 -37.80
C GLY B 76 26.49 -9.53 -36.28
N THR B 77 25.96 -8.35 -35.92
CA THR B 77 25.70 -8.05 -34.53
C THR B 77 24.70 -9.03 -33.89
N PHE B 78 23.67 -9.48 -34.63
CA PHE B 78 22.74 -10.49 -34.09
C PHE B 78 23.50 -11.73 -33.63
N ASP B 79 24.44 -12.18 -34.46
CA ASP B 79 25.27 -13.34 -34.13
C ASP B 79 26.10 -13.11 -32.84
N ALA B 80 26.76 -11.94 -32.73
CA ALA B 80 27.58 -11.62 -31.54
C ALA B 80 26.74 -11.57 -30.28
N CYS B 81 25.58 -10.93 -30.38
CA CYS B 81 24.59 -10.92 -29.32
C CYS B 81 24.22 -12.29 -28.77
N LEU B 82 23.70 -13.10 -29.66
CA LEU B 82 23.33 -14.49 -29.37
C LEU B 82 24.46 -15.36 -28.82
N ILE B 83 25.70 -15.09 -29.23
CA ILE B 83 26.84 -15.76 -28.64
C ILE B 83 27.02 -15.18 -27.22
N SER B 84 27.17 -13.87 -27.18
CA SER B 84 27.38 -13.20 -25.93
C SER B 84 26.36 -13.56 -24.78
N GLU B 85 25.07 -13.73 -25.07
CA GLU B 85 24.15 -14.14 -24.00
C GLU B 85 24.60 -15.45 -23.32
N GLU B 86 24.92 -16.48 -24.13
CA GLU B 86 25.45 -17.79 -23.67
C GLU B 86 26.73 -17.66 -22.83
N LEU B 87 27.65 -16.83 -23.26
CA LEU B 87 28.83 -16.67 -22.47
C LEU B 87 28.50 -15.95 -21.20
N ALA B 88 27.67 -14.91 -21.24
CA ALA B 88 27.41 -14.12 -20.02
C ALA B 88 26.68 -15.00 -18.99
N TYR B 89 25.86 -15.92 -19.47
CA TYR B 89 25.19 -16.85 -18.58
C TYR B 89 26.22 -17.56 -17.71
N GLY B 90 27.40 -17.81 -18.28
CA GLY B 90 28.44 -18.54 -17.63
C GLY B 90 29.08 -17.57 -16.68
N CYS B 91 29.74 -16.56 -17.22
CA CYS B 91 30.30 -15.49 -16.42
C CYS B 91 30.40 -14.20 -17.25
N THR B 92 29.94 -13.08 -16.70
CA THR B 92 30.15 -11.76 -17.36
C THR B 92 31.53 -11.12 -17.10
N GLY B 93 32.27 -11.68 -16.15
CA GLY B 93 33.65 -11.29 -15.96
C GLY B 93 34.41 -11.75 -17.20
N VAL B 94 34.27 -13.03 -17.52
CA VAL B 94 34.97 -13.53 -18.69
C VAL B 94 34.36 -13.00 -20.00
N GLN B 95 33.04 -12.85 -20.07
CA GLN B 95 32.56 -12.41 -21.36
C GLN B 95 32.86 -10.93 -21.61
N THR B 96 33.04 -10.15 -20.54
CA THR B 96 33.40 -8.77 -20.70
C THR B 96 34.83 -8.60 -21.16
N ALA B 97 35.68 -9.55 -20.75
CA ALA B 97 37.06 -9.65 -21.31
C ALA B 97 37.06 -10.06 -22.78
N ILE B 98 36.19 -11.02 -23.12
CA ILE B 98 35.96 -11.40 -24.52
C ILE B 98 35.41 -10.23 -25.30
N GLU B 99 34.27 -9.70 -24.90
CA GLU B 99 33.63 -8.58 -25.64
C GLU B 99 34.61 -7.41 -25.75
N GLY B 100 35.40 -7.18 -24.70
CA GLY B 100 36.41 -6.13 -24.71
C GLY B 100 37.01 -6.00 -26.10
N ASN B 101 37.45 -7.14 -26.63
CA ASN B 101 38.09 -7.23 -27.94
C ASN B 101 37.25 -6.64 -29.03
N SER B 102 35.96 -7.00 -29.11
CA SER B 102 35.05 -6.33 -30.06
C SER B 102 34.89 -4.79 -29.91
N LEU B 103 34.80 -4.28 -28.69
CA LEU B 103 34.74 -2.81 -28.49
C LEU B 103 35.93 -2.06 -29.07
N GLY B 104 37.12 -2.69 -29.01
CA GLY B 104 38.36 -2.08 -29.51
C GLY B 104 38.51 -2.20 -31.03
N GLN B 105 38.13 -3.38 -31.52
CA GLN B 105 38.13 -3.69 -32.95
C GLN B 105 37.15 -2.86 -33.77
N MET B 106 35.99 -2.54 -33.18
CA MET B 106 34.90 -1.91 -33.91
C MET B 106 35.26 -0.57 -34.58
N PRO B 107 35.90 0.36 -33.88
CA PRO B 107 36.27 1.58 -34.56
C PRO B 107 37.22 1.31 -35.77
N ILE B 108 38.05 0.27 -35.73
CA ILE B 108 38.83 -0.15 -36.92
C ILE B 108 37.93 -0.81 -37.95
N ILE B 109 36.98 -1.63 -37.50
CA ILE B 109 36.09 -2.24 -38.45
C ILE B 109 35.24 -1.21 -39.23
N ILE B 110 34.73 -0.15 -38.58
CA ILE B 110 33.88 0.77 -39.33
C ILE B 110 34.60 1.88 -40.10
N ALA B 111 35.78 2.28 -39.66
CA ALA B 111 36.29 3.53 -40.17
C ALA B 111 37.72 3.57 -40.73
N GLY B 112 38.48 2.49 -40.58
CA GLY B 112 39.84 2.43 -41.10
C GLY B 112 39.90 1.79 -42.47
N ASN B 113 41.10 1.81 -43.05
CA ASN B 113 41.32 1.43 -44.46
C ASN B 113 42.00 0.09 -44.65
N ASP B 114 41.87 -0.51 -45.84
CA ASP B 114 42.34 -1.89 -46.07
C ASP B 114 43.71 -2.18 -45.34
N GLN B 115 44.63 -1.21 -45.37
CA GLN B 115 45.93 -1.35 -44.70
C GLN B 115 45.80 -1.59 -43.19
N GLN B 116 45.09 -0.65 -42.55
CA GLN B 116 44.83 -0.64 -41.10
C GLN B 116 44.14 -1.93 -40.62
N LYS B 117 43.13 -2.37 -41.36
CA LYS B 117 42.42 -3.60 -41.02
C LYS B 117 43.33 -4.83 -41.13
N LYS B 118 43.98 -5.02 -42.28
CA LYS B 118 44.86 -6.17 -42.47
C LYS B 118 45.99 -6.23 -41.41
N LYS B 119 46.67 -5.12 -41.13
CA LYS B 119 47.63 -5.17 -40.02
C LYS B 119 47.00 -5.50 -38.62
N TYR B 120 46.05 -4.67 -38.16
CA TYR B 120 45.58 -4.75 -36.77
C TYR B 120 44.44 -5.72 -36.48
N LEU B 121 43.63 -6.03 -37.49
CA LEU B 121 42.65 -7.12 -37.34
C LEU B 121 43.20 -8.48 -37.69
N GLY B 122 44.02 -8.54 -38.73
CA GLY B 122 44.60 -9.80 -39.16
C GLY B 122 45.19 -10.55 -37.98
N ARG B 123 46.05 -9.84 -37.23
CA ARG B 123 46.81 -10.45 -36.16
C ARG B 123 45.93 -11.21 -35.17
N MET B 124 44.82 -10.58 -34.76
CA MET B 124 43.79 -11.15 -33.85
C MET B 124 43.22 -12.47 -34.38
N THR B 125 43.28 -12.58 -35.69
CA THR B 125 42.79 -13.73 -36.40
C THR B 125 43.73 -14.92 -36.36
N GLU B 126 44.97 -14.71 -35.91
CA GLU B 126 46.04 -15.72 -35.94
C GLU B 126 46.52 -16.19 -34.55
N GLU B 127 46.47 -15.30 -33.57
CA GLU B 127 46.82 -15.55 -32.17
C GLU B 127 45.65 -15.00 -31.38
N PRO B 128 45.32 -15.57 -30.23
CA PRO B 128 44.33 -14.94 -29.36
C PRO B 128 44.93 -13.72 -28.66
N LEU B 129 44.95 -12.60 -29.35
CA LEU B 129 45.38 -11.41 -28.70
C LEU B 129 44.17 -10.64 -28.17
N MET B 130 44.43 -9.70 -27.28
CA MET B 130 43.38 -8.85 -26.78
C MET B 130 43.70 -7.45 -27.23
N CYS B 131 42.68 -6.65 -27.43
CA CYS B 131 42.86 -5.22 -27.65
C CYS B 131 41.83 -4.48 -26.79
N ALA B 132 41.88 -3.15 -26.76
CA ALA B 132 40.97 -2.44 -25.90
C ALA B 132 40.53 -1.15 -26.51
N TYR B 133 39.38 -0.66 -26.01
CA TYR B 133 38.84 0.65 -26.35
C TYR B 133 39.34 1.67 -25.29
N CYS B 134 39.84 2.84 -25.65
CA CYS B 134 40.42 3.77 -24.66
C CYS B 134 39.89 5.16 -24.78
N VAL B 135 38.86 5.50 -24.02
CA VAL B 135 38.27 6.82 -24.21
C VAL B 135 38.07 7.55 -22.90
N THR B 136 37.43 6.88 -21.96
CA THR B 136 37.18 7.40 -20.65
C THR B 136 38.48 7.87 -20.00
N GLU B 137 38.34 8.88 -19.15
CA GLU B 137 39.47 9.40 -18.37
C GLU B 137 38.94 9.73 -16.99
N PRO B 138 39.83 9.82 -16.00
CA PRO B 138 39.43 10.19 -14.63
C PRO B 138 38.41 11.31 -14.56
N GLY B 139 38.54 12.32 -15.43
CA GLY B 139 37.63 13.49 -15.44
C GLY B 139 36.40 13.42 -16.31
N ALA B 140 36.34 12.46 -17.24
CA ALA B 140 35.17 12.24 -18.13
C ALA B 140 34.96 10.75 -18.58
N GLY B 141 33.70 10.34 -18.67
CA GLY B 141 33.34 8.99 -19.13
C GLY B 141 32.08 9.17 -19.93
N SER B 142 31.01 9.59 -19.24
CA SER B 142 29.74 9.92 -19.91
C SER B 142 29.90 11.07 -20.88
N ASP B 143 30.63 12.11 -20.52
CA ASP B 143 30.74 13.26 -21.39
C ASP B 143 32.00 13.07 -22.22
N VAL B 144 31.86 12.49 -23.40
CA VAL B 144 33.01 12.15 -24.20
C VAL B 144 33.60 13.44 -24.74
N ALA B 145 32.77 14.44 -25.02
CA ALA B 145 33.26 15.73 -25.51
C ALA B 145 34.18 16.42 -24.48
N GLY B 146 34.14 16.01 -23.22
CA GLY B 146 35.05 16.59 -22.24
C GLY B 146 36.37 15.85 -21.98
N ILE B 147 36.79 14.96 -22.87
CA ILE B 147 38.08 14.30 -22.63
C ILE B 147 39.24 15.29 -22.89
N LYS B 148 40.29 15.15 -22.09
CA LYS B 148 41.41 16.08 -22.15
C LYS B 148 42.75 15.51 -22.67
N THR B 149 42.79 14.21 -22.98
CA THR B 149 44.00 13.62 -23.57
C THR B 149 44.34 14.38 -24.88
N LYS B 150 45.57 14.92 -24.90
CA LYS B 150 46.15 15.75 -25.98
C LYS B 150 46.74 14.92 -27.10
N ALA B 151 46.51 15.38 -28.33
CA ALA B 151 47.10 14.75 -29.51
C ALA B 151 47.53 15.80 -30.53
N GLU B 152 48.82 16.14 -30.58
CA GLU B 152 49.27 17.09 -31.62
C GLU B 152 50.24 16.50 -32.67
N LYS B 153 50.07 16.95 -33.92
CA LYS B 153 50.96 16.59 -35.05
C LYS B 153 52.30 17.26 -34.82
N LYS B 154 53.34 16.43 -34.80
CA LYS B 154 54.73 16.87 -34.81
C LYS B 154 55.42 15.91 -35.77
N GLY B 155 55.22 16.20 -37.07
CA GLY B 155 55.87 15.48 -38.16
C GLY B 155 54.87 14.64 -38.92
N ASP B 156 55.35 13.51 -39.45
CA ASP B 156 54.48 12.45 -39.98
C ASP B 156 54.04 11.54 -38.85
N GLU B 157 53.62 12.21 -37.77
CA GLU B 157 53.15 11.59 -36.57
C GLU B 157 52.64 12.56 -35.51
N TYR B 158 51.81 11.99 -34.63
CA TYR B 158 51.14 12.66 -33.54
C TYR B 158 51.69 12.23 -32.16
N ILE B 159 51.89 13.21 -31.26
CA ILE B 159 52.28 12.97 -29.84
C ILE B 159 51.09 13.02 -28.87
N ILE B 160 51.05 12.05 -27.97
CA ILE B 160 49.93 11.82 -27.04
C ILE B 160 50.33 12.03 -25.58
N ASN B 161 49.63 12.95 -24.93
CA ASN B 161 49.70 13.14 -23.48
C ASN B 161 48.34 13.18 -22.79
N GLY B 162 48.24 12.36 -21.74
CA GLY B 162 47.10 12.35 -20.85
C GLY B 162 46.91 11.02 -20.18
N GLN B 163 45.71 10.82 -19.65
CA GLN B 163 45.49 9.64 -18.86
C GLN B 163 44.16 8.96 -19.12
N LYS B 164 44.17 7.65 -19.37
CA LYS B 164 42.93 6.92 -19.45
C LYS B 164 42.60 6.20 -18.11
N MET B 165 41.30 6.04 -17.81
CA MET B 165 40.82 5.30 -16.63
C MET B 165 39.78 4.27 -17.00
N TRP B 166 39.77 3.16 -16.26
CA TRP B 166 38.77 2.06 -16.41
C TRP B 166 38.79 1.34 -17.76
N ILE B 167 39.98 1.08 -18.30
CA ILE B 167 40.04 0.46 -19.62
C ILE B 167 39.95 -1.05 -19.53
N THR B 168 38.86 -1.62 -20.02
CA THR B 168 38.75 -3.08 -20.08
C THR B 168 39.88 -3.67 -20.93
N ASN B 169 40.48 -4.79 -20.48
CA ASN B 169 41.66 -5.37 -21.16
C ASN B 169 42.90 -4.44 -21.13
N GLY B 170 42.76 -3.27 -20.48
CA GLY B 170 43.72 -2.19 -20.58
C GLY B 170 45.16 -2.56 -20.31
N GLY B 171 45.37 -3.66 -19.58
CA GLY B 171 46.70 -4.11 -19.21
C GLY B 171 47.04 -5.41 -19.89
N LYS B 172 46.20 -5.86 -20.83
CA LYS B 172 46.38 -7.15 -21.51
C LYS B 172 46.34 -6.96 -23.01
N ALA B 173 46.43 -5.71 -23.43
CA ALA B 173 46.13 -5.40 -24.80
C ALA B 173 47.38 -5.21 -25.66
N ASN B 174 47.40 -5.90 -26.82
CA ASN B 174 48.36 -5.68 -27.90
C ASN B 174 48.29 -4.26 -28.41
N TRP B 175 47.09 -3.84 -28.78
CA TRP B 175 46.85 -2.44 -29.12
C TRP B 175 45.58 -1.80 -28.50
N TYR B 176 45.51 -0.47 -28.62
CA TYR B 176 44.43 0.33 -28.09
C TYR B 176 43.79 1.11 -29.21
N PHE B 177 42.47 1.26 -29.15
CA PHE B 177 41.84 2.28 -29.98
C PHE B 177 41.79 3.48 -29.05
N LEU B 178 42.46 4.55 -29.44
CA LEU B 178 42.54 5.70 -28.56
C LEU B 178 41.89 6.94 -29.12
N LEU B 179 41.32 7.76 -28.25
CA LEU B 179 40.72 8.98 -28.72
C LEU B 179 41.27 10.18 -27.97
N ALA B 180 41.89 11.12 -28.67
CA ALA B 180 42.49 12.30 -28.03
C ALA B 180 41.94 13.59 -28.61
N ARG B 181 41.84 14.61 -27.76
CA ARG B 181 41.54 15.95 -28.27
C ARG B 181 42.75 16.50 -29.00
N SER B 182 42.55 16.79 -30.29
CA SER B 182 43.59 17.25 -31.22
C SER B 182 43.56 18.77 -31.50
N ASP B 183 42.49 19.42 -31.12
CA ASP B 183 42.30 20.80 -31.46
C ASP B 183 42.39 21.60 -30.15
N PRO B 184 43.54 22.24 -29.86
CA PRO B 184 43.65 23.13 -28.66
C PRO B 184 42.47 24.09 -28.43
N ASP B 185 41.89 24.69 -29.47
CA ASP B 185 40.82 25.71 -29.26
C ASP B 185 39.64 25.22 -28.40
N PRO B 186 39.54 25.71 -27.15
CA PRO B 186 38.40 25.39 -26.28
C PRO B 186 37.04 25.42 -27.00
N LYS B 187 36.77 26.48 -27.75
CA LYS B 187 35.49 26.68 -28.46
C LYS B 187 35.26 25.75 -29.67
N ALA B 188 36.13 24.75 -29.89
CA ALA B 188 36.01 23.85 -31.06
C ALA B 188 35.00 22.71 -30.82
N PRO B 189 34.03 22.53 -31.72
CA PRO B 189 32.99 21.49 -31.56
C PRO B 189 33.54 20.04 -31.50
N ALA B 190 32.79 19.12 -30.91
CA ALA B 190 33.15 17.69 -30.95
C ALA B 190 33.25 17.15 -32.37
N ASN B 191 32.33 17.59 -33.24
CA ASN B 191 32.32 17.19 -34.65
C ASN B 191 33.72 17.33 -35.30
N LYS B 192 34.49 18.32 -34.84
CA LYS B 192 35.81 18.60 -35.41
C LYS B 192 37.04 18.34 -34.50
N ALA B 193 36.84 18.29 -33.18
CA ALA B 193 37.93 18.49 -32.21
C ALA B 193 38.74 17.29 -31.79
N PHE B 194 38.41 16.11 -32.28
CA PHE B 194 39.04 14.89 -31.76
C PHE B 194 39.56 13.98 -32.86
N THR B 195 40.66 13.30 -32.56
CA THR B 195 41.15 12.27 -33.47
C THR B 195 41.27 10.90 -32.83
N GLY B 196 40.90 9.87 -33.59
CA GLY B 196 41.00 8.47 -33.18
C GLY B 196 42.21 7.76 -33.75
N PHE B 197 42.90 7.00 -32.90
CA PHE B 197 44.17 6.39 -33.24
C PHE B 197 44.17 4.92 -32.99
N ILE B 198 44.89 4.14 -33.80
CA ILE B 198 45.27 2.84 -33.33
C ILE B 198 46.58 3.10 -32.66
N VAL B 199 46.89 2.37 -31.59
CA VAL B 199 48.12 2.62 -30.80
C VAL B 199 48.65 1.32 -30.18
N GLU B 200 49.83 0.88 -30.62
CA GLU B 200 50.40 -0.37 -30.15
C GLU B 200 50.80 -0.24 -28.68
N ALA B 201 50.52 -1.28 -27.90
CA ALA B 201 50.61 -1.18 -26.43
C ALA B 201 52.03 -0.92 -25.90
N ASP B 202 53.00 -1.47 -26.64
CA ASP B 202 54.42 -1.49 -26.30
C ASP B 202 55.14 -0.15 -26.52
N THR B 203 54.58 0.73 -27.35
CA THR B 203 55.17 2.06 -27.56
C THR B 203 55.87 2.53 -26.27
N PRO B 204 57.10 3.05 -26.36
CA PRO B 204 57.62 3.97 -25.37
C PRO B 204 56.54 4.93 -24.79
N GLY B 205 56.63 5.24 -23.50
CA GLY B 205 55.78 6.30 -22.88
C GLY B 205 54.40 5.87 -22.33
N ILE B 206 53.95 4.69 -22.76
CA ILE B 206 52.77 4.03 -22.26
C ILE B 206 53.13 3.33 -20.93
N GLN B 207 52.58 3.84 -19.83
CA GLN B 207 52.70 3.18 -18.53
C GLN B 207 51.31 2.73 -18.08
N ILE B 208 51.15 1.40 -18.00
CA ILE B 208 49.96 0.73 -17.47
C ILE B 208 49.97 0.75 -15.94
N GLY B 209 48.88 1.23 -15.34
CA GLY B 209 48.69 1.18 -13.90
C GLY B 209 48.26 -0.17 -13.31
N ARG B 210 47.94 -0.16 -12.01
CA ARG B 210 47.61 -1.36 -11.22
C ARG B 210 46.29 -1.95 -11.65
N LYS B 211 46.11 -3.25 -11.47
CA LYS B 211 44.78 -3.86 -11.70
C LYS B 211 43.79 -3.24 -10.72
N GLU B 212 42.74 -2.61 -11.24
CA GLU B 212 41.73 -1.93 -10.40
C GLU B 212 40.81 -2.96 -9.77
N LEU B 213 40.54 -2.77 -8.48
CA LEU B 213 39.76 -3.74 -7.74
C LEU B 213 38.36 -3.23 -7.62
N ASN B 214 37.45 -4.01 -8.21
CA ASN B 214 36.09 -3.59 -8.44
C ASN B 214 35.16 -4.50 -7.70
N MET B 215 33.92 -4.02 -7.45
CA MET B 215 32.89 -4.83 -6.77
C MET B 215 32.57 -6.19 -7.41
N GLY B 216 32.54 -6.18 -8.75
CA GLY B 216 32.13 -7.30 -9.58
C GLY B 216 32.89 -7.41 -10.90
N GLN B 217 32.48 -8.41 -11.68
CA GLN B 217 33.26 -8.86 -12.82
C GLN B 217 34.70 -8.77 -12.39
N ARG B 218 35.01 -9.47 -11.31
CA ARG B 218 36.28 -9.26 -10.64
C ARG B 218 37.46 -9.78 -11.42
N CYS B 219 37.25 -10.75 -12.34
CA CYS B 219 38.33 -11.31 -13.17
C CYS B 219 38.55 -10.58 -14.54
N SER B 220 37.61 -9.70 -14.92
CA SER B 220 37.83 -8.79 -16.07
C SER B 220 39.00 -7.88 -15.72
N ASP B 221 39.77 -7.51 -16.71
CA ASP B 221 40.93 -6.73 -16.40
C ASP B 221 40.63 -5.27 -16.65
N THR B 222 40.54 -4.52 -15.58
CA THR B 222 40.27 -3.10 -15.70
C THR B 222 41.46 -2.29 -15.20
N ARG B 223 42.02 -1.44 -16.06
CA ARG B 223 43.08 -0.53 -15.59
C ARG B 223 43.09 0.86 -16.14
N GLY B 224 43.86 1.69 -15.44
CA GLY B 224 44.17 3.04 -15.89
C GLY B 224 45.48 3.06 -16.68
N ILE B 225 45.56 3.98 -17.65
CA ILE B 225 46.71 4.06 -18.55
C ILE B 225 47.13 5.51 -18.62
N VAL B 226 48.44 5.75 -18.46
CA VAL B 226 49.04 7.06 -18.72
C VAL B 226 49.78 7.14 -20.05
N PHE B 227 49.48 8.20 -20.78
CA PHE B 227 50.18 8.56 -22.01
C PHE B 227 51.15 9.75 -21.79
N GLU B 228 52.44 9.44 -21.54
CA GLU B 228 53.54 10.43 -21.48
C GLU B 228 54.44 10.54 -22.74
N ASP B 229 54.22 11.62 -23.52
CA ASP B 229 54.88 11.91 -24.85
C ASP B 229 54.95 10.68 -25.77
N VAL B 230 53.78 10.22 -26.23
CA VAL B 230 53.63 8.95 -26.95
C VAL B 230 53.36 9.21 -28.42
N LYS B 231 54.14 8.52 -29.25
CA LYS B 231 54.20 8.87 -30.65
C LYS B 231 53.50 7.79 -31.46
N VAL B 232 52.45 8.18 -32.17
CA VAL B 232 51.93 7.26 -33.17
C VAL B 232 51.99 7.83 -34.59
N PRO B 233 52.39 6.94 -35.50
CA PRO B 233 52.47 7.20 -36.95
C PRO B 233 51.17 7.72 -37.48
N LYS B 234 51.18 8.68 -38.41
CA LYS B 234 49.91 9.20 -38.96
C LYS B 234 49.18 8.05 -39.66
N GLU B 235 49.93 7.00 -40.05
CA GLU B 235 49.34 5.80 -40.70
C GLU B 235 48.29 5.19 -39.78
N ASN B 236 48.37 5.54 -38.51
CA ASN B 236 47.50 4.97 -37.53
C ASN B 236 46.32 5.86 -37.15
N VAL B 237 46.03 6.86 -37.98
CA VAL B 237 44.91 7.77 -37.74
C VAL B 237 43.68 7.17 -38.38
N LEU B 238 42.50 7.47 -37.82
CA LEU B 238 41.29 6.77 -38.28
C LEU B 238 40.69 7.13 -39.63
N ILE B 239 39.86 8.14 -39.74
CA ILE B 239 39.49 8.51 -41.12
C ILE B 239 40.32 9.70 -41.53
N GLY B 240 40.71 10.49 -40.54
CA GLY B 240 41.42 11.71 -40.74
C GLY B 240 41.41 12.48 -39.43
N ASP B 241 42.25 13.51 -39.38
CA ASP B 241 42.36 14.37 -38.21
C ASP B 241 40.98 15.01 -37.90
N GLY B 242 40.60 15.05 -36.63
CA GLY B 242 39.40 15.74 -36.20
C GLY B 242 38.09 15.01 -36.46
N ALA B 243 38.13 13.83 -37.06
CA ALA B 243 36.86 13.12 -37.28
C ALA B 243 36.66 11.99 -36.23
N GLY B 244 37.23 12.19 -35.05
CA GLY B 244 37.29 11.15 -34.04
C GLY B 244 35.97 10.81 -33.40
N PHE B 245 35.23 11.84 -33.01
CA PHE B 245 33.96 11.70 -32.33
C PHE B 245 32.96 10.81 -33.07
N LYS B 246 32.78 11.09 -34.39
CA LYS B 246 31.99 10.22 -35.30
C LYS B 246 32.46 8.78 -35.29
N VAL B 247 33.78 8.55 -35.21
CA VAL B 247 34.27 7.17 -35.25
C VAL B 247 33.82 6.48 -33.98
N ALA B 248 34.21 7.02 -32.82
CA ALA B 248 33.79 6.47 -31.54
C ALA B 248 32.26 6.37 -31.44
N MET B 249 31.53 7.48 -31.64
CA MET B 249 30.08 7.43 -31.57
C MET B 249 29.53 6.33 -32.45
N GLY B 250 30.20 6.10 -33.58
CA GLY B 250 29.74 5.19 -34.64
C GLY B 250 29.69 3.75 -34.21
N ALA B 251 30.73 3.35 -33.49
CA ALA B 251 30.86 2.04 -32.88
C ALA B 251 29.67 1.64 -31.99
N PHE B 252 29.12 2.59 -31.25
CA PHE B 252 28.11 2.24 -30.28
C PHE B 252 26.92 1.44 -30.83
N ASP B 253 26.65 1.55 -32.14
CA ASP B 253 25.57 0.80 -32.82
C ASP B 253 25.78 -0.70 -32.73
N LYS B 254 27.00 -1.19 -32.93
CA LYS B 254 27.16 -2.65 -33.13
C LYS B 254 27.72 -3.27 -31.88
N THR B 255 28.04 -2.42 -30.90
CA THR B 255 28.48 -2.91 -29.59
C THR B 255 27.37 -2.88 -28.54
N ARG B 256 26.54 -1.84 -28.57
CA ARG B 256 25.56 -1.65 -27.49
C ARG B 256 24.62 -2.82 -27.34
N PRO B 257 24.19 -3.47 -28.43
CA PRO B 257 23.30 -4.61 -28.30
C PRO B 257 23.98 -5.80 -27.67
N VAL B 258 25.30 -5.90 -27.84
CA VAL B 258 26.01 -7.09 -27.35
C VAL B 258 26.19 -6.94 -25.85
N VAL B 259 26.31 -5.70 -25.37
CA VAL B 259 26.33 -5.41 -23.90
C VAL B 259 24.98 -5.75 -23.24
N ALA B 260 23.89 -5.38 -23.91
CA ALA B 260 22.59 -5.71 -23.41
C ALA B 260 22.34 -7.25 -23.42
N ALA B 261 22.86 -7.97 -24.41
CA ALA B 261 22.71 -9.44 -24.36
C ALA B 261 23.47 -9.99 -23.15
N GLY B 262 24.63 -9.41 -22.87
CA GLY B 262 25.39 -9.79 -21.70
C GLY B 262 24.52 -9.77 -20.46
N ALA B 263 23.85 -8.64 -20.21
CA ALA B 263 22.97 -8.52 -19.07
C ALA B 263 21.85 -9.59 -19.10
N VAL B 264 21.22 -9.73 -20.26
CA VAL B 264 20.23 -10.81 -20.41
C VAL B 264 20.79 -12.20 -20.06
N GLY B 265 22.07 -12.43 -20.33
CA GLY B 265 22.69 -13.70 -20.03
C GLY B 265 22.69 -13.79 -18.52
N LEU B 266 23.35 -12.82 -17.88
CA LEU B 266 23.31 -12.73 -16.40
C LEU B 266 21.92 -12.95 -15.82
N ALA B 267 20.96 -12.09 -16.21
CA ALA B 267 19.54 -12.20 -15.87
C ALA B 267 19.02 -13.62 -15.97
N GLN B 268 19.35 -14.31 -17.07
CA GLN B 268 18.87 -15.69 -17.24
C GLN B 268 19.44 -16.66 -16.19
N ARG B 269 20.71 -16.49 -15.90
CA ARG B 269 21.35 -17.28 -14.90
C ARG B 269 20.62 -17.09 -13.59
N ALA B 270 20.33 -15.84 -13.22
CA ALA B 270 19.69 -15.51 -11.94
C ALA B 270 18.39 -16.24 -11.83
N LEU B 271 17.60 -16.17 -12.92
CA LEU B 271 16.30 -16.81 -13.01
C LEU B 271 16.44 -18.33 -12.82
N ASP B 272 17.41 -18.92 -13.47
CA ASP B 272 17.50 -20.35 -13.36
C ASP B 272 17.92 -20.74 -11.95
N GLU B 273 18.81 -19.98 -11.33
CA GLU B 273 19.31 -20.41 -10.05
C GLU B 273 18.15 -20.30 -9.09
N ALA B 274 17.33 -19.28 -9.27
CA ALA B 274 16.29 -19.01 -8.35
C ALA B 274 15.15 -20.01 -8.53
N THR B 275 14.78 -20.24 -9.78
CA THR B 275 13.78 -21.24 -10.09
C THR B 275 14.20 -22.66 -9.60
N LYS B 276 15.42 -23.12 -9.91
CA LYS B 276 15.94 -24.46 -9.46
C LYS B 276 15.86 -24.57 -7.95
N TYR B 277 16.18 -23.49 -7.23
CA TYR B 277 16.14 -23.51 -5.77
C TYR B 277 14.69 -23.55 -5.22
N ALA B 278 13.89 -22.57 -5.63
CA ALA B 278 12.45 -22.52 -5.30
C ALA B 278 11.75 -23.84 -5.52
N LEU B 279 12.36 -24.73 -6.31
CA LEU B 279 11.79 -26.04 -6.58
C LEU B 279 12.26 -27.15 -5.66
N GLU B 280 13.29 -26.88 -4.85
CA GLU B 280 13.77 -27.83 -3.87
C GLU B 280 13.71 -27.37 -2.37
N ARG B 281 13.78 -26.07 -2.07
CA ARG B 281 13.60 -25.58 -0.70
C ARG B 281 12.12 -25.53 -0.30
N LYS B 282 11.80 -26.03 0.91
CA LYS B 282 10.45 -25.86 1.46
C LYS B 282 10.41 -25.03 2.74
N THR B 283 9.33 -24.28 2.94
CA THR B 283 9.07 -23.60 4.21
C THR B 283 7.60 -23.68 4.49
N PHE B 284 7.22 -23.70 5.76
CA PHE B 284 5.82 -23.80 6.16
C PHE B 284 5.10 -24.91 5.37
N GLY B 285 5.82 -26.02 5.11
CA GLY B 285 5.19 -27.19 4.54
C GLY B 285 5.01 -27.17 3.01
N LYS B 286 4.99 -26.01 2.36
CA LYS B 286 4.89 -26.00 0.90
C LYS B 286 6.29 -25.71 0.32
N LEU B 287 6.53 -26.16 -0.92
CA LEU B 287 7.70 -25.76 -1.69
C LEU B 287 7.70 -24.22 -1.87
N LEU B 288 8.88 -23.60 -2.00
CA LEU B 288 8.92 -22.13 -2.13
C LEU B 288 7.94 -21.70 -3.20
N VAL B 289 7.88 -22.54 -4.20
CA VAL B 289 7.21 -22.20 -5.45
C VAL B 289 5.69 -22.22 -5.33
N GLU B 290 5.16 -22.75 -4.20
CA GLU B 290 3.74 -22.80 -3.87
C GLU B 290 3.38 -21.64 -2.94
N HIS B 291 4.32 -20.72 -2.76
CA HIS B 291 3.99 -19.49 -2.10
C HIS B 291 3.81 -18.41 -3.14
N GLN B 292 2.56 -17.97 -3.26
CA GLN B 292 2.13 -17.18 -4.39
C GLN B 292 3.06 -15.97 -4.62
N ALA B 293 3.41 -15.29 -3.52
CA ALA B 293 4.36 -14.23 -3.59
C ALA B 293 5.64 -14.64 -4.31
N ILE B 294 6.14 -15.88 -4.07
CA ILE B 294 7.29 -16.40 -4.83
C ILE B 294 6.96 -16.69 -6.31
N SER B 295 5.88 -17.39 -6.61
CA SER B 295 5.42 -17.54 -7.99
C SER B 295 5.37 -16.26 -8.79
N PHE B 296 4.84 -15.24 -8.13
CA PHE B 296 4.71 -13.95 -8.73
C PHE B 296 6.05 -13.33 -8.95
N MET B 297 7.00 -13.50 -8.05
CA MET B 297 8.32 -12.96 -8.33
C MET B 297 8.96 -13.60 -9.55
N LEU B 298 8.94 -14.94 -9.58
CA LEU B 298 9.51 -15.70 -10.67
C LEU B 298 8.75 -15.39 -11.95
N ALA B 299 7.44 -15.22 -11.86
CA ALA B 299 6.70 -14.74 -13.00
C ALA B 299 7.15 -13.36 -13.52
N GLU B 300 7.35 -12.35 -12.66
CA GLU B 300 7.72 -11.02 -13.19
C GLU B 300 9.11 -11.14 -13.72
N MET B 301 9.95 -11.90 -13.03
CA MET B 301 11.33 -12.15 -13.52
C MET B 301 11.37 -12.73 -14.94
N ALA B 302 10.57 -13.76 -15.20
CA ALA B 302 10.59 -14.37 -16.52
C ALA B 302 10.18 -13.32 -17.57
N MET B 303 9.16 -12.54 -17.24
CA MET B 303 8.70 -11.52 -18.13
C MET B 303 9.84 -10.61 -18.55
N LYS B 304 10.60 -10.15 -17.54
CA LYS B 304 11.65 -9.16 -17.75
C LYS B 304 12.69 -9.77 -18.66
N VAL B 305 13.09 -11.02 -18.38
CA VAL B 305 14.05 -11.64 -19.24
C VAL B 305 13.48 -11.72 -20.64
N GLU B 306 12.29 -12.29 -20.80
CA GLU B 306 11.75 -12.41 -22.16
C GLU B 306 11.75 -11.11 -22.97
N LEU B 307 11.34 -10.00 -22.35
CA LEU B 307 11.24 -8.73 -23.02
C LEU B 307 12.58 -8.17 -23.29
N ALA B 308 13.53 -8.39 -22.40
CA ALA B 308 14.88 -7.82 -22.57
C ALA B 308 15.63 -8.51 -23.71
N ARG B 309 15.49 -9.84 -23.77
CA ARG B 309 15.89 -10.55 -24.95
C ARG B 309 15.37 -9.95 -26.26
N MET B 310 14.08 -9.62 -26.37
CA MET B 310 13.63 -9.12 -27.66
C MET B 310 14.24 -7.79 -27.87
N SER B 311 14.28 -6.99 -26.82
CA SER B 311 14.92 -5.72 -26.85
C SER B 311 16.26 -5.71 -27.59
N TYR B 312 17.10 -6.72 -27.33
CA TYR B 312 18.47 -6.69 -27.91
C TYR B 312 18.49 -7.28 -29.34
N GLN B 313 17.77 -8.40 -29.48
CA GLN B 313 17.44 -8.97 -30.76
C GLN B 313 16.96 -7.93 -31.74
N ARG B 314 16.06 -7.05 -31.30
CA ARG B 314 15.56 -6.01 -32.20
C ARG B 314 16.67 -5.04 -32.55
N ALA B 315 17.40 -4.51 -31.57
CA ALA B 315 18.42 -3.57 -31.96
C ALA B 315 19.48 -4.27 -32.85
N ALA B 316 19.68 -5.58 -32.64
CA ALA B 316 20.70 -6.29 -33.42
C ALA B 316 20.26 -6.39 -34.87
N TRP B 317 19.01 -6.73 -35.09
CA TRP B 317 18.50 -6.81 -36.43
C TRP B 317 18.42 -5.48 -37.21
N GLU B 318 18.03 -4.39 -36.56
CA GLU B 318 17.97 -3.09 -37.25
C GLU B 318 19.28 -2.81 -37.93
N VAL B 319 20.37 -2.98 -37.20
CA VAL B 319 21.68 -2.68 -37.76
C VAL B 319 22.12 -3.74 -38.77
N ASP B 320 21.92 -5.01 -38.47
CA ASP B 320 22.37 -6.10 -39.36
C ASP B 320 21.78 -5.87 -40.72
N SER B 321 20.66 -5.16 -40.75
CA SER B 321 19.95 -4.82 -41.96
C SER B 321 20.27 -3.38 -42.42
N GLY B 322 21.32 -2.79 -41.89
CA GLY B 322 21.83 -1.57 -42.46
C GLY B 322 21.07 -0.34 -42.10
N ARG B 323 20.06 -0.44 -41.23
CA ARG B 323 19.49 0.77 -40.61
C ARG B 323 20.34 1.23 -39.44
N ARG B 324 20.20 2.51 -39.13
CA ARG B 324 20.74 3.07 -37.92
C ARG B 324 19.80 2.61 -36.79
N ASN B 325 20.34 2.68 -35.55
CA ASN B 325 20.08 1.75 -34.43
C ASN B 325 19.82 2.44 -33.12
N THR B 326 20.43 3.61 -33.00
CA THR B 326 20.61 4.32 -31.74
C THR B 326 19.45 4.13 -30.80
N TYR B 327 18.23 4.30 -31.32
CA TYR B 327 17.02 4.27 -30.50
C TYR B 327 16.74 2.90 -29.91
N TYR B 328 16.61 1.89 -30.77
CA TYR B 328 16.46 0.53 -30.29
C TYR B 328 17.57 0.03 -29.41
N ALA B 329 18.80 0.40 -29.71
CA ALA B 329 19.96 -0.07 -28.93
C ALA B 329 19.94 0.43 -27.49
N SER B 330 19.70 1.74 -27.32
CA SER B 330 19.52 2.37 -26.02
C SER B 330 18.33 1.87 -25.22
N ILE B 331 17.17 1.73 -25.86
CA ILE B 331 16.09 1.01 -25.23
C ILE B 331 16.64 -0.28 -24.67
N ALA B 332 17.43 -1.03 -25.43
CA ALA B 332 17.82 -2.39 -25.00
C ALA B 332 18.80 -2.25 -23.93
N LYS B 333 19.79 -1.37 -24.14
CA LYS B 333 20.82 -1.22 -23.14
C LYS B 333 20.23 -0.77 -21.74
N ALA B 334 19.36 0.25 -21.76
CA ALA B 334 18.72 0.79 -20.61
C ALA B 334 17.98 -0.36 -19.93
N PHE B 335 17.16 -1.04 -20.73
CA PHE B 335 16.21 -2.00 -20.19
C PHE B 335 16.87 -3.28 -19.68
N ALA B 336 17.77 -3.87 -20.48
CA ALA B 336 18.39 -5.12 -20.08
C ALA B 336 19.26 -4.89 -18.83
N GLY B 337 19.94 -3.74 -18.82
CA GLY B 337 20.68 -3.24 -17.68
C GLY B 337 19.82 -3.28 -16.43
N ASP B 338 18.68 -2.56 -16.44
CA ASP B 338 17.90 -2.50 -15.22
C ASP B 338 17.50 -3.89 -14.80
N ILE B 339 17.04 -4.70 -15.74
CA ILE B 339 16.49 -5.96 -15.31
C ILE B 339 17.50 -6.94 -14.72
N ALA B 340 18.73 -6.90 -15.21
CA ALA B 340 19.81 -7.74 -14.65
C ALA B 340 19.87 -7.45 -13.15
N ASN B 341 20.08 -6.20 -12.79
CA ASN B 341 20.05 -5.73 -11.42
C ASN B 341 18.83 -6.15 -10.62
N GLN B 342 17.65 -5.84 -11.12
CA GLN B 342 16.43 -6.35 -10.54
C GLN B 342 16.39 -7.87 -10.40
N LEU B 343 16.79 -8.57 -11.46
CA LEU B 343 16.78 -10.02 -11.36
C LEU B 343 17.80 -10.57 -10.38
N ALA B 344 18.96 -9.94 -10.27
CA ALA B 344 19.92 -10.40 -9.29
C ALA B 344 19.52 -10.21 -7.83
N THR B 345 18.95 -9.09 -7.38
CA THR B 345 18.53 -9.03 -5.93
C THR B 345 17.50 -10.14 -5.69
N ASP B 346 16.56 -10.28 -6.62
CA ASP B 346 15.47 -11.24 -6.43
C ASP B 346 15.98 -12.64 -6.39
N ALA B 347 17.08 -12.91 -7.08
CA ALA B 347 17.51 -14.27 -7.12
C ALA B 347 18.25 -14.46 -5.82
N VAL B 348 19.04 -13.48 -5.43
CA VAL B 348 19.62 -13.53 -4.09
C VAL B 348 18.47 -13.70 -3.12
N GLN B 349 17.52 -12.74 -3.08
CA GLN B 349 16.31 -12.85 -2.22
C GLN B 349 15.61 -14.23 -2.15
N ILE B 350 15.35 -14.91 -3.26
CA ILE B 350 14.68 -16.23 -3.24
C ILE B 350 15.52 -17.31 -2.52
N LEU B 351 16.83 -17.33 -2.69
CA LEU B 351 17.68 -18.19 -1.90
C LEU B 351 17.83 -17.81 -0.44
N GLY B 352 17.43 -16.60 -0.01
CA GLY B 352 17.37 -16.24 1.41
C GLY B 352 18.75 -16.11 1.98
N GLY B 353 18.90 -16.29 3.29
CA GLY B 353 20.26 -16.41 3.89
C GLY B 353 21.31 -17.13 3.04
N ASN B 354 20.97 -18.17 2.28
CA ASN B 354 21.99 -18.89 1.45
C ASN B 354 22.40 -17.98 0.30
N GLY B 355 21.41 -17.33 -0.28
CA GLY B 355 21.66 -16.43 -1.39
C GLY B 355 22.73 -15.43 -1.01
N PHE B 356 22.83 -15.12 0.29
CA PHE B 356 23.72 -14.05 0.73
C PHE B 356 25.16 -14.52 0.83
N ASN B 357 25.37 -15.81 0.68
CA ASN B 357 26.62 -16.43 1.01
C ASN B 357 27.49 -16.80 -0.18
N THR B 358 28.79 -16.77 0.05
CA THR B 358 29.75 -17.04 -1.01
C THR B 358 29.69 -18.42 -1.70
N GLU B 359 29.22 -19.44 -1.00
CA GLU B 359 29.15 -20.81 -1.58
C GLU B 359 27.99 -20.99 -2.56
N TYR B 360 27.14 -19.99 -2.74
CA TYR B 360 26.08 -20.08 -3.74
C TYR B 360 26.35 -19.07 -4.85
N PRO B 361 25.80 -19.30 -6.03
CA PRO B 361 26.20 -18.49 -7.19
C PRO B 361 25.49 -17.13 -7.44
N VAL B 362 24.45 -16.79 -6.68
CA VAL B 362 23.69 -15.49 -6.90
C VAL B 362 24.35 -14.16 -6.39
N GLU B 363 24.95 -14.25 -5.21
CA GLU B 363 25.79 -13.19 -4.62
C GLU B 363 26.67 -12.50 -5.70
N LYS B 364 27.44 -13.33 -6.40
CA LYS B 364 28.32 -12.86 -7.46
C LYS B 364 27.52 -12.06 -8.49
N LEU B 365 26.33 -12.56 -8.84
CA LEU B 365 25.51 -12.02 -9.95
C LEU B 365 25.04 -10.64 -9.60
N MET B 366 24.62 -10.49 -8.37
CA MET B 366 24.32 -9.16 -7.88
C MET B 366 25.53 -8.28 -8.09
N ARG B 367 26.68 -8.52 -7.45
CA ARG B 367 27.91 -7.73 -7.71
C ARG B 367 28.23 -7.52 -9.20
N ASP B 368 28.12 -8.57 -10.00
CA ASP B 368 28.41 -8.45 -11.42
C ASP B 368 27.38 -7.56 -12.09
N ALA B 369 26.10 -7.77 -11.79
CA ALA B 369 25.06 -7.07 -12.52
C ALA B 369 25.20 -5.57 -12.43
N LYS B 370 25.71 -4.99 -11.34
CA LYS B 370 25.77 -3.54 -11.34
C LYS B 370 26.49 -2.82 -12.53
N ILE B 371 27.53 -3.38 -13.16
CA ILE B 371 28.14 -2.54 -14.22
C ILE B 371 27.23 -2.25 -15.37
N TYR B 372 26.20 -3.06 -15.57
CA TYR B 372 25.35 -2.83 -16.70
C TYR B 372 24.59 -1.50 -16.65
N GLN B 373 24.41 -0.93 -15.47
CA GLN B 373 23.80 0.42 -15.38
C GLN B 373 24.81 1.54 -15.68
N ILE B 374 26.08 1.14 -15.77
CA ILE B 374 27.18 2.09 -15.70
C ILE B 374 28.06 2.07 -16.96
N TYR B 375 28.59 0.95 -17.39
CA TYR B 375 29.52 1.06 -18.50
C TYR B 375 28.87 0.96 -19.86
N GLU B 376 29.61 1.34 -20.91
CA GLU B 376 29.02 1.46 -22.26
C GLU B 376 27.79 2.36 -22.20
N GLY B 377 27.89 3.46 -21.47
CA GLY B 377 26.80 4.42 -21.37
C GLY B 377 25.80 4.17 -20.25
N THR B 378 25.85 5.07 -19.30
CA THR B 378 25.02 5.01 -18.10
C THR B 378 23.53 4.84 -18.36
N SER B 379 22.84 4.18 -17.43
CA SER B 379 21.37 4.26 -17.37
C SER B 379 20.80 5.66 -17.63
N GLN B 380 21.39 6.69 -17.06
CA GLN B 380 20.92 8.07 -17.26
C GLN B 380 21.12 8.50 -18.69
N ILE B 381 22.33 8.34 -19.23
CA ILE B 381 22.53 8.85 -20.58
C ILE B 381 21.85 8.00 -21.65
N GLN B 382 21.58 6.72 -21.35
CA GLN B 382 20.75 5.96 -22.27
C GLN B 382 19.36 6.61 -22.40
N ARG B 383 18.87 7.20 -21.31
CA ARG B 383 17.60 7.86 -21.34
C ARG B 383 17.64 9.17 -22.19
N LEU B 384 18.65 10.06 -21.95
CA LEU B 384 18.97 11.16 -22.89
C LEU B 384 18.98 10.73 -24.36
N ILE B 385 19.65 9.63 -24.67
CA ILE B 385 19.66 9.18 -26.07
C ILE B 385 18.27 8.74 -26.49
N VAL B 386 17.58 7.94 -25.67
CA VAL B 386 16.25 7.47 -26.11
C VAL B 386 15.35 8.67 -26.39
N ALA B 387 15.23 9.57 -25.41
CA ALA B 387 14.48 10.84 -25.48
C ALA B 387 14.72 11.67 -26.70
N ARG B 388 15.97 11.86 -27.08
CA ARG B 388 16.26 12.77 -28.17
C ARG B 388 15.86 12.08 -29.46
N GLU B 389 16.00 10.76 -29.53
CA GLU B 389 15.70 10.01 -30.78
C GLU B 389 14.20 9.96 -30.99
N HIS B 390 13.52 9.82 -29.88
CA HIS B 390 12.08 9.82 -29.87
C HIS B 390 11.55 11.22 -30.19
N ILE B 391 12.02 12.25 -29.50
CA ILE B 391 11.49 13.62 -29.72
C ILE B 391 11.67 14.10 -31.17
N ASP B 392 12.55 13.43 -31.90
CA ASP B 392 12.82 13.77 -33.29
C ASP B 392 11.76 13.32 -34.30
N LYS B 393 11.36 12.06 -34.21
CA LYS B 393 10.13 11.65 -34.83
C LYS B 393 9.00 12.75 -34.80
N TYR B 394 8.94 13.60 -33.79
CA TYR B 394 7.79 14.52 -33.76
C TYR B 394 8.04 15.99 -34.14
N LYS B 395 9.28 16.32 -34.53
CA LYS B 395 9.71 17.72 -34.74
C LYS B 395 9.82 17.96 -36.28
N ASN B 396 9.24 19.10 -36.72
CA ASN B 396 9.14 19.56 -38.15
C ASN B 396 10.46 19.56 -38.97
N GLY C 9 14.64 -21.97 -40.21
CA GLY C 9 13.91 -20.73 -40.59
C GLY C 9 14.82 -19.77 -41.36
N LEU C 10 14.34 -18.56 -41.67
CA LEU C 10 15.26 -17.44 -42.05
C LEU C 10 15.61 -16.62 -40.76
N GLY C 11 16.33 -15.51 -40.94
CA GLY C 11 16.67 -14.67 -39.78
C GLY C 11 15.46 -14.36 -38.90
N PHE C 12 15.73 -13.75 -37.76
CA PHE C 12 14.71 -12.96 -37.12
C PHE C 12 14.31 -11.86 -38.12
N SER C 13 13.04 -11.46 -38.09
CA SER C 13 12.58 -10.31 -38.87
C SER C 13 11.55 -9.48 -38.14
N PHE C 14 11.76 -8.17 -38.08
CA PHE C 14 10.75 -7.23 -37.54
C PHE C 14 10.08 -6.33 -38.62
N GLU C 15 9.81 -6.92 -39.77
CA GLU C 15 9.24 -6.24 -40.95
C GLU C 15 7.93 -6.91 -41.35
N PHE C 16 6.88 -6.07 -41.46
CA PHE C 16 5.57 -6.48 -41.95
C PHE C 16 5.61 -6.84 -43.42
N THR C 17 4.89 -7.93 -43.75
CA THR C 17 4.39 -8.29 -45.09
C THR C 17 3.72 -7.10 -45.72
N GLU C 18 3.90 -6.89 -47.03
CA GLU C 18 3.32 -5.73 -47.69
C GLU C 18 1.84 -5.67 -47.47
N GLN C 19 1.15 -6.78 -47.72
CA GLN C 19 -0.25 -7.05 -47.26
C GLN C 19 -0.62 -6.50 -45.85
N GLN C 20 0.26 -6.69 -44.87
CA GLN C 20 0.05 -6.18 -43.54
C GLN C 20 0.27 -4.67 -43.44
N LYS C 21 1.15 -4.13 -44.28
CA LYS C 21 1.34 -2.67 -44.30
C LYS C 21 0.06 -2.12 -44.89
N GLU C 22 -0.48 -2.89 -45.84
CA GLU C 22 -1.70 -2.56 -46.53
C GLU C 22 -2.83 -2.49 -45.50
N PHE C 23 -3.04 -3.54 -44.71
CA PHE C 23 -4.06 -3.53 -43.64
C PHE C 23 -3.82 -2.42 -42.63
N GLN C 24 -2.56 -2.15 -42.33
CA GLN C 24 -2.26 -1.13 -41.36
C GLN C 24 -2.69 0.29 -41.76
N ALA C 25 -2.48 0.68 -43.03
CA ALA C 25 -2.85 2.03 -43.51
C ALA C 25 -4.36 2.27 -43.48
N THR C 26 -5.11 1.22 -43.86
CA THR C 26 -6.54 1.23 -43.72
C THR C 26 -7.02 1.48 -42.26
N ALA C 27 -6.74 0.53 -41.37
CA ALA C 27 -7.13 0.67 -39.95
C ALA C 27 -6.67 2.02 -39.39
N ARG C 28 -5.47 2.46 -39.80
CA ARG C 28 -4.91 3.71 -39.30
C ARG C 28 -5.61 4.89 -39.89
N LYS C 29 -6.02 4.75 -41.14
CA LYS C 29 -6.79 5.79 -41.79
C LYS C 29 -8.16 6.00 -41.12
N PHE C 30 -8.96 4.95 -41.02
CA PHE C 30 -10.19 4.97 -40.25
C PHE C 30 -10.01 5.50 -38.84
N ALA C 31 -9.09 4.90 -38.11
CA ALA C 31 -8.86 5.33 -36.76
C ALA C 31 -8.51 6.79 -36.74
N ARG C 32 -7.77 7.27 -37.73
CA ARG C 32 -7.32 8.63 -37.56
C ARG C 32 -8.27 9.70 -38.05
N GLU C 33 -9.06 9.36 -39.08
CA GLU C 33 -9.99 10.28 -39.75
C GLU C 33 -11.44 10.15 -39.30
N GLU C 34 -11.84 8.96 -38.86
CA GLU C 34 -13.21 8.75 -38.48
C GLU C 34 -13.42 8.59 -37.00
N ILE C 35 -12.52 7.92 -36.30
CA ILE C 35 -12.74 7.59 -34.87
C ILE C 35 -12.40 8.83 -34.04
N ILE C 36 -11.16 9.30 -34.22
CA ILE C 36 -10.65 10.36 -33.42
C ILE C 36 -11.59 11.55 -33.32
N PRO C 37 -12.09 12.14 -34.42
CA PRO C 37 -13.01 13.30 -34.31
C PRO C 37 -14.22 13.05 -33.46
N VAL C 38 -14.71 11.82 -33.41
CA VAL C 38 -15.94 11.57 -32.63
C VAL C 38 -15.80 10.90 -31.22
N ALA C 39 -14.59 10.53 -30.84
CA ALA C 39 -14.49 9.58 -29.73
C ALA C 39 -14.80 10.25 -28.38
N ALA C 40 -14.40 11.52 -28.26
CA ALA C 40 -14.73 12.29 -27.09
C ALA C 40 -16.23 12.42 -26.93
N GLU C 41 -17.01 12.66 -27.99
CA GLU C 41 -18.48 12.65 -27.85
C GLU C 41 -19.03 11.34 -27.26
N TYR C 42 -18.71 10.21 -27.89
CA TYR C 42 -19.22 8.88 -27.45
C TYR C 42 -18.88 8.51 -25.98
N ASP C 43 -17.67 8.88 -25.54
CA ASP C 43 -17.25 8.77 -24.15
C ASP C 43 -18.10 9.68 -23.21
N LYS C 44 -18.52 10.86 -23.70
CA LYS C 44 -19.37 11.78 -22.91
C LYS C 44 -20.80 11.24 -22.70
N THR C 45 -21.31 10.48 -23.66
CA THR C 45 -22.72 10.11 -23.64
C THR C 45 -22.93 8.61 -23.44
N GLY C 46 -21.96 7.79 -23.87
CA GLY C 46 -22.03 6.32 -23.81
C GLY C 46 -22.81 5.74 -24.99
N GLU C 47 -23.10 6.58 -25.96
CA GLU C 47 -23.90 6.14 -27.04
C GLU C 47 -23.10 5.04 -27.72
N TYR C 48 -23.76 3.94 -28.01
CA TYR C 48 -23.09 2.85 -28.66
C TYR C 48 -22.77 3.30 -30.07
N PRO C 49 -21.52 3.17 -30.49
CA PRO C 49 -21.03 3.89 -31.67
C PRO C 49 -21.36 3.21 -33.01
N VAL C 50 -22.65 3.15 -33.32
CA VAL C 50 -23.10 2.36 -34.47
C VAL C 50 -22.46 2.77 -35.86
N PRO C 51 -22.38 4.04 -36.21
CA PRO C 51 -21.86 4.40 -37.51
C PRO C 51 -20.46 3.88 -37.70
N LEU C 52 -19.62 3.96 -36.67
CA LEU C 52 -18.22 3.52 -36.82
C LEU C 52 -18.11 2.02 -36.92
N ILE C 53 -18.90 1.30 -36.12
CA ILE C 53 -18.85 -0.16 -36.18
C ILE C 53 -19.22 -0.64 -37.58
N ARG C 54 -20.33 -0.13 -38.13
CA ARG C 54 -20.73 -0.49 -39.48
C ARG C 54 -19.55 -0.18 -40.42
N ARG C 55 -18.95 0.97 -40.21
CA ARG C 55 -17.93 1.36 -41.12
C ARG C 55 -16.73 0.47 -40.99
N ALA C 56 -16.34 0.16 -39.76
CA ALA C 56 -15.30 -0.84 -39.56
C ALA C 56 -15.61 -2.15 -40.28
N TRP C 57 -16.84 -2.67 -40.14
CA TRP C 57 -17.30 -3.92 -40.80
C TRP C 57 -17.06 -3.84 -42.29
N GLU C 58 -17.75 -2.90 -42.90
CA GLU C 58 -17.56 -2.46 -44.28
C GLU C 58 -16.10 -2.41 -44.79
N LEU C 59 -15.26 -1.71 -44.03
CA LEU C 59 -13.85 -1.57 -44.33
C LEU C 59 -13.03 -2.85 -44.19
N GLY C 60 -13.64 -3.94 -43.70
CA GLY C 60 -13.03 -5.28 -43.71
C GLY C 60 -12.17 -5.57 -42.48
N LEU C 61 -12.26 -4.67 -41.52
CA LEU C 61 -11.36 -4.77 -40.41
C LEU C 61 -12.08 -5.24 -39.13
N MET C 62 -13.07 -6.12 -39.32
CA MET C 62 -13.85 -6.70 -38.24
C MET C 62 -14.10 -8.19 -38.57
N ASN C 63 -14.49 -9.02 -37.61
CA ASN C 63 -14.58 -10.47 -37.87
C ASN C 63 -13.48 -11.10 -38.69
N THR C 64 -12.24 -10.67 -38.51
CA THR C 64 -11.11 -11.06 -39.37
C THR C 64 -10.63 -12.49 -39.22
N HIS C 65 -10.99 -13.16 -38.14
CA HIS C 65 -10.56 -14.53 -37.94
C HIS C 65 -11.47 -15.51 -38.61
N ILE C 66 -12.63 -15.08 -39.07
CA ILE C 66 -13.55 -15.97 -39.70
C ILE C 66 -12.88 -16.63 -40.89
N PRO C 67 -12.91 -17.95 -40.97
CA PRO C 67 -12.20 -18.60 -42.06
C PRO C 67 -12.86 -18.27 -43.41
N GLU C 68 -12.04 -18.25 -44.46
CA GLU C 68 -12.52 -18.02 -45.83
C GLU C 68 -13.75 -18.83 -46.22
N ASN C 69 -13.78 -20.13 -45.93
CA ASN C 69 -14.99 -20.87 -46.32
C ASN C 69 -16.31 -20.54 -45.62
N CYS C 70 -16.34 -19.54 -44.73
CA CYS C 70 -17.58 -18.96 -44.24
C CYS C 70 -17.74 -17.56 -44.77
N GLY C 71 -16.83 -17.14 -45.65
CA GLY C 71 -16.98 -15.86 -46.33
C GLY C 71 -16.34 -14.69 -45.65
N GLY C 72 -15.34 -15.03 -44.83
CA GLY C 72 -14.48 -14.04 -44.23
C GLY C 72 -13.11 -14.15 -44.84
N LEU C 73 -12.21 -13.33 -44.32
CA LEU C 73 -10.86 -13.28 -44.81
C LEU C 73 -9.96 -14.35 -44.22
N GLY C 74 -10.36 -15.02 -43.15
CA GLY C 74 -9.44 -15.95 -42.51
C GLY C 74 -8.06 -15.29 -42.27
N LEU C 75 -8.04 -14.09 -41.68
CA LEU C 75 -6.79 -13.42 -41.23
C LEU C 75 -6.16 -14.06 -40.03
N GLY C 76 -4.89 -13.79 -39.79
CA GLY C 76 -4.18 -14.47 -38.68
C GLY C 76 -4.24 -13.66 -37.40
N THR C 77 -3.57 -14.14 -36.35
CA THR C 77 -3.53 -13.38 -35.09
C THR C 77 -2.65 -12.08 -35.17
N PHE C 78 -1.51 -12.20 -35.84
CA PHE C 78 -0.64 -11.06 -36.03
C PHE C 78 -1.39 -10.01 -36.78
N ASP C 79 -2.22 -10.41 -37.75
CA ASP C 79 -2.91 -9.39 -38.53
C ASP C 79 -3.96 -8.73 -37.67
N ALA C 80 -4.66 -9.50 -36.84
CA ALA C 80 -5.68 -8.94 -35.93
C ALA C 80 -5.13 -7.94 -34.92
N CYS C 81 -3.88 -8.14 -34.50
CA CYS C 81 -3.26 -7.29 -33.50
C CYS C 81 -2.85 -6.02 -34.19
N LEU C 82 -2.20 -6.21 -35.30
CA LEU C 82 -1.80 -5.12 -36.14
C LEU C 82 -2.92 -4.02 -36.29
N ILE C 83 -4.13 -4.48 -36.54
CA ILE C 83 -5.32 -3.67 -36.72
C ILE C 83 -5.85 -3.10 -35.41
N SER C 84 -5.95 -3.98 -34.40
CA SER C 84 -6.41 -3.59 -33.11
C SER C 84 -5.72 -2.39 -32.56
N GLU C 85 -4.40 -2.36 -32.73
CA GLU C 85 -3.59 -1.32 -32.16
C GLU C 85 -4.03 -0.01 -32.82
N GLU C 86 -4.23 -0.03 -34.13
CA GLU C 86 -4.64 1.20 -34.81
C GLU C 86 -6.02 1.72 -34.33
N LEU C 87 -7.00 0.85 -34.18
CA LEU C 87 -8.31 1.32 -33.79
C LEU C 87 -8.26 1.78 -32.34
N ALA C 88 -7.36 1.17 -31.58
CA ALA C 88 -7.35 1.45 -30.14
C ALA C 88 -6.63 2.77 -29.88
N TYR C 89 -5.78 3.19 -30.80
CA TYR C 89 -5.12 4.49 -30.74
C TYR C 89 -6.20 5.57 -30.88
N GLY C 90 -7.25 5.24 -31.62
CA GLY C 90 -8.34 6.15 -31.80
C GLY C 90 -9.24 6.17 -30.60
N CYS C 91 -9.67 4.97 -30.23
CA CYS C 91 -10.54 4.76 -29.08
C CYS C 91 -10.68 3.25 -28.75
N THR C 92 -10.59 2.92 -27.47
CA THR C 92 -10.74 1.52 -27.03
C THR C 92 -12.15 1.17 -26.62
N GLY C 93 -13.02 2.18 -26.48
CA GLY C 93 -14.44 1.88 -26.39
C GLY C 93 -14.82 1.18 -27.69
N VAL C 94 -14.57 1.91 -28.77
CA VAL C 94 -14.78 1.44 -30.12
C VAL C 94 -14.01 0.12 -30.40
N GLN C 95 -12.70 0.12 -30.16
CA GLN C 95 -11.94 -1.08 -30.42
C GLN C 95 -12.51 -2.28 -29.63
N THR C 96 -12.98 -2.04 -28.40
CA THR C 96 -13.55 -3.14 -27.62
C THR C 96 -14.86 -3.64 -28.22
N ALA C 97 -15.68 -2.75 -28.79
CA ALA C 97 -16.92 -3.26 -29.40
C ALA C 97 -16.58 -4.18 -30.61
N ILE C 98 -15.64 -3.74 -31.44
CA ILE C 98 -15.15 -4.54 -32.55
C ILE C 98 -14.65 -5.89 -32.03
N GLU C 99 -13.82 -5.91 -30.99
CA GLU C 99 -13.20 -7.17 -30.48
C GLU C 99 -14.13 -8.16 -29.93
N GLY C 100 -15.06 -7.64 -29.16
CA GLY C 100 -16.03 -8.47 -28.54
C GLY C 100 -16.38 -9.45 -29.62
N ASN C 101 -16.52 -8.95 -30.86
CA ASN C 101 -16.85 -9.87 -31.95
C ASN C 101 -15.98 -11.09 -32.03
N SER C 102 -14.67 -10.87 -32.16
CA SER C 102 -13.74 -12.00 -32.24
C SER C 102 -13.85 -12.96 -31.07
N LEU C 103 -14.19 -12.42 -29.91
CA LEU C 103 -14.12 -13.19 -28.71
C LEU C 103 -15.29 -14.17 -28.67
N GLY C 104 -16.48 -13.73 -29.04
CA GLY C 104 -17.60 -14.64 -29.21
C GLY C 104 -17.40 -15.59 -30.37
N GLN C 105 -16.79 -15.13 -31.44
CA GLN C 105 -16.49 -15.99 -32.57
C GLN C 105 -15.55 -17.13 -32.27
N MET C 106 -14.51 -16.86 -31.48
CA MET C 106 -13.31 -17.69 -31.42
C MET C 106 -13.58 -19.14 -31.09
N PRO C 107 -14.53 -19.38 -30.19
CA PRO C 107 -14.85 -20.75 -29.79
C PRO C 107 -15.66 -21.44 -30.88
N ILE C 108 -16.32 -20.67 -31.73
CA ILE C 108 -17.05 -21.26 -32.83
C ILE C 108 -16.05 -21.64 -33.91
N ILE C 109 -15.12 -20.74 -34.23
CA ILE C 109 -13.90 -20.98 -35.04
C ILE C 109 -13.10 -22.20 -34.55
N ILE C 110 -12.46 -22.12 -33.39
CA ILE C 110 -11.70 -23.30 -32.91
C ILE C 110 -12.51 -24.58 -32.66
N ALA C 111 -13.77 -24.51 -32.21
CA ALA C 111 -14.48 -25.76 -31.80
C ALA C 111 -15.81 -26.15 -32.50
N GLY C 112 -16.36 -25.26 -33.31
CA GLY C 112 -17.58 -25.63 -33.99
C GLY C 112 -17.34 -26.58 -35.14
N ASN C 113 -18.42 -27.21 -35.60
CA ASN C 113 -18.39 -27.99 -36.84
C ASN C 113 -18.85 -27.16 -38.06
N ASP C 114 -18.72 -27.72 -39.28
CA ASP C 114 -19.16 -26.96 -40.47
C ASP C 114 -20.58 -26.37 -40.43
N GLN C 115 -21.53 -27.04 -39.78
CA GLN C 115 -22.88 -26.51 -39.86
C GLN C 115 -23.08 -25.31 -38.95
N GLN C 116 -22.41 -25.35 -37.81
CA GLN C 116 -22.29 -24.23 -36.86
C GLN C 116 -21.44 -23.07 -37.42
N LYS C 117 -20.21 -23.39 -37.79
CA LYS C 117 -19.31 -22.41 -38.36
C LYS C 117 -20.04 -21.68 -39.46
N LYS C 118 -20.63 -22.41 -40.42
CA LYS C 118 -21.28 -21.70 -41.53
C LYS C 118 -22.58 -20.89 -41.20
N LYS C 119 -23.47 -21.42 -40.37
CA LYS C 119 -24.70 -20.70 -40.00
C LYS C 119 -24.37 -19.43 -39.17
N TYR C 120 -23.42 -19.56 -38.28
CA TYR C 120 -23.22 -18.53 -37.27
C TYR C 120 -22.00 -17.60 -37.54
N LEU C 121 -20.94 -18.14 -38.15
CA LEU C 121 -19.90 -17.27 -38.60
C LEU C 121 -20.41 -16.51 -39.85
N GLY C 122 -21.03 -17.29 -40.75
CA GLY C 122 -21.47 -16.86 -42.06
C GLY C 122 -22.30 -15.62 -41.98
N ARG C 123 -23.24 -15.57 -41.02
CA ARG C 123 -24.09 -14.41 -40.97
C ARG C 123 -23.38 -13.04 -40.66
N MET C 124 -22.16 -13.06 -40.10
CA MET C 124 -21.52 -11.80 -39.69
C MET C 124 -20.86 -11.24 -40.88
N THR C 125 -20.63 -12.11 -41.86
CA THR C 125 -20.12 -11.78 -43.16
C THR C 125 -21.08 -10.86 -43.94
N GLU C 126 -22.38 -11.12 -43.83
CA GLU C 126 -23.34 -10.38 -44.67
C GLU C 126 -24.08 -9.19 -44.04
N GLU C 127 -24.03 -9.06 -42.72
CA GLU C 127 -24.46 -7.84 -42.01
C GLU C 127 -23.52 -7.55 -40.85
N PRO C 128 -23.34 -6.28 -40.52
CA PRO C 128 -22.58 -5.92 -39.33
C PRO C 128 -23.36 -6.38 -38.04
N LEU C 129 -23.53 -7.67 -37.88
CA LEU C 129 -24.11 -8.21 -36.69
C LEU C 129 -23.02 -8.22 -35.60
N MET C 130 -23.47 -8.22 -34.34
CA MET C 130 -22.57 -8.36 -33.21
C MET C 130 -22.77 -9.71 -32.59
N CYS C 131 -21.72 -10.28 -31.99
CA CYS C 131 -21.91 -11.45 -31.13
C CYS C 131 -21.13 -11.19 -29.84
N ALA C 132 -21.30 -12.06 -28.83
CA ALA C 132 -20.72 -11.89 -27.47
C ALA C 132 -20.16 -13.16 -26.85
N TYR C 133 -19.19 -12.98 -25.98
CA TYR C 133 -18.70 -14.04 -25.11
C TYR C 133 -19.40 -14.07 -23.71
N CYS C 134 -20.19 -15.09 -23.44
CA CYS C 134 -20.97 -15.08 -22.23
C CYS C 134 -20.52 -15.94 -21.10
N VAL C 135 -19.52 -15.50 -20.34
CA VAL C 135 -19.02 -16.39 -19.31
C VAL C 135 -19.18 -15.86 -17.91
N THR C 136 -18.65 -14.66 -17.69
CA THR C 136 -18.60 -14.09 -16.36
C THR C 136 -19.97 -13.96 -15.75
N GLU C 137 -20.01 -14.28 -14.45
CA GLU C 137 -21.22 -14.21 -13.59
C GLU C 137 -20.96 -13.25 -12.40
N PRO C 138 -22.00 -12.79 -11.72
CA PRO C 138 -21.79 -11.97 -10.53
C PRO C 138 -20.76 -12.55 -9.57
N GLY C 139 -20.70 -13.89 -9.44
CA GLY C 139 -19.99 -14.54 -8.34
C GLY C 139 -18.67 -15.18 -8.69
N ALA C 140 -18.42 -15.25 -10.00
CA ALA C 140 -17.18 -15.79 -10.52
C ALA C 140 -16.78 -15.09 -11.82
N GLY C 141 -15.52 -14.64 -11.89
CA GLY C 141 -14.97 -14.05 -13.10
C GLY C 141 -13.64 -14.73 -13.44
N SER C 142 -12.63 -14.41 -12.63
CA SER C 142 -11.30 -15.00 -12.74
C SER C 142 -11.45 -16.50 -12.56
N ASP C 143 -12.20 -16.94 -11.57
CA ASP C 143 -12.35 -18.36 -11.35
C ASP C 143 -13.45 -18.88 -12.26
N VAL C 144 -13.15 -19.01 -13.55
CA VAL C 144 -14.11 -19.59 -14.50
C VAL C 144 -14.81 -20.83 -13.96
N ALA C 145 -14.06 -21.78 -13.36
CA ALA C 145 -14.65 -23.06 -12.87
C ALA C 145 -15.65 -22.82 -11.74
N GLY C 146 -15.82 -21.54 -11.39
CA GLY C 146 -16.73 -21.18 -10.33
C GLY C 146 -18.08 -20.77 -10.85
N ILE C 147 -18.20 -20.56 -12.16
CA ILE C 147 -19.52 -20.21 -12.73
C ILE C 147 -20.66 -21.20 -12.31
N LYS C 148 -21.85 -20.63 -12.10
CA LYS C 148 -23.07 -21.39 -11.68
C LYS C 148 -24.27 -21.53 -12.68
N THR C 149 -24.29 -20.83 -13.82
CA THR C 149 -25.35 -21.06 -14.83
C THR C 149 -25.60 -22.55 -15.16
N LYS C 150 -26.85 -22.99 -14.99
CA LYS C 150 -27.28 -24.40 -15.16
C LYS C 150 -27.62 -24.70 -16.64
N ALA C 151 -27.21 -25.88 -17.11
CA ALA C 151 -27.73 -26.49 -18.35
C ALA C 151 -28.19 -27.95 -18.06
N GLU C 152 -29.51 -28.17 -18.03
CA GLU C 152 -30.11 -29.54 -18.00
C GLU C 152 -30.62 -29.87 -19.39
N LYS C 153 -30.10 -30.99 -19.94
CA LYS C 153 -30.66 -31.71 -21.10
C LYS C 153 -32.13 -32.13 -20.87
N LYS C 154 -33.05 -31.72 -21.74
CA LYS C 154 -34.44 -32.16 -21.61
C LYS C 154 -35.03 -32.46 -23.00
N GLY C 155 -34.76 -33.66 -23.50
CA GLY C 155 -35.20 -34.03 -24.83
C GLY C 155 -34.06 -33.79 -25.80
N ASP C 156 -34.34 -33.05 -26.88
CA ASP C 156 -33.32 -32.79 -27.89
C ASP C 156 -32.83 -31.33 -27.64
N GLU C 157 -32.97 -30.89 -26.38
CA GLU C 157 -32.78 -29.49 -26.00
C GLU C 157 -31.99 -29.33 -24.71
N TYR C 158 -31.60 -28.09 -24.46
CA TYR C 158 -31.02 -27.73 -23.18
C TYR C 158 -31.74 -26.56 -22.63
N ILE C 159 -31.98 -26.59 -21.33
CA ILE C 159 -32.61 -25.47 -20.69
C ILE C 159 -31.56 -24.75 -19.83
N ILE C 160 -31.51 -23.43 -19.96
CA ILE C 160 -30.47 -22.65 -19.34
C ILE C 160 -31.13 -21.75 -18.30
N ASN C 161 -30.58 -21.82 -17.09
CA ASN C 161 -30.98 -20.98 -15.98
C ASN C 161 -29.73 -20.46 -15.31
N GLY C 162 -29.58 -19.13 -15.33
CA GLY C 162 -28.35 -18.49 -14.86
C GLY C 162 -28.31 -16.98 -15.06
N GLN C 163 -27.45 -16.31 -14.30
CA GLN C 163 -27.18 -14.91 -14.58
C GLN C 163 -25.77 -14.70 -15.08
N LYS C 164 -25.65 -13.79 -16.02
CA LYS C 164 -24.36 -13.44 -16.56
C LYS C 164 -24.11 -11.95 -16.28
N MET C 165 -22.81 -11.58 -16.22
CA MET C 165 -22.39 -10.23 -15.84
C MET C 165 -21.22 -9.75 -16.71
N TRP C 166 -21.16 -8.43 -16.90
CA TRP C 166 -20.10 -7.73 -17.63
C TRP C 166 -19.90 -8.23 -19.06
N ILE C 167 -20.96 -8.42 -19.80
CA ILE C 167 -20.84 -9.01 -21.10
C ILE C 167 -20.77 -7.89 -22.17
N THR C 168 -19.57 -7.72 -22.79
CA THR C 168 -19.35 -6.80 -23.91
C THR C 168 -20.35 -7.04 -25.05
N ASN C 169 -21.00 -5.99 -25.54
CA ASN C 169 -21.96 -6.15 -26.62
C ASN C 169 -23.13 -6.98 -26.13
N GLY C 170 -23.17 -7.24 -24.83
CA GLY C 170 -24.16 -8.15 -24.30
C GLY C 170 -25.54 -7.72 -24.76
N GLY C 171 -25.70 -6.44 -25.07
CA GLY C 171 -27.03 -5.93 -25.43
C GLY C 171 -27.22 -5.65 -26.89
N LYS C 172 -26.23 -6.05 -27.71
CA LYS C 172 -26.25 -5.75 -29.12
C LYS C 172 -26.00 -6.98 -29.97
N ALA C 173 -25.95 -8.14 -29.32
CA ALA C 173 -25.48 -9.34 -29.99
C ALA C 173 -26.59 -10.07 -30.72
N ASN C 174 -26.43 -10.29 -32.01
CA ASN C 174 -27.20 -11.35 -32.63
C ASN C 174 -27.14 -12.74 -31.88
N TRP C 175 -25.99 -13.16 -31.36
CA TRP C 175 -25.91 -14.43 -30.63
C TRP C 175 -24.80 -14.47 -29.56
N TYR C 176 -24.81 -15.45 -28.65
CA TYR C 176 -23.80 -15.57 -27.62
C TYR C 176 -23.07 -16.90 -27.65
N PHE C 177 -21.77 -16.90 -27.33
CA PHE C 177 -21.18 -18.15 -26.90
C PHE C 177 -21.45 -18.21 -25.41
N LEU C 178 -22.02 -19.30 -24.89
CA LEU C 178 -22.32 -19.41 -23.44
C LEU C 178 -21.65 -20.58 -22.77
N LEU C 179 -20.91 -20.35 -21.69
CA LEU C 179 -20.46 -21.44 -20.82
C LEU C 179 -21.44 -21.61 -19.66
N ALA C 180 -21.73 -22.87 -19.35
CA ALA C 180 -22.66 -23.26 -18.26
C ALA C 180 -22.24 -24.51 -17.47
N ARG C 181 -22.79 -24.67 -16.27
CA ARG C 181 -22.62 -25.94 -15.54
C ARG C 181 -23.63 -27.01 -16.03
N SER C 182 -23.09 -28.05 -16.68
CA SER C 182 -23.80 -29.21 -17.26
C SER C 182 -24.26 -30.18 -16.19
N ASP C 183 -23.31 -30.52 -15.33
CA ASP C 183 -23.44 -31.59 -14.36
C ASP C 183 -23.57 -31.05 -12.92
N PRO C 184 -24.69 -31.36 -12.26
CA PRO C 184 -24.91 -30.91 -10.84
C PRO C 184 -23.85 -31.32 -9.76
N ASP C 185 -23.30 -32.54 -9.83
CA ASP C 185 -22.36 -33.02 -8.81
C ASP C 185 -21.24 -31.98 -8.61
N PRO C 186 -21.27 -31.30 -7.45
CA PRO C 186 -20.18 -30.38 -7.05
C PRO C 186 -18.81 -30.97 -7.31
N LYS C 187 -18.53 -32.20 -6.86
CA LYS C 187 -17.15 -32.77 -6.96
C LYS C 187 -16.59 -33.03 -8.38
N ALA C 188 -17.31 -32.58 -9.42
CA ALA C 188 -17.02 -32.96 -10.79
C ALA C 188 -16.01 -32.03 -11.39
N PRO C 189 -14.83 -32.53 -11.80
CA PRO C 189 -13.72 -31.66 -12.27
C PRO C 189 -14.08 -30.74 -13.46
N ALA C 190 -13.39 -29.61 -13.57
CA ALA C 190 -13.72 -28.63 -14.59
C ALA C 190 -13.69 -29.25 -15.99
N ASN C 191 -12.79 -30.19 -16.22
CA ASN C 191 -12.69 -30.79 -17.57
C ASN C 191 -13.93 -31.63 -17.96
N LYS C 192 -14.96 -31.61 -17.10
CA LYS C 192 -16.17 -32.43 -17.31
C LYS C 192 -17.51 -31.80 -16.83
N ALA C 193 -17.47 -30.68 -16.12
CA ALA C 193 -18.70 -30.11 -15.56
C ALA C 193 -19.35 -28.99 -16.40
N PHE C 194 -18.70 -28.56 -17.50
CA PHE C 194 -19.27 -27.46 -18.29
C PHE C 194 -19.57 -27.81 -19.75
N THR C 195 -20.54 -27.14 -20.34
CA THR C 195 -20.85 -27.33 -21.73
C THR C 195 -20.87 -25.97 -22.40
N GLY C 196 -20.36 -25.92 -23.62
CA GLY C 196 -20.36 -24.67 -24.39
C GLY C 196 -21.50 -24.55 -25.39
N PHE C 197 -22.21 -23.44 -25.39
CA PHE C 197 -23.31 -23.27 -26.33
C PHE C 197 -23.24 -22.04 -27.22
N ILE C 198 -23.85 -22.14 -28.39
CA ILE C 198 -24.29 -20.94 -29.11
C ILE C 198 -25.73 -20.68 -28.75
N VAL C 199 -26.06 -19.48 -28.35
CA VAL C 199 -27.44 -19.20 -27.92
C VAL C 199 -27.88 -17.98 -28.72
N GLU C 200 -28.98 -18.09 -29.47
CA GLU C 200 -29.37 -16.89 -30.21
C GLU C 200 -29.97 -15.92 -29.22
N ALA C 201 -29.72 -14.64 -29.44
CA ALA C 201 -29.94 -13.67 -28.40
C ALA C 201 -31.41 -13.45 -28.20
N ASP C 202 -32.21 -13.74 -29.22
CA ASP C 202 -33.65 -13.42 -29.11
C ASP C 202 -34.51 -14.61 -28.61
N THR C 203 -33.89 -15.69 -28.13
CA THR C 203 -34.62 -16.81 -27.54
C THR C 203 -35.48 -16.40 -26.32
N PRO C 204 -36.78 -16.72 -26.32
CA PRO C 204 -37.66 -16.43 -25.17
C PRO C 204 -37.08 -16.22 -23.75
N GLY C 205 -36.36 -17.16 -23.18
CA GLY C 205 -36.00 -16.92 -21.75
C GLY C 205 -35.06 -15.75 -21.33
N ILE C 206 -34.52 -15.01 -22.31
CA ILE C 206 -33.33 -14.15 -22.13
C ILE C 206 -33.70 -12.73 -21.78
N GLN C 207 -33.19 -12.19 -20.69
CA GLN C 207 -33.45 -10.79 -20.40
C GLN C 207 -32.16 -10.01 -20.23
N ILE C 208 -31.86 -9.22 -21.24
CA ILE C 208 -30.78 -8.28 -21.20
C ILE C 208 -31.01 -7.37 -19.98
N GLY C 209 -29.98 -6.95 -19.30
CA GLY C 209 -30.16 -5.98 -18.27
C GLY C 209 -29.83 -4.64 -18.88
N ARG C 210 -29.79 -3.61 -18.02
CA ARG C 210 -29.48 -2.23 -18.39
C ARG C 210 -28.05 -2.02 -18.84
N LYS C 211 -27.81 -0.87 -19.48
CA LYS C 211 -26.44 -0.51 -19.87
C LYS C 211 -25.73 -0.24 -18.58
N GLU C 212 -24.66 -0.99 -18.32
CA GLU C 212 -23.83 -0.83 -17.10
C GLU C 212 -22.83 0.38 -17.13
N LEU C 213 -22.87 1.24 -16.11
CA LEU C 213 -22.13 2.51 -16.16
C LEU C 213 -20.71 2.45 -15.54
N ASN C 214 -19.68 2.52 -16.38
CA ASN C 214 -18.31 2.34 -15.90
C ASN C 214 -17.46 3.61 -16.02
N MET C 215 -16.25 3.51 -15.45
CA MET C 215 -15.29 4.58 -15.46
C MET C 215 -14.72 4.76 -16.87
N GLY C 216 -14.54 3.65 -17.57
CA GLY C 216 -13.76 3.65 -18.77
C GLY C 216 -14.49 3.08 -19.95
N GLN C 217 -13.98 3.34 -21.14
CA GLN C 217 -14.48 2.64 -22.31
C GLN C 217 -16.00 2.74 -22.38
N ARG C 218 -16.50 3.94 -22.11
CA ARG C 218 -17.91 4.13 -21.73
C ARG C 218 -18.89 3.93 -22.94
N CYS C 219 -18.32 3.82 -24.14
CA CYS C 219 -19.16 3.66 -25.32
C CYS C 219 -19.46 2.21 -25.73
N SER C 220 -18.59 1.23 -25.43
CA SER C 220 -19.08 -0.18 -25.62
C SER C 220 -20.19 -0.45 -24.64
N ASP C 221 -21.16 -1.25 -25.02
CA ASP C 221 -22.07 -1.59 -23.98
C ASP C 221 -21.66 -2.92 -23.39
N THR C 222 -21.69 -2.95 -22.05
CA THR C 222 -21.46 -4.16 -21.32
C THR C 222 -22.69 -4.28 -20.37
N ARG C 223 -23.22 -5.47 -20.20
CA ARG C 223 -24.50 -5.62 -19.52
C ARG C 223 -24.57 -7.00 -18.90
N GLY C 224 -25.36 -7.11 -17.84
CA GLY C 224 -25.64 -8.42 -17.34
C GLY C 224 -26.85 -8.94 -18.08
N ILE C 225 -26.98 -10.26 -18.20
CA ILE C 225 -28.18 -10.80 -18.84
C ILE C 225 -28.67 -12.09 -18.15
N VAL C 226 -29.97 -12.22 -17.94
CA VAL C 226 -30.44 -13.41 -17.26
C VAL C 226 -31.11 -14.39 -18.19
N PHE C 227 -30.86 -15.67 -17.96
CA PHE C 227 -31.50 -16.71 -18.71
C PHE C 227 -32.42 -17.43 -17.72
N GLU C 228 -33.74 -17.22 -17.94
CA GLU C 228 -34.87 -17.95 -17.30
C GLU C 228 -35.47 -18.99 -18.25
N ASP C 229 -35.16 -20.26 -18.03
CA ASP C 229 -35.75 -21.39 -18.79
C ASP C 229 -35.37 -21.41 -20.27
N VAL C 230 -34.17 -20.91 -20.59
CA VAL C 230 -33.82 -20.77 -21.99
C VAL C 230 -33.67 -22.09 -22.75
N LYS C 231 -34.33 -22.15 -23.92
CA LYS C 231 -34.32 -23.34 -24.76
C LYS C 231 -33.18 -23.29 -25.79
N VAL C 232 -32.30 -24.28 -25.76
CA VAL C 232 -31.13 -24.31 -26.66
C VAL C 232 -31.01 -25.73 -27.23
N PRO C 233 -31.07 -25.86 -28.55
CA PRO C 233 -31.09 -27.17 -29.20
C PRO C 233 -29.72 -27.83 -29.33
N LYS C 234 -29.68 -29.14 -29.03
CA LYS C 234 -28.56 -30.06 -29.30
C LYS C 234 -27.54 -29.55 -30.33
N GLU C 235 -28.01 -29.07 -31.48
CA GLU C 235 -27.12 -28.81 -32.62
C GLU C 235 -26.18 -27.65 -32.30
N ASN C 236 -26.46 -26.98 -31.18
CA ASN C 236 -25.68 -25.87 -30.72
C ASN C 236 -24.78 -26.18 -29.52
N VAL C 237 -24.45 -27.43 -29.21
CA VAL C 237 -23.38 -27.60 -28.25
C VAL C 237 -22.04 -27.62 -28.95
N LEU C 238 -20.94 -27.39 -28.24
CA LEU C 238 -19.76 -27.21 -29.00
C LEU C 238 -18.99 -28.46 -29.33
N ILE C 239 -18.57 -29.22 -28.35
CA ILE C 239 -18.00 -30.49 -28.80
C ILE C 239 -18.90 -31.62 -28.35
N GLY C 240 -19.87 -31.29 -27.51
CA GLY C 240 -20.53 -32.23 -26.67
C GLY C 240 -20.42 -31.79 -25.21
N ASP C 241 -21.09 -32.57 -24.37
CA ASP C 241 -21.15 -32.34 -22.95
C ASP C 241 -19.81 -32.40 -22.30
N GLY C 242 -19.63 -31.59 -21.26
CA GLY C 242 -18.41 -31.65 -20.45
C GLY C 242 -17.19 -31.13 -21.14
N ALA C 243 -17.32 -30.84 -22.42
CA ALA C 243 -16.27 -30.15 -23.17
C ALA C 243 -16.19 -28.63 -22.95
N GLY C 244 -17.26 -27.99 -22.49
CA GLY C 244 -17.27 -26.53 -22.29
C GLY C 244 -16.00 -25.81 -21.78
N PHE C 245 -15.39 -26.31 -20.71
CA PHE C 245 -14.21 -25.67 -20.18
C PHE C 245 -12.96 -25.57 -21.09
N LYS C 246 -12.60 -26.64 -21.86
CA LYS C 246 -11.39 -26.64 -22.76
C LYS C 246 -11.66 -25.68 -23.90
N VAL C 247 -12.91 -25.68 -24.32
CA VAL C 247 -13.34 -24.90 -25.45
C VAL C 247 -13.19 -23.43 -25.16
N ALA C 248 -13.58 -22.98 -23.96
CA ALA C 248 -13.44 -21.56 -23.58
C ALA C 248 -11.99 -21.24 -23.35
N MET C 249 -11.33 -22.11 -22.59
CA MET C 249 -9.92 -22.03 -22.33
C MET C 249 -9.06 -21.91 -23.59
N GLY C 250 -9.53 -22.42 -24.73
CA GLY C 250 -8.68 -22.46 -25.92
C GLY C 250 -8.84 -21.22 -26.81
N ALA C 251 -9.84 -20.38 -26.52
CA ALA C 251 -10.07 -19.17 -27.32
C ALA C 251 -9.04 -18.07 -27.01
N PHE C 252 -8.52 -18.10 -25.80
CA PHE C 252 -7.64 -17.05 -25.31
C PHE C 252 -6.31 -16.91 -26.03
N ASP C 253 -5.75 -18.05 -26.43
CA ASP C 253 -4.55 -18.14 -27.27
C ASP C 253 -4.66 -17.20 -28.48
N LYS C 254 -5.82 -17.23 -29.12
CA LYS C 254 -5.92 -16.48 -30.33
C LYS C 254 -6.35 -15.04 -30.09
N THR C 255 -6.75 -14.72 -28.85
CA THR C 255 -7.32 -13.42 -28.57
C THR C 255 -6.60 -12.55 -27.54
N ARG C 256 -5.97 -13.15 -26.53
CA ARG C 256 -5.18 -12.40 -25.51
C ARG C 256 -4.23 -11.44 -26.17
N PRO C 257 -3.48 -11.87 -27.20
CA PRO C 257 -2.54 -11.01 -27.90
C PRO C 257 -3.16 -9.79 -28.54
N VAL C 258 -4.41 -9.90 -28.97
CA VAL C 258 -5.16 -8.75 -29.50
C VAL C 258 -5.60 -7.73 -28.43
N VAL C 259 -5.96 -8.19 -27.24
CA VAL C 259 -6.38 -7.25 -26.24
C VAL C 259 -5.12 -6.53 -25.80
N ALA C 260 -4.01 -7.25 -25.70
CA ALA C 260 -2.76 -6.60 -25.36
C ALA C 260 -2.44 -5.56 -26.41
N ALA C 261 -2.71 -5.88 -27.70
CA ALA C 261 -2.44 -4.96 -28.83
C ALA C 261 -3.28 -3.72 -28.60
N GLY C 262 -4.48 -3.90 -28.03
CA GLY C 262 -5.34 -2.79 -27.60
C GLY C 262 -4.66 -1.83 -26.61
N ALA C 263 -4.31 -2.37 -25.43
CA ALA C 263 -3.48 -1.64 -24.47
C ALA C 263 -2.34 -0.87 -25.14
N VAL C 264 -1.57 -1.55 -26.00
CA VAL C 264 -0.43 -0.88 -26.67
C VAL C 264 -0.89 0.37 -27.47
N GLY C 265 -1.99 0.20 -28.24
CA GLY C 265 -2.70 1.27 -28.91
C GLY C 265 -3.06 2.48 -28.07
N LEU C 266 -3.60 2.28 -26.85
CA LEU C 266 -3.88 3.47 -26.02
C LEU C 266 -2.60 4.01 -25.45
N ALA C 267 -1.66 3.12 -25.20
CA ALA C 267 -0.37 3.51 -24.70
C ALA C 267 0.27 4.48 -25.67
N GLN C 268 0.27 4.15 -26.96
CA GLN C 268 0.95 4.97 -27.99
C GLN C 268 0.31 6.36 -28.10
N ARG C 269 -1.03 6.38 -28.04
CA ARG C 269 -1.76 7.61 -28.07
C ARG C 269 -1.27 8.51 -26.96
N ALA C 270 -1.25 7.99 -25.73
CA ALA C 270 -0.82 8.74 -24.55
C ALA C 270 0.54 9.36 -24.79
N LEU C 271 1.48 8.54 -25.28
CA LEU C 271 2.83 9.02 -25.61
C LEU C 271 2.80 10.10 -26.63
N ASP C 272 1.98 9.90 -27.65
CA ASP C 272 1.87 10.91 -28.72
C ASP C 272 1.35 12.29 -28.19
N GLU C 273 0.23 12.22 -27.49
CA GLU C 273 -0.35 13.41 -26.95
C GLU C 273 0.65 14.11 -26.06
N ALA C 274 1.39 13.33 -25.26
CA ALA C 274 2.24 13.89 -24.21
C ALA C 274 3.50 14.52 -24.79
N THR C 275 3.97 13.88 -25.85
CA THR C 275 5.10 14.34 -26.62
C THR C 275 4.75 15.64 -27.37
N LYS C 276 3.69 15.65 -28.22
CA LYS C 276 3.22 16.92 -28.83
C LYS C 276 3.12 18.06 -27.80
N TYR C 277 2.58 17.77 -26.62
CA TYR C 277 2.33 18.82 -25.64
C TYR C 277 3.65 19.35 -25.08
N ALA C 278 4.54 18.44 -24.68
CA ALA C 278 5.80 18.85 -24.09
C ALA C 278 6.64 19.58 -25.14
N LEU C 279 6.31 19.39 -26.42
CA LEU C 279 7.03 20.11 -27.48
C LEU C 279 6.61 21.58 -27.65
N GLU C 280 5.38 21.89 -27.22
CA GLU C 280 4.85 23.20 -27.40
C GLU C 280 4.75 24.01 -26.07
N ARG C 281 4.52 23.35 -24.91
CA ARG C 281 4.50 24.04 -23.59
C ARG C 281 5.83 24.50 -22.99
N LYS C 282 5.87 25.76 -22.54
CA LYS C 282 7.02 26.25 -21.82
C LYS C 282 6.79 26.45 -20.31
N THR C 283 7.83 26.27 -19.52
CA THR C 283 7.83 26.70 -18.14
C THR C 283 9.26 27.07 -17.79
N PHE C 284 9.40 28.06 -16.91
CA PHE C 284 10.71 28.56 -16.50
C PHE C 284 11.60 28.78 -17.71
N GLY C 285 11.13 29.36 -18.79
CA GLY C 285 12.07 29.71 -19.84
C GLY C 285 12.22 28.74 -20.99
N LYS C 286 12.03 27.46 -20.71
CA LYS C 286 12.22 26.46 -21.76
C LYS C 286 11.00 25.57 -22.02
N LEU C 287 11.06 24.81 -23.09
CA LEU C 287 9.96 23.91 -23.41
C LEU C 287 10.03 22.68 -22.50
N LEU C 288 8.90 22.04 -22.22
CA LEU C 288 8.93 21.00 -21.23
C LEU C 288 10.02 20.03 -21.56
N VAL C 289 10.26 19.74 -22.84
CA VAL C 289 11.14 18.60 -23.19
C VAL C 289 12.60 18.88 -22.84
N GLU C 290 12.90 20.14 -22.58
CA GLU C 290 14.21 20.61 -22.12
C GLU C 290 14.40 20.45 -20.59
N HIS C 291 13.35 20.16 -19.84
CA HIS C 291 13.53 19.71 -18.46
C HIS C 291 13.82 18.21 -18.42
N GLN C 292 14.91 17.84 -17.78
CA GLN C 292 15.34 16.46 -17.83
C GLN C 292 14.33 15.45 -17.32
N ALA C 293 13.56 15.85 -16.31
CA ALA C 293 12.61 14.96 -15.68
C ALA C 293 11.59 14.49 -16.69
N ILE C 294 11.13 15.44 -17.52
CA ILE C 294 10.10 15.17 -18.52
C ILE C 294 10.66 14.29 -19.63
N SER C 295 11.85 14.66 -20.05
CA SER C 295 12.57 13.98 -21.10
C SER C 295 12.70 12.49 -20.82
N PHE C 296 13.14 12.24 -19.58
CA PHE C 296 13.34 10.93 -19.06
C PHE C 296 12.03 10.17 -19.03
N MET C 297 10.94 10.84 -18.63
CA MET C 297 9.61 10.19 -18.65
C MET C 297 9.31 9.76 -20.07
N LEU C 298 9.50 10.70 -21.02
CA LEU C 298 9.09 10.49 -22.38
C LEU C 298 9.88 9.33 -22.89
N ALA C 299 11.14 9.26 -22.45
CA ALA C 299 12.03 8.15 -22.75
C ALA C 299 11.51 6.81 -22.19
N GLU C 300 11.11 6.75 -20.92
CA GLU C 300 10.73 5.43 -20.34
C GLU C 300 9.45 4.91 -20.97
N MET C 301 8.51 5.85 -21.16
CA MET C 301 7.27 5.65 -21.89
C MET C 301 7.59 5.10 -23.26
N ALA C 302 8.65 5.60 -23.89
CA ALA C 302 8.96 5.20 -25.27
C ALA C 302 9.41 3.73 -25.25
N MET C 303 10.22 3.43 -24.26
CA MET C 303 10.64 2.07 -23.99
C MET C 303 9.49 1.17 -23.75
N LYS C 304 8.59 1.54 -22.86
CA LYS C 304 7.56 0.59 -22.47
C LYS C 304 6.66 0.19 -23.62
N VAL C 305 6.44 1.12 -24.54
CA VAL C 305 5.51 0.90 -25.64
C VAL C 305 6.25 -0.01 -26.55
N GLU C 306 7.51 0.32 -26.81
CA GLU C 306 8.21 -0.52 -27.72
C GLU C 306 8.21 -1.98 -27.26
N LEU C 307 8.53 -2.19 -26.00
CA LEU C 307 8.67 -3.52 -25.47
C LEU C 307 7.27 -4.15 -25.48
N ALA C 308 6.25 -3.39 -25.08
CA ALA C 308 4.92 -3.97 -25.07
C ALA C 308 4.48 -4.43 -26.48
N ARG C 309 4.83 -3.62 -27.49
CA ARG C 309 4.64 -4.03 -28.88
C ARG C 309 5.37 -5.32 -29.25
N MET C 310 6.66 -5.43 -29.02
CA MET C 310 7.29 -6.68 -29.34
C MET C 310 6.62 -7.85 -28.62
N SER C 311 6.22 -7.60 -27.38
CA SER C 311 5.60 -8.64 -26.57
C SER C 311 4.33 -9.25 -27.21
N TYR C 312 3.41 -8.42 -27.73
CA TYR C 312 2.14 -8.97 -28.26
C TYR C 312 2.37 -9.56 -29.68
N GLN C 313 3.16 -8.84 -30.48
CA GLN C 313 3.77 -9.38 -31.69
C GLN C 313 4.34 -10.82 -31.50
N ARG C 314 5.21 -10.97 -30.50
CA ARG C 314 5.77 -12.24 -30.19
C ARG C 314 4.68 -13.25 -29.98
N ALA C 315 3.62 -12.86 -29.28
CA ALA C 315 2.65 -13.88 -28.89
C ALA C 315 1.86 -14.34 -30.13
N ALA C 316 1.53 -13.38 -30.99
CA ALA C 316 0.71 -13.62 -32.18
C ALA C 316 1.50 -14.37 -33.23
N TRP C 317 2.77 -14.02 -33.46
CA TRP C 317 3.59 -14.91 -34.22
C TRP C 317 3.58 -16.35 -33.69
N GLU C 318 3.86 -16.63 -32.41
CA GLU C 318 3.92 -18.05 -31.95
C GLU C 318 2.68 -18.82 -32.36
N VAL C 319 1.49 -18.25 -32.18
CA VAL C 319 0.27 -18.97 -32.53
C VAL C 319 0.07 -19.04 -34.06
N ASP C 320 0.32 -17.91 -34.74
CA ASP C 320 0.23 -17.89 -36.20
C ASP C 320 1.02 -19.10 -36.75
N SER C 321 2.19 -19.34 -36.18
CA SER C 321 3.02 -20.48 -36.45
C SER C 321 2.45 -21.82 -36.04
N GLY C 322 1.36 -21.86 -35.29
CA GLY C 322 0.75 -23.11 -34.87
C GLY C 322 1.22 -23.75 -33.58
N ARG C 323 2.04 -23.05 -32.77
CA ARG C 323 2.18 -23.50 -31.37
C ARG C 323 1.17 -22.86 -30.43
N ARG C 324 0.94 -23.57 -29.34
CA ARG C 324 0.30 -23.03 -28.15
C ARG C 324 1.16 -21.85 -27.61
N ASN C 325 0.53 -20.71 -27.38
CA ASN C 325 1.22 -19.47 -27.00
C ASN C 325 0.91 -18.96 -25.57
N THR C 326 0.33 -19.83 -24.73
CA THR C 326 -0.12 -19.44 -23.43
C THR C 326 0.89 -18.50 -22.74
N TYR C 327 2.15 -18.91 -22.67
CA TYR C 327 3.22 -18.16 -21.94
C TYR C 327 3.43 -16.76 -22.54
N TYR C 328 3.77 -16.73 -23.83
CA TYR C 328 3.94 -15.47 -24.50
C TYR C 328 2.68 -14.55 -24.44
N ALA C 329 1.48 -15.07 -24.68
CA ALA C 329 0.26 -14.22 -24.55
C ALA C 329 0.11 -13.52 -23.18
N SER C 330 0.35 -14.32 -22.14
CA SER C 330 0.23 -13.86 -20.78
C SER C 330 1.30 -12.84 -20.37
N ILE C 331 2.49 -12.89 -20.99
CA ILE C 331 3.45 -11.83 -20.74
C ILE C 331 2.90 -10.61 -21.45
N ALA C 332 2.45 -10.81 -22.68
CA ALA C 332 1.97 -9.70 -23.46
C ALA C 332 0.83 -9.02 -22.66
N LYS C 333 -0.20 -9.79 -22.33
CA LYS C 333 -1.29 -9.22 -21.58
C LYS C 333 -0.80 -8.55 -20.27
N ALA C 334 0.09 -9.17 -19.50
CA ALA C 334 0.52 -8.54 -18.26
C ALA C 334 1.29 -7.29 -18.60
N PHE C 335 2.30 -7.41 -19.42
CA PHE C 335 3.12 -6.26 -19.54
C PHE C 335 2.39 -5.10 -20.22
N ALA C 336 1.64 -5.35 -21.31
CA ALA C 336 0.92 -4.30 -22.11
C ALA C 336 -0.03 -3.54 -21.20
N GLY C 337 -0.87 -4.27 -20.47
CA GLY C 337 -1.80 -3.69 -19.50
C GLY C 337 -1.16 -2.82 -18.44
N ASP C 338 -0.09 -3.31 -17.85
CA ASP C 338 0.56 -2.55 -16.84
C ASP C 338 1.10 -1.25 -17.50
N ILE C 339 1.63 -1.30 -18.73
CA ILE C 339 2.34 -0.10 -19.15
C ILE C 339 1.33 0.87 -19.68
N ALA C 340 0.17 0.38 -20.04
CA ALA C 340 -0.85 1.26 -20.59
C ALA C 340 -1.33 2.19 -19.51
N ASN C 341 -1.58 1.65 -18.35
CA ASN C 341 -1.89 2.45 -17.20
C ASN C 341 -0.84 3.45 -16.85
N GLN C 342 0.38 2.97 -16.59
CA GLN C 342 1.53 3.80 -16.33
C GLN C 342 1.67 5.00 -17.28
N LEU C 343 1.53 4.76 -18.58
CA LEU C 343 1.60 5.79 -19.57
C LEU C 343 0.42 6.75 -19.60
N ALA C 344 -0.79 6.24 -19.40
CA ALA C 344 -1.94 7.11 -19.23
C ALA C 344 -1.74 8.10 -18.06
N THR C 345 -1.30 7.64 -16.89
CA THR C 345 -1.17 8.59 -15.78
C THR C 345 -0.08 9.65 -16.03
N ASP C 346 1.03 9.20 -16.58
CA ASP C 346 2.12 10.04 -16.99
C ASP C 346 1.82 11.10 -18.08
N ALA C 347 0.94 10.72 -19.02
CA ALA C 347 0.40 11.64 -20.02
C ALA C 347 -0.42 12.73 -19.34
N VAL C 348 -1.31 12.32 -18.43
CA VAL C 348 -2.07 13.31 -17.71
C VAL C 348 -1.04 14.25 -17.08
N GLN C 349 -0.08 13.64 -16.37
CA GLN C 349 0.93 14.37 -15.63
C GLN C 349 1.65 15.37 -16.49
N ILE C 350 2.23 14.90 -17.59
CA ILE C 350 3.03 15.80 -18.42
C ILE C 350 2.16 17.01 -18.79
N LEU C 351 0.85 16.79 -18.98
CA LEU C 351 -0.03 17.91 -19.34
C LEU C 351 -0.43 18.83 -18.20
N GLY C 352 -0.02 18.56 -16.97
CA GLY C 352 -0.39 19.36 -15.82
C GLY C 352 -1.88 19.47 -15.60
N GLY C 353 -2.31 20.58 -15.01
CA GLY C 353 -3.72 20.89 -14.86
C GLY C 353 -4.54 20.63 -16.10
N ASN C 354 -3.96 20.92 -17.26
CA ASN C 354 -4.72 20.66 -18.48
C ASN C 354 -5.09 19.15 -18.62
N GLY C 355 -4.18 18.27 -18.21
CA GLY C 355 -4.37 16.85 -18.38
C GLY C 355 -5.58 16.37 -17.60
N PHE C 356 -5.84 16.99 -16.47
CA PHE C 356 -6.90 16.60 -15.59
C PHE C 356 -8.21 17.09 -16.13
N ASN C 357 -8.16 17.90 -17.18
CA ASN C 357 -9.35 18.48 -17.75
C ASN C 357 -10.01 17.63 -18.81
N THR C 358 -11.31 17.73 -18.84
CA THR C 358 -12.12 17.13 -19.84
C THR C 358 -11.91 17.54 -21.30
N GLU C 359 -11.47 18.77 -21.59
CA GLU C 359 -11.30 19.16 -23.00
C GLU C 359 -10.02 18.62 -23.60
N TYR C 360 -9.10 18.15 -22.78
CA TYR C 360 -7.88 17.54 -23.32
C TYR C 360 -8.08 16.01 -23.34
N PRO C 361 -7.45 15.30 -24.26
CA PRO C 361 -7.80 13.91 -24.49
C PRO C 361 -7.20 12.91 -23.48
N VAL C 362 -6.33 13.36 -22.57
CA VAL C 362 -5.59 12.39 -21.76
C VAL C 362 -6.34 11.78 -20.56
N GLU C 363 -7.17 12.53 -19.86
CA GLU C 363 -7.86 11.87 -18.78
C GLU C 363 -8.69 10.72 -19.31
N LYS C 364 -9.29 10.89 -20.47
CA LYS C 364 -10.06 9.74 -20.93
C LYS C 364 -9.21 8.45 -20.94
N LEU C 365 -7.96 8.56 -21.43
CA LEU C 365 -7.06 7.43 -21.66
C LEU C 365 -6.76 6.80 -20.34
N MET C 366 -6.57 7.66 -19.34
CA MET C 366 -6.38 7.18 -18.00
C MET C 366 -7.56 6.30 -17.49
N ARG C 367 -8.81 6.71 -17.77
CA ARG C 367 -10.02 5.97 -17.36
C ARG C 367 -10.15 4.71 -18.19
N ASP C 368 -9.90 4.77 -19.50
CA ASP C 368 -10.01 3.62 -20.32
C ASP C 368 -8.97 2.54 -19.90
N ALA C 369 -7.74 2.96 -19.55
CA ALA C 369 -6.65 1.98 -19.44
C ALA C 369 -6.81 0.96 -18.29
N LYS C 370 -7.51 1.34 -17.25
CA LYS C 370 -7.59 0.48 -16.12
C LYS C 370 -8.16 -0.91 -16.46
N ILE C 371 -9.07 -0.99 -17.43
CA ILE C 371 -9.74 -2.25 -17.70
C ILE C 371 -8.76 -3.36 -18.20
N TYR C 372 -7.69 -2.93 -18.90
CA TYR C 372 -6.68 -3.85 -19.40
C TYR C 372 -6.00 -4.57 -18.29
N GLN C 373 -6.10 -4.09 -17.07
CA GLN C 373 -5.62 -4.87 -15.99
C GLN C 373 -6.64 -5.80 -15.39
N ILE C 374 -7.88 -5.73 -15.90
CA ILE C 374 -8.98 -6.51 -15.31
C ILE C 374 -9.52 -7.56 -16.25
N TYR C 375 -9.95 -7.17 -17.42
CA TYR C 375 -10.71 -8.15 -18.16
C TYR C 375 -9.84 -8.87 -19.18
N GLU C 376 -10.35 -9.98 -19.70
CA GLU C 376 -9.53 -10.89 -20.50
C GLU C 376 -8.34 -11.33 -19.63
N GLY C 377 -8.61 -11.67 -18.36
CA GLY C 377 -7.62 -12.02 -17.32
C GLY C 377 -6.88 -10.87 -16.63
N THR C 378 -6.98 -10.80 -15.30
CA THR C 378 -6.31 -9.73 -14.54
C THR C 378 -4.83 -9.88 -14.46
N SER C 379 -4.18 -8.85 -13.94
CA SER C 379 -2.75 -8.85 -13.84
C SER C 379 -2.27 -10.08 -13.01
N GLN C 380 -2.83 -10.28 -11.84
CA GLN C 380 -2.59 -11.46 -11.03
C GLN C 380 -2.76 -12.75 -11.80
N ILE C 381 -3.89 -12.88 -12.47
CA ILE C 381 -4.14 -14.07 -13.20
C ILE C 381 -3.14 -14.28 -14.34
N GLN C 382 -2.80 -13.19 -15.04
CA GLN C 382 -1.76 -13.26 -16.04
C GLN C 382 -0.53 -13.83 -15.37
N ARG C 383 -0.14 -13.23 -14.25
CA ARG C 383 1.01 -13.68 -13.54
C ARG C 383 0.89 -15.13 -13.13
N LEU C 384 -0.29 -15.61 -12.65
CA LEU C 384 -0.40 -17.08 -12.35
C LEU C 384 -0.03 -17.95 -13.50
N ILE C 385 -0.56 -17.60 -14.67
CA ILE C 385 -0.40 -18.41 -15.86
C ILE C 385 1.04 -18.44 -16.23
N VAL C 386 1.68 -17.30 -16.20
CA VAL C 386 3.12 -17.30 -16.56
C VAL C 386 4.05 -18.13 -15.63
N ALA C 387 3.81 -18.01 -14.33
CA ALA C 387 4.62 -18.69 -13.37
C ALA C 387 4.41 -20.16 -13.65
N ARG C 388 3.16 -20.59 -13.78
CA ARG C 388 2.83 -21.98 -14.12
C ARG C 388 3.66 -22.42 -15.32
N GLU C 389 3.58 -21.66 -16.41
CA GLU C 389 4.25 -22.02 -17.65
C GLU C 389 5.79 -22.06 -17.53
N HIS C 390 6.33 -21.09 -16.81
CA HIS C 390 7.76 -21.00 -16.48
C HIS C 390 8.21 -22.22 -15.69
N ILE C 391 7.58 -22.44 -14.55
CA ILE C 391 7.98 -23.51 -13.71
C ILE C 391 7.98 -24.91 -14.40
N ASP C 392 7.20 -25.12 -15.44
CA ASP C 392 7.22 -26.45 -16.06
C ASP C 392 8.49 -26.72 -16.83
N LYS C 393 9.04 -25.68 -17.45
CA LYS C 393 10.29 -25.83 -18.13
C LYS C 393 11.37 -26.47 -17.22
N TYR C 394 11.13 -26.50 -15.90
CA TYR C 394 12.17 -26.82 -14.92
C TYR C 394 11.96 -28.15 -14.23
N LYS C 395 10.99 -28.92 -14.73
CA LYS C 395 10.64 -30.25 -14.20
C LYS C 395 10.78 -31.27 -15.33
N ASN C 396 10.86 -32.56 -14.95
CA ASN C 396 10.91 -33.66 -15.96
C ASN C 396 9.62 -34.49 -16.13
N LEU D 10 10.54 17.13 24.52
CA LEU D 10 11.33 16.23 25.44
C LEU D 10 10.75 14.75 25.40
N GLY D 11 10.92 14.15 24.23
CA GLY D 11 10.59 12.76 24.00
C GLY D 11 9.79 12.85 22.75
N PHE D 12 9.93 11.88 21.88
CA PHE D 12 8.95 11.75 20.79
C PHE D 12 7.66 11.38 21.42
N SER D 13 6.56 11.90 20.87
CA SER D 13 5.27 11.35 21.16
C SER D 13 4.48 11.11 19.90
N PHE D 14 3.80 9.98 19.80
CA PHE D 14 2.79 9.90 18.75
C PHE D 14 1.35 9.72 19.26
N GLU D 15 0.96 10.38 20.38
CA GLU D 15 -0.46 10.34 20.93
C GLU D 15 -1.08 11.73 20.82
N PHE D 16 -2.31 11.86 20.32
CA PHE D 16 -2.98 13.18 20.25
C PHE D 16 -3.28 13.71 21.63
N THR D 17 -3.54 15.01 21.76
CA THR D 17 -4.10 15.59 23.00
C THR D 17 -5.56 15.15 23.12
N GLU D 18 -6.13 15.13 24.31
CA GLU D 18 -7.54 14.74 24.37
C GLU D 18 -8.42 15.71 23.55
N GLN D 19 -8.09 17.00 23.57
CA GLN D 19 -8.74 17.99 22.73
C GLN D 19 -8.75 17.51 21.30
N GLN D 20 -7.60 17.02 20.79
CA GLN D 20 -7.49 16.61 19.36
C GLN D 20 -8.26 15.33 19.04
N LYS D 21 -8.41 14.44 20.01
CA LYS D 21 -9.23 13.24 19.79
C LYS D 21 -10.72 13.55 19.64
N GLU D 22 -11.23 14.47 20.46
CA GLU D 22 -12.59 14.93 20.30
C GLU D 22 -12.76 15.57 18.93
N PHE D 23 -11.82 16.43 18.52
CA PHE D 23 -11.81 17.04 17.16
C PHE D 23 -11.95 15.99 16.05
N GLN D 24 -11.09 14.99 16.15
CA GLN D 24 -11.09 13.88 15.25
C GLN D 24 -12.45 13.14 15.30
N ALA D 25 -12.98 12.88 16.49
CA ALA D 25 -14.23 12.16 16.61
C ALA D 25 -15.38 12.95 15.94
N THR D 26 -15.47 14.26 16.20
CA THR D 26 -16.39 15.09 15.47
C THR D 26 -16.10 15.05 14.00
N ALA D 27 -14.88 15.31 13.59
CA ALA D 27 -14.63 15.30 12.14
C ALA D 27 -14.98 13.94 11.48
N ARG D 28 -14.66 12.83 12.16
CA ARG D 28 -15.02 11.51 11.70
C ARG D 28 -16.55 11.25 11.75
N LYS D 29 -17.24 11.69 12.81
CA LYS D 29 -18.70 11.53 12.83
C LYS D 29 -19.30 12.17 11.61
N PHE D 30 -19.04 13.44 11.41
CA PHE D 30 -19.60 14.16 10.29
C PHE D 30 -19.25 13.54 8.94
N ALA D 31 -18.02 13.06 8.79
CA ALA D 31 -17.60 12.53 7.50
C ALA D 31 -18.23 11.17 7.20
N ARG D 32 -18.23 10.30 8.19
CA ARG D 32 -18.83 9.01 7.98
C ARG D 32 -20.36 9.11 7.79
N GLU D 33 -21.03 9.97 8.60
CA GLU D 33 -22.50 10.03 8.65
C GLU D 33 -23.14 11.00 7.70
N GLU D 34 -22.50 12.12 7.44
CA GLU D 34 -23.10 13.08 6.54
C GLU D 34 -22.44 13.22 5.18
N ILE D 35 -21.10 13.11 5.07
CA ILE D 35 -20.47 13.21 3.73
C ILE D 35 -20.67 11.94 2.91
N ILE D 36 -20.24 10.79 3.44
CA ILE D 36 -20.23 9.52 2.69
C ILE D 36 -21.59 9.20 2.08
N PRO D 37 -22.66 9.23 2.86
CA PRO D 37 -23.92 8.77 2.30
C PRO D 37 -24.33 9.53 1.03
N VAL D 38 -23.87 10.79 0.85
CA VAL D 38 -24.19 11.60 -0.38
C VAL D 38 -23.00 11.93 -1.37
N ALA D 39 -21.78 11.51 -1.04
CA ALA D 39 -20.61 11.76 -1.90
C ALA D 39 -20.77 11.26 -3.34
N ALA D 40 -21.48 10.16 -3.58
CA ALA D 40 -21.55 9.68 -4.93
C ALA D 40 -22.52 10.56 -5.74
N GLU D 41 -23.63 10.98 -5.12
CA GLU D 41 -24.53 11.96 -5.75
C GLU D 41 -23.75 13.20 -6.19
N TYR D 42 -23.03 13.80 -5.24
CA TYR D 42 -22.32 15.01 -5.55
C TYR D 42 -21.27 14.79 -6.65
N ASP D 43 -20.63 13.60 -6.67
CA ASP D 43 -19.75 13.26 -7.79
C ASP D 43 -20.49 13.04 -9.15
N LYS D 44 -21.63 12.34 -9.14
CA LYS D 44 -22.43 12.17 -10.40
C LYS D 44 -22.80 13.55 -10.95
N THR D 45 -23.31 14.44 -10.11
CA THR D 45 -23.97 15.64 -10.62
C THR D 45 -23.07 16.88 -10.71
N GLY D 46 -21.87 16.83 -10.13
CA GLY D 46 -20.99 17.99 -10.12
C GLY D 46 -21.58 19.22 -9.44
N GLU D 47 -22.67 19.06 -8.70
CA GLU D 47 -23.20 20.23 -7.98
C GLU D 47 -22.38 20.51 -6.69
N TYR D 48 -22.23 21.80 -6.37
CA TYR D 48 -21.40 22.25 -5.26
C TYR D 48 -22.06 21.87 -3.92
N PRO D 49 -21.33 21.20 -3.01
CA PRO D 49 -21.91 20.63 -1.79
C PRO D 49 -22.35 21.66 -0.67
N VAL D 50 -22.97 22.75 -1.09
CA VAL D 50 -23.42 23.83 -0.19
C VAL D 50 -23.99 23.36 1.18
N PRO D 51 -25.00 22.48 1.21
CA PRO D 51 -25.55 21.98 2.48
C PRO D 51 -24.48 21.44 3.43
N LEU D 52 -23.46 20.81 2.84
CA LEU D 52 -22.39 20.20 3.62
C LEU D 52 -21.38 21.19 4.18
N ILE D 53 -21.01 22.20 3.38
CA ILE D 53 -20.06 23.27 3.77
C ILE D 53 -20.65 23.97 4.95
N ARG D 54 -21.88 24.47 4.77
CA ARG D 54 -22.67 25.10 5.82
C ARG D 54 -22.72 24.25 7.12
N ARG D 55 -22.82 22.93 6.99
CA ARG D 55 -22.76 22.06 8.15
C ARG D 55 -21.40 22.06 8.78
N ALA D 56 -20.38 21.86 7.97
CA ALA D 56 -19.03 21.78 8.51
C ALA D 56 -18.68 23.12 9.19
N TRP D 57 -19.20 24.20 8.62
CA TRP D 57 -18.99 25.54 9.13
C TRP D 57 -19.68 25.69 10.46
N GLU D 58 -20.95 25.34 10.53
CA GLU D 58 -21.68 25.20 11.79
C GLU D 58 -20.94 24.40 12.82
N LEU D 59 -20.16 23.42 12.37
CA LEU D 59 -19.46 22.54 13.31
C LEU D 59 -18.14 23.08 13.86
N GLY D 60 -17.56 24.05 13.14
CA GLY D 60 -16.32 24.72 13.55
C GLY D 60 -15.14 24.09 12.86
N LEU D 61 -15.41 23.49 11.71
CA LEU D 61 -14.47 22.62 11.07
C LEU D 61 -13.82 23.36 9.96
N MET D 62 -14.31 24.56 9.67
CA MET D 62 -13.77 25.33 8.56
C MET D 62 -12.99 26.43 9.20
N ASN D 63 -12.25 27.18 8.38
CA ASN D 63 -11.41 28.30 8.79
C ASN D 63 -10.84 28.13 10.19
N THR D 64 -10.17 26.99 10.42
CA THR D 64 -9.66 26.63 11.76
C THR D 64 -8.48 27.50 12.19
N HIS D 65 -7.92 28.24 11.22
CA HIS D 65 -6.61 28.90 11.37
C HIS D 65 -6.77 30.33 11.86
N ILE D 66 -7.86 30.97 11.41
CA ILE D 66 -8.32 32.26 11.93
C ILE D 66 -8.13 32.41 13.45
N PRO D 67 -7.34 33.41 13.84
CA PRO D 67 -6.93 33.61 15.23
C PRO D 67 -8.14 33.97 16.09
N GLU D 68 -7.97 33.83 17.40
CA GLU D 68 -9.03 34.10 18.35
C GLU D 68 -9.60 35.54 18.29
N ASN D 69 -8.71 36.52 18.39
CA ASN D 69 -9.09 37.91 18.36
C ASN D 69 -9.79 38.34 17.05
N CYS D 70 -10.04 37.39 16.14
CA CYS D 70 -10.77 37.69 14.89
C CYS D 70 -12.04 36.88 14.85
N GLY D 71 -12.43 36.34 16.01
CA GLY D 71 -13.58 35.49 16.10
C GLY D 71 -13.38 34.03 15.71
N GLY D 72 -12.15 33.60 15.39
CA GLY D 72 -11.83 32.23 14.98
C GLY D 72 -11.26 31.39 16.10
N LEU D 73 -10.83 30.16 15.78
CA LEU D 73 -10.31 29.23 16.80
C LEU D 73 -8.81 29.27 17.02
N GLY D 74 -8.09 30.00 16.16
CA GLY D 74 -6.62 30.09 16.22
C GLY D 74 -5.93 28.74 16.40
N LEU D 75 -6.26 27.79 15.54
CA LEU D 75 -5.78 26.44 15.71
C LEU D 75 -4.57 26.15 14.82
N GLY D 76 -3.75 25.19 15.23
CA GLY D 76 -2.51 24.88 14.53
C GLY D 76 -2.65 24.15 13.20
N THR D 77 -1.55 24.04 12.47
CA THR D 77 -1.52 23.25 11.26
C THR D 77 -1.77 21.77 11.58
N PHE D 78 -1.30 21.28 12.73
CA PHE D 78 -1.47 19.85 13.06
C PHE D 78 -2.97 19.43 13.16
N ASP D 79 -3.77 20.36 13.68
CA ASP D 79 -5.19 20.18 13.89
C ASP D 79 -5.93 20.17 12.53
N ALA D 80 -5.53 21.05 11.60
CA ALA D 80 -6.25 21.13 10.30
C ALA D 80 -6.03 19.83 9.57
N CYS D 81 -4.79 19.35 9.65
CA CYS D 81 -4.39 18.13 9.01
C CYS D 81 -5.24 16.98 9.50
N LEU D 82 -5.44 16.91 10.82
CA LEU D 82 -6.16 15.74 11.32
C LEU D 82 -7.63 15.83 10.99
N ILE D 83 -8.19 17.04 11.04
CA ILE D 83 -9.56 17.24 10.59
C ILE D 83 -9.72 16.88 9.11
N SER D 84 -8.76 17.31 8.31
CA SER D 84 -8.98 17.24 6.93
C SER D 84 -8.75 15.81 6.39
N GLU D 85 -7.85 15.05 7.05
CA GLU D 85 -7.78 13.61 6.74
C GLU D 85 -9.14 12.98 6.88
N GLU D 86 -9.82 13.22 8.02
CA GLU D 86 -11.13 12.69 8.32
C GLU D 86 -12.12 13.08 7.26
N LEU D 87 -12.07 14.32 6.73
CA LEU D 87 -12.98 14.76 5.69
C LEU D 87 -12.67 14.19 4.28
N ALA D 88 -11.39 14.12 3.93
CA ALA D 88 -10.99 13.51 2.67
C ALA D 88 -11.51 12.07 2.56
N TYR D 89 -11.43 11.36 3.68
CA TYR D 89 -11.91 10.00 3.76
C TYR D 89 -13.38 9.95 3.26
N GLY D 90 -14.07 11.05 3.50
CA GLY D 90 -15.45 11.17 3.07
C GLY D 90 -15.53 11.45 1.60
N CYS D 91 -14.88 12.54 1.20
CA CYS D 91 -14.82 12.94 -0.19
C CYS D 91 -13.76 14.00 -0.37
N THR D 92 -12.82 13.81 -1.28
CA THR D 92 -11.82 14.89 -1.45
C THR D 92 -12.38 16.05 -2.22
N GLY D 93 -13.46 15.82 -2.99
CA GLY D 93 -14.27 16.90 -3.60
C GLY D 93 -14.62 17.92 -2.51
N VAL D 94 -15.23 17.43 -1.44
CA VAL D 94 -15.72 18.34 -0.43
C VAL D 94 -14.63 18.77 0.48
N GLN D 95 -13.68 17.89 0.77
CA GLN D 95 -12.55 18.29 1.64
C GLN D 95 -11.81 19.45 0.98
N THR D 96 -11.67 19.41 -0.36
CA THR D 96 -11.00 20.43 -1.17
C THR D 96 -11.76 21.76 -1.22
N ALA D 97 -13.11 21.70 -1.25
CA ALA D 97 -13.90 22.95 -1.30
C ALA D 97 -13.65 23.71 -0.02
N ILE D 98 -13.73 23.01 1.11
CA ILE D 98 -13.51 23.62 2.44
C ILE D 98 -12.02 23.95 2.75
N GLU D 99 -11.10 23.16 2.24
CA GLU D 99 -9.71 23.52 2.42
C GLU D 99 -9.33 24.79 1.70
N GLY D 100 -9.92 25.00 0.54
CA GLY D 100 -9.55 26.16 -0.24
C GLY D 100 -9.81 27.44 0.53
N ASN D 101 -10.65 27.37 1.57
CA ASN D 101 -10.80 28.57 2.35
C ASN D 101 -9.58 28.92 3.15
N SER D 102 -8.94 27.93 3.77
CA SER D 102 -7.63 28.10 4.46
C SER D 102 -6.55 28.55 3.51
N LEU D 103 -6.62 28.06 2.28
CA LEU D 103 -5.60 28.38 1.32
C LEU D 103 -5.67 29.87 0.94
N GLY D 104 -6.88 30.35 0.72
CA GLY D 104 -7.10 31.77 0.47
C GLY D 104 -6.88 32.62 1.70
N GLN D 105 -7.11 32.05 2.86
CA GLN D 105 -6.94 32.86 4.01
C GLN D 105 -5.49 32.97 4.44
N MET D 106 -4.68 31.96 4.15
CA MET D 106 -3.32 31.89 4.73
C MET D 106 -2.47 33.14 4.51
N PRO D 107 -2.42 33.71 3.30
CA PRO D 107 -1.66 34.94 3.08
C PRO D 107 -2.08 36.05 4.04
N ILE D 108 -3.37 36.10 4.34
CA ILE D 108 -3.87 37.11 5.24
C ILE D 108 -3.45 36.80 6.66
N ILE D 109 -3.63 35.56 7.08
CA ILE D 109 -3.16 35.15 8.40
C ILE D 109 -1.64 35.33 8.62
N ILE D 110 -0.82 34.97 7.64
CA ILE D 110 0.59 35.18 7.87
C ILE D 110 1.03 36.62 7.66
N ALA D 111 0.38 37.37 6.77
CA ALA D 111 1.05 38.59 6.33
C ALA D 111 0.18 39.83 6.17
N GLY D 112 -0.76 40.02 7.10
CA GLY D 112 -1.77 41.08 6.96
C GLY D 112 -2.01 41.84 8.24
N ASN D 113 -2.34 43.13 8.10
CA ASN D 113 -2.39 44.06 9.23
C ASN D 113 -3.68 43.92 10.02
N ASP D 114 -3.72 44.41 11.26
CA ASP D 114 -4.94 44.19 12.05
C ASP D 114 -6.22 44.58 11.32
N GLN D 115 -6.21 45.70 10.61
CA GLN D 115 -7.40 46.09 9.85
C GLN D 115 -7.85 44.99 8.82
N GLN D 116 -6.87 44.43 8.12
CA GLN D 116 -7.10 43.41 7.13
C GLN D 116 -7.61 42.11 7.75
N LYS D 117 -6.92 41.62 8.79
CA LYS D 117 -7.35 40.36 9.41
C LYS D 117 -8.77 40.46 10.00
N LYS D 118 -9.13 41.58 10.65
CA LYS D 118 -10.48 41.72 11.21
C LYS D 118 -11.51 41.85 10.09
N LYS D 119 -11.13 42.47 8.97
CA LYS D 119 -12.09 42.81 7.94
C LYS D 119 -12.53 41.58 7.16
N TYR D 120 -11.52 40.82 6.72
CA TYR D 120 -11.66 39.75 5.75
C TYR D 120 -11.67 38.39 6.37
N LEU D 121 -11.10 38.26 7.55
CA LEU D 121 -11.24 36.99 8.25
C LEU D 121 -12.50 37.02 9.11
N GLY D 122 -12.85 38.22 9.58
CA GLY D 122 -14.01 38.39 10.45
C GLY D 122 -15.28 37.93 9.76
N ARG D 123 -15.47 38.29 8.50
CA ARG D 123 -16.68 37.88 7.80
C ARG D 123 -16.83 36.38 7.90
N MET D 124 -15.71 35.63 7.79
CA MET D 124 -15.73 34.17 7.64
C MET D 124 -16.21 33.51 8.93
N THR D 125 -16.03 34.22 10.03
CA THR D 125 -16.51 33.84 11.33
C THR D 125 -18.00 34.01 11.42
N GLU D 126 -18.57 34.93 10.63
CA GLU D 126 -19.95 35.41 10.82
C GLU D 126 -21.01 34.75 9.89
N GLU D 127 -20.87 34.88 8.59
CA GLU D 127 -21.61 34.02 7.62
C GLU D 127 -20.64 32.82 7.24
N PRO D 128 -21.11 31.76 6.59
CA PRO D 128 -20.17 30.78 5.97
C PRO D 128 -19.85 31.11 4.53
N LEU D 129 -18.96 32.05 4.31
CA LEU D 129 -18.56 32.44 2.93
C LEU D 129 -17.28 31.73 2.52
N MET D 130 -17.02 31.66 1.20
CA MET D 130 -15.81 31.00 0.66
C MET D 130 -14.82 32.01 0.13
N CYS D 131 -13.55 31.67 0.14
CA CYS D 131 -12.56 32.52 -0.53
C CYS D 131 -11.66 31.61 -1.29
N ALA D 132 -10.81 32.19 -2.13
CA ALA D 132 -10.03 31.40 -3.04
C ALA D 132 -8.68 32.02 -3.28
N TYR D 133 -7.72 31.18 -3.57
CA TYR D 133 -6.35 31.59 -3.82
C TYR D 133 -6.14 31.73 -5.35
N CYS D 134 -5.97 32.97 -5.83
CA CYS D 134 -5.84 33.22 -7.27
C CYS D 134 -4.44 33.40 -7.76
N VAL D 135 -3.84 32.34 -8.31
CA VAL D 135 -2.46 32.48 -8.72
C VAL D 135 -2.21 31.90 -10.11
N THR D 136 -2.73 30.71 -10.39
CA THR D 136 -2.40 30.08 -11.65
C THR D 136 -2.93 30.91 -12.84
N GLU D 137 -2.32 30.77 -14.00
CA GLU D 137 -2.88 31.37 -15.21
C GLU D 137 -2.79 30.40 -16.39
N PRO D 138 -3.57 30.62 -17.45
CA PRO D 138 -3.57 29.75 -18.63
C PRO D 138 -2.21 29.29 -19.09
N GLY D 139 -1.14 29.94 -18.63
CA GLY D 139 0.20 29.80 -19.24
C GLY D 139 1.37 29.71 -18.25
N ALA D 140 1.07 29.93 -16.97
CA ALA D 140 1.93 29.52 -15.90
C ALA D 140 1.12 29.04 -14.67
N GLY D 141 1.66 27.97 -14.07
CA GLY D 141 1.13 27.30 -12.91
C GLY D 141 2.31 26.98 -12.04
N SER D 142 3.12 25.99 -12.45
CA SER D 142 4.27 25.65 -11.62
C SER D 142 5.32 26.76 -11.60
N ASP D 143 5.35 27.56 -12.65
CA ASP D 143 6.27 28.67 -12.70
C ASP D 143 5.59 29.93 -12.23
N VAL D 144 5.25 29.95 -10.95
CA VAL D 144 4.64 31.13 -10.34
C VAL D 144 5.29 32.42 -10.89
N ALA D 145 6.60 32.41 -10.91
CA ALA D 145 7.36 33.55 -11.39
C ALA D 145 7.04 33.97 -12.83
N GLY D 146 6.37 33.11 -13.60
CA GLY D 146 6.02 33.43 -14.97
C GLY D 146 4.58 33.93 -15.08
N ILE D 147 3.99 34.22 -13.91
CA ILE D 147 2.70 34.91 -13.80
C ILE D 147 2.80 36.29 -14.47
N LYS D 148 1.81 36.57 -15.32
CA LYS D 148 1.75 37.75 -16.19
C LYS D 148 0.52 38.66 -16.00
N THR D 149 -0.19 38.56 -14.89
CA THR D 149 -1.40 39.34 -14.66
C THR D 149 -0.88 40.66 -14.10
N LYS D 150 -0.92 41.72 -14.91
CA LYS D 150 -0.34 43.00 -14.46
C LYS D 150 -1.23 43.71 -13.46
N ALA D 151 -0.59 44.35 -12.50
CA ALA D 151 -1.20 45.26 -11.53
C ALA D 151 -0.47 46.62 -11.62
N GLU D 152 -1.17 47.72 -11.93
CA GLU D 152 -0.54 49.07 -11.92
C GLU D 152 -1.11 50.20 -10.98
N LYS D 153 -0.22 51.01 -10.40
CA LYS D 153 -0.63 52.04 -9.43
C LYS D 153 -1.33 53.22 -10.13
N LYS D 154 -2.38 53.72 -9.50
CA LYS D 154 -3.01 55.00 -9.83
C LYS D 154 -3.18 55.78 -8.51
N GLY D 155 -2.02 56.10 -7.93
CA GLY D 155 -1.89 56.62 -6.55
C GLY D 155 -2.81 55.89 -5.61
N ASP D 156 -3.90 56.59 -5.27
CA ASP D 156 -5.14 56.02 -4.75
C ASP D 156 -5.21 54.45 -4.65
N GLU D 157 -5.07 53.74 -5.78
CA GLU D 157 -5.45 52.31 -5.90
C GLU D 157 -4.62 51.55 -6.96
N TYR D 158 -4.96 50.27 -7.20
CA TYR D 158 -4.25 49.48 -8.24
C TYR D 158 -5.17 48.96 -9.30
N ILE D 159 -4.64 48.77 -10.50
CA ILE D 159 -5.44 48.28 -11.60
C ILE D 159 -4.93 46.95 -12.16
N ILE D 160 -5.78 45.93 -11.97
CA ILE D 160 -5.48 44.54 -12.28
C ILE D 160 -5.95 44.17 -13.70
N ASN D 161 -5.06 43.60 -14.49
CA ASN D 161 -5.43 43.12 -15.82
C ASN D 161 -4.84 41.76 -16.10
N GLY D 162 -5.69 40.85 -16.55
CA GLY D 162 -5.17 39.59 -16.99
C GLY D 162 -6.09 38.51 -16.53
N GLN D 163 -5.54 37.30 -16.45
CA GLN D 163 -6.37 36.11 -16.46
C GLN D 163 -5.89 34.95 -15.60
N LYS D 164 -6.76 34.47 -14.72
CA LYS D 164 -6.46 33.33 -13.82
C LYS D 164 -7.09 32.01 -14.30
N MET D 165 -6.41 30.88 -14.13
CA MET D 165 -7.04 29.56 -14.40
C MET D 165 -7.04 28.56 -13.20
N TRP D 166 -7.99 27.61 -13.26
CA TRP D 166 -8.11 26.50 -12.31
C TRP D 166 -8.23 26.99 -10.93
N ILE D 167 -9.18 27.90 -10.63
CA ILE D 167 -9.34 28.40 -9.25
C ILE D 167 -10.38 27.73 -8.36
N THR D 168 -9.93 26.96 -7.38
CA THR D 168 -10.84 26.31 -6.43
C THR D 168 -11.69 27.38 -5.80
N ASN D 169 -13.00 27.15 -5.73
CA ASN D 169 -13.97 28.07 -5.08
C ASN D 169 -14.10 29.36 -5.84
N GLY D 170 -13.50 29.34 -7.03
CA GLY D 170 -13.39 30.51 -7.88
C GLY D 170 -14.69 31.17 -8.31
N GLY D 171 -15.84 30.56 -7.99
CA GLY D 171 -17.12 31.12 -8.41
C GLY D 171 -18.05 31.15 -7.22
N LYS D 172 -17.54 30.72 -6.09
CA LYS D 172 -18.34 30.78 -4.92
C LYS D 172 -17.68 31.62 -3.85
N ALA D 173 -16.76 32.54 -4.23
CA ALA D 173 -15.95 33.27 -3.21
C ALA D 173 -16.38 34.67 -2.95
N ASN D 174 -16.29 35.05 -1.68
CA ASN D 174 -16.52 36.39 -1.22
C ASN D 174 -15.36 37.23 -1.67
N TRP D 175 -14.15 36.78 -1.34
CA TRP D 175 -12.93 37.42 -1.81
C TRP D 175 -11.78 36.49 -2.28
N TYR D 176 -10.73 37.11 -2.77
CA TYR D 176 -9.60 36.43 -3.35
C TYR D 176 -8.29 36.86 -2.71
N PHE D 177 -7.39 35.94 -2.49
CA PHE D 177 -6.01 36.36 -2.47
C PHE D 177 -5.55 36.22 -3.91
N LEU D 178 -5.05 37.30 -4.47
CA LEU D 178 -4.70 37.38 -5.89
C LEU D 178 -3.30 37.90 -5.96
N LEU D 179 -2.47 37.26 -6.81
CA LEU D 179 -1.03 37.61 -6.95
C LEU D 179 -0.80 38.08 -8.35
N ALA D 180 -0.20 39.25 -8.49
CA ALA D 180 -0.02 39.85 -9.82
C ALA D 180 1.39 40.48 -10.03
N ARG D 181 1.86 40.47 -11.28
CA ARG D 181 3.05 41.20 -11.66
C ARG D 181 2.85 42.71 -11.49
N SER D 182 3.53 43.21 -10.44
CA SER D 182 3.64 44.62 -10.02
C SER D 182 4.66 45.44 -10.75
N ASP D 183 5.61 44.76 -11.41
CA ASP D 183 6.81 45.39 -11.96
C ASP D 183 7.09 44.98 -13.39
N PRO D 184 7.00 45.91 -14.36
CA PRO D 184 7.11 45.56 -15.79
C PRO D 184 8.50 45.06 -16.26
N ASP D 185 9.56 45.59 -15.64
CA ASP D 185 10.94 45.21 -16.01
C ASP D 185 11.14 43.66 -15.95
N PRO D 186 11.31 43.00 -17.10
CA PRO D 186 11.48 41.52 -17.09
C PRO D 186 12.80 41.07 -16.49
N LYS D 187 13.80 41.95 -16.47
CA LYS D 187 15.02 41.70 -15.66
C LYS D 187 14.81 41.90 -14.12
N ALA D 188 13.57 42.09 -13.65
CA ALA D 188 13.37 42.26 -12.21
C ALA D 188 13.33 40.93 -11.48
N PRO D 189 13.95 40.89 -10.30
CA PRO D 189 14.00 39.67 -9.50
C PRO D 189 12.61 39.29 -8.98
N ALA D 190 12.36 37.99 -8.89
CA ALA D 190 11.03 37.50 -8.65
C ALA D 190 10.56 37.91 -7.24
N ASN D 191 11.49 37.89 -6.30
CA ASN D 191 11.21 38.25 -4.92
C ASN D 191 10.81 39.70 -4.68
N LYS D 192 10.89 40.54 -5.70
CA LYS D 192 10.43 41.90 -5.52
C LYS D 192 9.38 42.33 -6.58
N ALA D 193 9.25 41.54 -7.66
CA ALA D 193 8.28 41.71 -8.79
C ALA D 193 6.72 41.53 -8.59
N PHE D 194 6.27 40.92 -7.51
CA PHE D 194 4.86 40.64 -7.47
C PHE D 194 4.24 41.29 -6.28
N THR D 195 3.01 41.77 -6.45
CA THR D 195 2.30 42.26 -5.30
C THR D 195 1.14 41.32 -5.11
N GLY D 196 0.84 40.98 -3.87
CA GLY D 196 -0.36 40.17 -3.62
C GLY D 196 -1.48 41.01 -3.00
N PHE D 197 -2.69 40.85 -3.52
CA PHE D 197 -3.79 41.65 -3.05
C PHE D 197 -4.94 40.87 -2.40
N ILE D 198 -5.73 41.52 -1.56
CA ILE D 198 -7.03 40.98 -1.22
C ILE D 198 -7.93 41.59 -2.24
N VAL D 199 -8.85 40.83 -2.85
CA VAL D 199 -9.71 41.34 -3.93
C VAL D 199 -11.15 40.88 -3.83
N GLU D 200 -12.03 41.76 -3.34
CA GLU D 200 -13.49 41.50 -3.21
C GLU D 200 -14.02 41.07 -4.55
N ALA D 201 -14.81 39.99 -4.54
CA ALA D 201 -15.23 39.30 -5.79
C ALA D 201 -16.35 39.95 -6.59
N ASP D 202 -17.19 40.76 -5.93
CA ASP D 202 -18.20 41.54 -6.64
C ASP D 202 -17.60 42.73 -7.47
N THR D 203 -16.32 43.06 -7.26
CA THR D 203 -15.70 44.23 -7.92
C THR D 203 -15.90 44.29 -9.43
N PRO D 204 -16.41 45.40 -9.94
CA PRO D 204 -16.64 45.53 -11.37
C PRO D 204 -15.37 45.20 -12.13
N GLY D 205 -15.52 44.49 -13.26
CA GLY D 205 -14.40 44.05 -14.12
C GLY D 205 -13.98 42.59 -14.00
N ILE D 206 -14.31 41.96 -12.88
CA ILE D 206 -14.20 40.52 -12.71
C ILE D 206 -15.20 39.72 -13.60
N GLN D 207 -14.69 38.86 -14.47
CA GLN D 207 -15.56 37.91 -15.17
C GLN D 207 -15.20 36.48 -14.77
N ILE D 208 -16.00 35.91 -13.86
CA ILE D 208 -15.93 34.51 -13.57
C ILE D 208 -16.46 33.61 -14.73
N GLY D 209 -15.76 32.52 -14.98
CA GLY D 209 -16.11 31.59 -16.05
C GLY D 209 -17.02 30.45 -15.66
N ARG D 210 -17.38 29.66 -16.65
CA ARG D 210 -18.28 28.56 -16.43
C ARG D 210 -17.53 27.51 -15.63
N LYS D 211 -18.23 26.57 -15.00
CA LYS D 211 -17.55 25.52 -14.25
C LYS D 211 -16.65 24.71 -15.18
N GLU D 212 -15.44 24.43 -14.71
CA GLU D 212 -14.55 23.49 -15.36
C GLU D 212 -14.94 22.01 -15.06
N LEU D 213 -15.16 21.28 -16.15
CA LEU D 213 -15.59 19.90 -16.09
C LEU D 213 -14.35 19.02 -16.09
N ASN D 214 -13.87 18.63 -14.91
CA ASN D 214 -12.65 17.83 -14.73
C ASN D 214 -12.92 16.38 -14.50
N MET D 215 -11.87 15.55 -14.47
CA MET D 215 -12.03 14.10 -14.35
C MET D 215 -12.46 13.67 -12.96
N GLY D 216 -11.96 14.37 -11.93
CA GLY D 216 -12.18 14.00 -10.53
C GLY D 216 -12.45 15.23 -9.68
N GLN D 217 -12.90 14.96 -8.44
CA GLN D 217 -13.36 15.94 -7.43
C GLN D 217 -14.33 16.86 -8.08
N ARG D 218 -15.28 16.26 -8.79
CA ARG D 218 -16.20 16.97 -9.61
C ARG D 218 -17.05 17.98 -8.86
N CYS D 219 -17.28 17.78 -7.56
CA CYS D 219 -18.19 18.67 -6.86
C CYS D 219 -17.48 19.93 -6.32
N SER D 220 -16.16 19.95 -6.48
CA SER D 220 -15.37 21.09 -6.16
C SER D 220 -15.68 22.10 -7.24
N ASP D 221 -15.78 23.36 -6.84
CA ASP D 221 -15.90 24.40 -7.83
C ASP D 221 -14.49 24.82 -8.26
N THR D 222 -14.20 24.74 -9.56
CA THR D 222 -12.90 25.10 -10.14
C THR D 222 -13.26 25.89 -11.32
N ARG D 223 -12.76 27.12 -11.42
CA ARG D 223 -13.01 27.85 -12.64
C ARG D 223 -12.05 28.94 -12.89
N GLY D 224 -12.05 29.41 -14.13
CA GLY D 224 -11.15 30.43 -14.61
C GLY D 224 -11.80 31.79 -14.44
N ILE D 225 -10.98 32.83 -14.39
CA ILE D 225 -11.49 34.16 -14.09
C ILE D 225 -10.74 35.15 -14.96
N VAL D 226 -11.46 36.04 -15.65
CA VAL D 226 -10.80 37.20 -16.27
C VAL D 226 -10.88 38.44 -15.41
N PHE D 227 -9.78 39.18 -15.28
CA PHE D 227 -9.75 40.51 -14.67
C PHE D 227 -9.55 41.58 -15.71
N GLU D 228 -10.49 42.52 -15.78
CA GLU D 228 -10.38 43.66 -16.69
C GLU D 228 -10.62 45.00 -16.01
N ASP D 229 -9.50 45.70 -15.84
CA ASP D 229 -9.48 47.03 -15.28
C ASP D 229 -10.09 47.03 -13.88
N VAL D 230 -9.90 45.95 -13.13
CA VAL D 230 -10.36 45.84 -11.77
C VAL D 230 -9.64 46.87 -10.89
N LYS D 231 -10.42 47.74 -10.22
CA LYS D 231 -9.89 48.72 -9.23
C LYS D 231 -9.78 48.09 -7.83
N VAL D 232 -8.58 48.02 -7.25
CA VAL D 232 -8.38 47.40 -5.94
C VAL D 232 -7.76 48.44 -5.06
N PRO D 233 -8.29 48.66 -3.87
CA PRO D 233 -7.80 49.72 -3.02
C PRO D 233 -6.49 49.40 -2.31
N LYS D 234 -5.50 50.28 -2.49
CA LYS D 234 -4.29 50.44 -1.66
C LYS D 234 -4.25 49.79 -0.24
N GLU D 235 -5.27 49.98 0.62
CA GLU D 235 -5.27 49.33 1.95
C GLU D 235 -5.42 47.79 1.88
N ASN D 236 -5.76 47.29 0.69
CA ASN D 236 -5.81 45.87 0.44
C ASN D 236 -4.52 45.22 -0.03
N VAL D 237 -3.42 45.95 -0.17
CA VAL D 237 -2.13 45.34 -0.52
C VAL D 237 -1.54 44.57 0.63
N LEU D 238 -0.91 43.43 0.35
CA LEU D 238 -0.49 42.56 1.44
C LEU D 238 0.60 43.13 2.35
N ILE D 239 1.82 43.34 1.87
CA ILE D 239 2.77 44.00 2.77
C ILE D 239 3.22 45.34 2.23
N GLY D 240 3.19 45.44 0.93
CA GLY D 240 3.71 46.60 0.31
C GLY D 240 3.95 46.10 -1.08
N ASP D 241 4.27 47.02 -1.97
CA ASP D 241 4.51 46.74 -3.35
C ASP D 241 5.71 45.79 -3.49
N GLY D 242 5.55 44.76 -4.31
CA GLY D 242 6.65 43.86 -4.63
C GLY D 242 6.82 42.71 -3.67
N ALA D 243 6.11 42.77 -2.54
CA ALA D 243 6.29 41.79 -1.46
C ALA D 243 5.56 40.45 -1.70
N GLY D 244 4.67 40.45 -2.70
CA GLY D 244 3.79 39.32 -3.00
C GLY D 244 4.38 37.92 -2.97
N PHE D 245 5.49 37.76 -3.67
CA PHE D 245 6.14 36.47 -3.81
C PHE D 245 6.55 35.87 -2.46
N LYS D 246 7.11 36.67 -1.55
CA LYS D 246 7.41 36.16 -0.20
C LYS D 246 6.13 35.62 0.40
N VAL D 247 5.06 36.40 0.28
CA VAL D 247 3.78 36.13 0.91
C VAL D 247 3.17 34.84 0.38
N ALA D 248 3.02 34.80 -0.95
CA ALA D 248 2.43 33.68 -1.62
C ALA D 248 3.17 32.45 -1.19
N MET D 249 4.49 32.50 -1.23
CA MET D 249 5.32 31.33 -0.95
C MET D 249 5.28 30.89 0.49
N GLY D 250 5.07 31.82 1.42
CA GLY D 250 5.21 31.56 2.85
C GLY D 250 3.98 30.87 3.35
N ALA D 251 2.91 30.99 2.55
CA ALA D 251 1.66 30.26 2.80
C ALA D 251 1.80 28.73 2.68
N PHE D 252 2.36 28.22 1.61
CA PHE D 252 2.46 26.77 1.43
C PHE D 252 2.99 26.01 2.65
N ASP D 253 3.70 26.74 3.52
CA ASP D 253 4.21 26.17 4.75
C ASP D 253 3.10 25.50 5.55
N LYS D 254 1.95 26.17 5.61
CA LYS D 254 0.90 25.81 6.52
C LYS D 254 -0.21 25.21 5.73
N THR D 255 -0.03 25.03 4.43
CA THR D 255 -1.10 24.42 3.66
C THR D 255 -0.69 23.09 3.08
N ARG D 256 0.54 23.03 2.59
CA ARG D 256 0.98 21.82 2.00
C ARG D 256 0.72 20.60 2.86
N PRO D 257 1.01 20.59 4.17
CA PRO D 257 0.72 19.40 4.98
C PRO D 257 -0.78 19.12 5.00
N VAL D 258 -1.61 20.14 4.92
CA VAL D 258 -3.03 19.88 4.86
C VAL D 258 -3.45 19.14 3.56
N VAL D 259 -2.86 19.54 2.45
CA VAL D 259 -3.18 18.84 1.22
C VAL D 259 -2.77 17.38 1.29
N ALA D 260 -1.62 17.12 1.88
CA ALA D 260 -1.06 15.79 1.98
C ALA D 260 -2.04 14.94 2.80
N ALA D 261 -2.45 15.51 3.95
CA ALA D 261 -3.42 14.92 4.87
C ALA D 261 -4.73 14.59 4.11
N GLY D 262 -5.01 15.28 3.01
CA GLY D 262 -6.18 14.90 2.22
C GLY D 262 -5.92 13.68 1.36
N ALA D 263 -4.69 13.60 0.83
CA ALA D 263 -4.32 12.50 -0.05
C ALA D 263 -4.39 11.25 0.80
N VAL D 264 -3.97 11.39 2.06
CA VAL D 264 -3.95 10.22 2.93
C VAL D 264 -5.37 9.80 3.31
N GLY D 265 -6.26 10.79 3.43
CA GLY D 265 -7.69 10.52 3.61
C GLY D 265 -8.22 9.61 2.50
N LEU D 266 -8.02 10.09 1.27
CA LEU D 266 -8.43 9.35 0.10
C LEU D 266 -7.81 7.96 0.22
N ALA D 267 -6.53 7.90 0.59
CA ALA D 267 -5.84 6.61 0.71
C ALA D 267 -6.41 5.60 1.69
N GLN D 268 -6.72 6.02 2.94
CA GLN D 268 -7.36 5.09 3.93
C GLN D 268 -8.62 4.50 3.30
N ARG D 269 -9.28 5.32 2.51
CA ARG D 269 -10.58 4.97 2.10
C ARG D 269 -10.38 3.88 1.05
N ALA D 270 -9.54 4.13 0.05
CA ALA D 270 -9.07 3.05 -0.79
C ALA D 270 -8.70 1.82 0.06
N LEU D 271 -7.79 1.99 1.02
CA LEU D 271 -7.42 0.85 1.81
C LEU D 271 -8.62 0.12 2.46
N ASP D 272 -9.47 0.88 3.14
CA ASP D 272 -10.63 0.29 3.78
C ASP D 272 -11.63 -0.46 2.88
N GLU D 273 -11.99 0.14 1.74
CA GLU D 273 -12.89 -0.47 0.79
C GLU D 273 -12.23 -1.73 0.25
N ALA D 274 -10.96 -1.70 -0.15
CA ALA D 274 -10.32 -2.92 -0.66
C ALA D 274 -10.26 -4.03 0.36
N THR D 275 -10.05 -3.68 1.64
CA THR D 275 -9.99 -4.71 2.68
C THR D 275 -11.35 -5.31 2.95
N LYS D 276 -12.40 -4.48 3.11
CA LYS D 276 -13.76 -5.03 3.29
C LYS D 276 -14.10 -6.02 2.21
N TYR D 277 -13.92 -5.59 0.98
CA TYR D 277 -14.28 -6.42 -0.13
C TYR D 277 -13.50 -7.72 -0.14
N ALA D 278 -12.20 -7.67 0.17
CA ALA D 278 -11.32 -8.84 0.08
C ALA D 278 -11.61 -9.81 1.22
N LEU D 279 -12.43 -9.35 2.14
CA LEU D 279 -12.90 -10.18 3.24
C LEU D 279 -14.23 -10.91 2.97
N GLU D 280 -14.95 -10.48 1.93
CA GLU D 280 -16.17 -11.20 1.56
C GLU D 280 -16.09 -11.99 0.28
N ARG D 281 -15.43 -11.45 -0.74
CA ARG D 281 -15.38 -12.08 -2.04
C ARG D 281 -14.54 -13.35 -2.01
N LYS D 282 -15.08 -14.51 -2.44
CA LYS D 282 -14.23 -15.70 -2.67
C LYS D 282 -13.92 -15.89 -4.16
N THR D 283 -12.73 -16.40 -4.48
CA THR D 283 -12.38 -16.97 -5.81
C THR D 283 -11.61 -18.26 -5.56
N PHE D 284 -11.82 -19.29 -6.39
CA PHE D 284 -11.14 -20.54 -6.20
C PHE D 284 -11.28 -21.16 -4.83
N GLY D 285 -12.45 -21.01 -4.20
CA GLY D 285 -12.70 -21.69 -2.93
C GLY D 285 -12.25 -20.91 -1.71
N LYS D 286 -11.48 -19.82 -1.88
CA LYS D 286 -11.16 -19.02 -0.70
C LYS D 286 -11.35 -17.53 -0.87
N LEU D 287 -11.42 -16.83 0.28
CA LEU D 287 -11.48 -15.39 0.39
C LEU D 287 -10.28 -14.78 -0.30
N LEU D 288 -10.44 -13.55 -0.82
CA LEU D 288 -9.34 -12.85 -1.47
C LEU D 288 -8.15 -12.72 -0.55
N VAL D 289 -8.41 -12.43 0.72
CA VAL D 289 -7.31 -12.28 1.67
C VAL D 289 -6.43 -13.51 1.81
N GLU D 290 -6.94 -14.71 1.51
CA GLU D 290 -6.10 -15.91 1.60
C GLU D 290 -5.27 -16.25 0.35
N HIS D 291 -5.22 -15.38 -0.66
CA HIS D 291 -4.23 -15.48 -1.71
C HIS D 291 -3.10 -14.53 -1.41
N GLN D 292 -1.95 -15.06 -1.08
CA GLN D 292 -0.81 -14.21 -0.74
C GLN D 292 -0.65 -12.89 -1.52
N ALA D 293 -0.81 -12.95 -2.85
CA ALA D 293 -0.62 -11.75 -3.66
C ALA D 293 -1.53 -10.65 -3.20
N ILE D 294 -2.74 -11.02 -2.75
CA ILE D 294 -3.66 -10.02 -2.27
C ILE D 294 -3.32 -9.48 -0.85
N SER D 295 -2.97 -10.35 0.08
CA SER D 295 -2.37 -9.97 1.33
C SER D 295 -1.21 -9.05 1.13
N PHE D 296 -0.31 -9.42 0.23
CA PHE D 296 0.89 -8.64 0.11
C PHE D 296 0.51 -7.26 -0.37
N MET D 297 -0.53 -7.20 -1.20
CA MET D 297 -1.04 -5.91 -1.62
C MET D 297 -1.56 -5.12 -0.47
N LEU D 298 -2.33 -5.77 0.39
CA LEU D 298 -2.99 -5.03 1.47
C LEU D 298 -1.89 -4.58 2.42
N ALA D 299 -0.92 -5.47 2.61
CA ALA D 299 0.30 -5.10 3.30
C ALA D 299 0.95 -3.81 2.76
N GLU D 300 1.19 -3.72 1.46
CA GLU D 300 2.03 -2.63 1.02
C GLU D 300 1.22 -1.39 1.06
N MET D 301 -0.09 -1.52 0.92
CA MET D 301 -1.01 -0.40 1.07
C MET D 301 -0.99 0.14 2.49
N ALA D 302 -1.12 -0.72 3.48
CA ALA D 302 -1.06 -0.31 4.86
C ALA D 302 0.22 0.44 5.16
N MET D 303 1.36 -0.06 4.70
CA MET D 303 2.59 0.62 4.98
C MET D 303 2.61 2.03 4.37
N LYS D 304 2.30 2.13 3.08
CA LYS D 304 2.24 3.42 2.43
C LYS D 304 1.25 4.36 3.11
N VAL D 305 0.16 3.81 3.64
CA VAL D 305 -0.75 4.73 4.34
C VAL D 305 -0.09 5.28 5.61
N GLU D 306 0.43 4.33 6.38
CA GLU D 306 1.05 4.62 7.64
C GLU D 306 2.13 5.70 7.55
N LEU D 307 3.09 5.53 6.65
CA LEU D 307 4.16 6.48 6.44
C LEU D 307 3.70 7.82 5.81
N ALA D 308 2.85 7.78 4.78
CA ALA D 308 2.21 9.05 4.35
C ALA D 308 1.66 9.84 5.55
N ARG D 309 1.01 9.16 6.48
CA ARG D 309 0.46 9.85 7.67
C ARG D 309 1.55 10.43 8.57
N MET D 310 2.56 9.69 8.96
CA MET D 310 3.61 10.32 9.72
C MET D 310 4.26 11.48 8.92
N SER D 311 4.52 11.30 7.65
CA SER D 311 5.13 12.41 6.96
C SER D 311 4.32 13.72 7.06
N TYR D 312 3.00 13.71 6.93
CA TYR D 312 2.32 14.99 7.07
C TYR D 312 2.25 15.39 8.55
N GLN D 313 2.17 14.42 9.45
CA GLN D 313 2.13 14.76 10.84
C GLN D 313 3.42 15.49 11.22
N ARG D 314 4.56 15.04 10.71
CA ARG D 314 5.82 15.70 10.92
C ARG D 314 5.78 17.11 10.37
N ALA D 315 5.44 17.25 9.11
CA ALA D 315 5.44 18.56 8.50
C ALA D 315 4.59 19.51 9.34
N ALA D 316 3.52 18.99 9.93
CA ALA D 316 2.54 19.87 10.55
C ALA D 316 3.11 20.30 11.87
N TRP D 317 3.85 19.39 12.48
CA TRP D 317 4.43 19.68 13.77
C TRP D 317 5.63 20.68 13.65
N GLU D 318 6.43 20.52 12.60
CA GLU D 318 7.55 21.41 12.39
C GLU D 318 7.02 22.83 12.33
N VAL D 319 5.96 23.07 11.56
CA VAL D 319 5.51 24.43 11.41
C VAL D 319 4.84 24.94 12.68
N ASP D 320 4.23 24.03 13.43
CA ASP D 320 3.64 24.40 14.70
C ASP D 320 4.69 24.74 15.74
N SER D 321 5.92 24.30 15.55
CA SER D 321 6.99 24.77 16.44
C SER D 321 7.64 26.04 15.90
N GLY D 322 6.95 26.77 15.03
CA GLY D 322 7.50 27.98 14.44
C GLY D 322 8.79 27.80 13.63
N ARG D 323 9.22 26.57 13.36
CA ARG D 323 10.29 26.31 12.36
C ARG D 323 9.70 26.34 10.97
N ARG D 324 10.49 26.63 9.97
CA ARG D 324 9.86 26.49 8.67
C ARG D 324 10.05 24.99 8.27
N ASN D 325 9.15 24.52 7.41
CA ASN D 325 9.05 23.09 7.15
C ASN D 325 9.08 22.71 5.67
N THR D 326 9.66 23.56 4.84
CA THR D 326 9.70 23.35 3.42
C THR D 326 10.20 21.96 2.96
N TYR D 327 11.23 21.45 3.61
CA TYR D 327 11.68 20.09 3.39
C TYR D 327 10.54 19.13 3.74
N TYR D 328 10.11 19.18 4.97
CA TYR D 328 9.14 18.25 5.42
C TYR D 328 7.82 18.31 4.66
N ALA D 329 7.30 19.50 4.41
CA ALA D 329 5.99 19.58 3.79
C ALA D 329 6.10 18.86 2.46
N SER D 330 7.08 19.28 1.65
CA SER D 330 7.32 18.69 0.33
C SER D 330 7.65 17.21 0.30
N ILE D 331 8.13 16.66 1.40
CA ILE D 331 8.28 15.23 1.39
C ILE D 331 6.84 14.68 1.43
N ALA D 332 6.03 15.21 2.37
CA ALA D 332 4.71 14.69 2.60
C ALA D 332 3.85 14.87 1.34
N LYS D 333 3.99 15.99 0.64
CA LYS D 333 3.07 16.21 -0.43
C LYS D 333 3.46 15.27 -1.57
N ALA D 334 4.75 15.09 -1.79
CA ALA D 334 5.22 14.15 -2.80
C ALA D 334 4.74 12.76 -2.44
N PHE D 335 5.00 12.29 -1.23
CA PHE D 335 4.71 10.89 -0.88
C PHE D 335 3.23 10.52 -0.81
N ALA D 336 2.44 11.42 -0.20
CA ALA D 336 1.00 11.29 -0.10
C ALA D 336 0.34 11.25 -1.51
N GLY D 337 0.74 12.22 -2.34
CA GLY D 337 0.29 12.26 -3.73
C GLY D 337 0.54 10.92 -4.39
N ASP D 338 1.78 10.48 -4.42
CA ASP D 338 2.07 9.26 -5.08
C ASP D 338 1.27 8.09 -4.50
N ILE D 339 1.34 7.86 -3.19
CA ILE D 339 0.69 6.65 -2.69
C ILE D 339 -0.81 6.71 -2.81
N ALA D 340 -1.38 7.91 -2.75
CA ALA D 340 -2.82 8.00 -2.93
C ALA D 340 -3.17 7.44 -4.32
N ASN D 341 -2.48 7.88 -5.35
CA ASN D 341 -2.61 7.26 -6.67
C ASN D 341 -2.38 5.76 -6.65
N GLN D 342 -1.30 5.31 -6.03
CA GLN D 342 -1.05 3.90 -6.00
C GLN D 342 -2.18 3.14 -5.33
N LEU D 343 -2.68 3.66 -4.21
CA LEU D 343 -3.70 2.93 -3.47
C LEU D 343 -5.03 2.88 -4.21
N ALA D 344 -5.37 3.98 -4.88
CA ALA D 344 -6.56 4.04 -5.67
C ALA D 344 -6.65 2.87 -6.70
N THR D 345 -5.73 2.76 -7.70
CA THR D 345 -5.77 1.66 -8.71
C THR D 345 -5.82 0.34 -7.97
N ASP D 346 -5.05 0.24 -6.89
CA ASP D 346 -5.02 -1.03 -6.20
C ASP D 346 -6.35 -1.41 -5.60
N ALA D 347 -7.08 -0.42 -5.09
CA ALA D 347 -8.36 -0.72 -4.51
C ALA D 347 -9.24 -1.13 -5.71
N VAL D 348 -9.04 -0.47 -6.84
CA VAL D 348 -9.90 -0.71 -7.97
C VAL D 348 -9.58 -2.11 -8.50
N GLN D 349 -8.30 -2.48 -8.50
CA GLN D 349 -7.83 -3.78 -8.93
C GLN D 349 -8.36 -4.84 -8.01
N ILE D 350 -8.20 -4.69 -6.70
CA ILE D 350 -8.74 -5.71 -5.83
C ILE D 350 -10.27 -5.96 -6.02
N LEU D 351 -11.05 -4.92 -6.31
CA LEU D 351 -12.47 -5.15 -6.38
C LEU D 351 -12.86 -5.67 -7.74
N GLY D 352 -11.87 -6.02 -8.58
CA GLY D 352 -12.07 -6.58 -9.94
C GLY D 352 -13.10 -5.82 -10.76
N GLY D 353 -13.81 -6.51 -11.64
CA GLY D 353 -14.89 -5.90 -12.43
C GLY D 353 -15.67 -4.86 -11.68
N ASN D 354 -16.17 -5.22 -10.51
CA ASN D 354 -16.86 -4.27 -9.70
C ASN D 354 -16.13 -2.92 -9.54
N GLY D 355 -14.83 -2.97 -9.27
CA GLY D 355 -14.01 -1.82 -8.92
C GLY D 355 -14.18 -0.75 -9.98
N PHE D 356 -14.10 -1.21 -11.24
CA PHE D 356 -14.20 -0.40 -12.46
C PHE D 356 -15.61 0.18 -12.71
N ASN D 357 -16.61 -0.31 -11.97
CA ASN D 357 -18.01 0.14 -12.12
C ASN D 357 -18.38 1.38 -11.33
N THR D 358 -19.40 2.06 -11.77
CA THR D 358 -19.65 3.38 -11.27
C THR D 358 -20.44 3.40 -9.98
N GLU D 359 -20.94 2.24 -9.60
CA GLU D 359 -21.84 2.11 -8.47
C GLU D 359 -21.05 1.69 -7.23
N TYR D 360 -19.82 1.23 -7.37
CA TYR D 360 -18.95 0.92 -6.20
C TYR D 360 -18.11 2.15 -5.94
N PRO D 361 -17.60 2.28 -4.73
CA PRO D 361 -17.01 3.53 -4.29
C PRO D 361 -15.58 3.82 -4.75
N VAL D 362 -14.83 2.77 -5.07
CA VAL D 362 -13.40 2.85 -5.43
C VAL D 362 -13.00 3.61 -6.73
N GLU D 363 -13.88 3.62 -7.70
CA GLU D 363 -13.56 4.16 -8.99
C GLU D 363 -13.43 5.67 -8.85
N LYS D 364 -14.36 6.32 -8.15
CA LYS D 364 -14.20 7.74 -7.82
C LYS D 364 -12.79 8.05 -7.30
N LEU D 365 -12.30 7.25 -6.35
CA LEU D 365 -11.01 7.49 -5.69
C LEU D 365 -9.85 7.52 -6.69
N MET D 366 -9.88 6.65 -7.68
CA MET D 366 -8.88 6.72 -8.77
C MET D 366 -8.92 8.07 -9.55
N ARG D 367 -10.14 8.51 -9.90
CA ARG D 367 -10.37 9.78 -10.57
C ARG D 367 -10.00 10.94 -9.68
N ASP D 368 -10.40 10.95 -8.41
CA ASP D 368 -10.00 12.03 -7.52
C ASP D 368 -8.53 12.07 -7.23
N ALA D 369 -7.88 10.92 -7.04
CA ALA D 369 -6.49 10.92 -6.56
C ALA D 369 -5.55 11.59 -7.51
N LYS D 370 -5.83 11.61 -8.79
CA LYS D 370 -4.85 12.14 -9.73
C LYS D 370 -4.51 13.58 -9.44
N ILE D 371 -5.47 14.41 -9.04
CA ILE D 371 -5.18 15.80 -8.68
C ILE D 371 -4.03 15.95 -7.67
N TYR D 372 -3.81 14.96 -6.82
CA TYR D 372 -2.81 15.14 -5.77
C TYR D 372 -1.39 15.19 -6.30
N GLN D 373 -1.21 14.83 -7.57
CA GLN D 373 0.09 14.94 -8.19
C GLN D 373 0.16 16.18 -9.04
N ILE D 374 -0.85 17.03 -8.96
CA ILE D 374 -0.81 18.25 -9.74
C ILE D 374 -1.08 19.50 -8.92
N TYR D 375 -2.24 19.64 -8.27
CA TYR D 375 -2.38 20.89 -7.61
C TYR D 375 -1.54 21.06 -6.37
N GLU D 376 -1.29 22.33 -6.06
CA GLU D 376 -0.47 22.72 -4.93
C GLU D 376 0.93 22.22 -5.04
N GLY D 377 1.39 22.14 -6.29
CA GLY D 377 2.76 21.82 -6.65
C GLY D 377 2.85 20.40 -7.13
N THR D 378 3.38 20.20 -8.30
CA THR D 378 3.36 18.86 -8.90
C THR D 378 4.36 17.99 -8.23
N SER D 379 4.27 16.71 -8.53
CA SER D 379 5.23 15.75 -8.15
C SER D 379 6.64 16.13 -8.54
N GLN D 380 6.78 16.68 -9.74
CA GLN D 380 8.03 17.22 -10.21
C GLN D 380 8.51 18.38 -9.31
N ILE D 381 7.74 19.47 -9.21
CA ILE D 381 8.29 20.59 -8.46
C ILE D 381 8.45 20.35 -6.95
N GLN D 382 7.59 19.51 -6.34
CA GLN D 382 7.91 18.98 -4.99
C GLN D 382 9.32 18.38 -4.91
N ARG D 383 9.69 17.55 -5.90
CA ARG D 383 11.02 17.00 -5.92
C ARG D 383 12.15 18.04 -6.09
N LEU D 384 11.95 19.08 -6.90
CA LEU D 384 12.89 20.22 -6.95
C LEU D 384 13.11 20.92 -5.61
N ILE D 385 12.01 21.19 -4.89
CA ILE D 385 12.10 21.74 -3.54
C ILE D 385 12.88 20.82 -2.58
N VAL D 386 12.50 19.54 -2.53
CA VAL D 386 13.19 18.67 -1.61
C VAL D 386 14.69 18.63 -2.00
N ALA D 387 15.01 18.59 -3.31
CA ALA D 387 16.42 18.65 -3.72
C ALA D 387 17.14 19.98 -3.32
N ARG D 388 16.57 21.12 -3.67
CA ARG D 388 17.04 22.38 -3.17
C ARG D 388 17.30 22.26 -1.65
N GLU D 389 16.27 21.91 -0.84
CA GLU D 389 16.47 22.02 0.60
C GLU D 389 17.55 21.11 1.04
N HIS D 390 17.71 19.99 0.31
CA HIS D 390 18.57 18.88 0.72
C HIS D 390 20.03 19.20 0.52
N ILE D 391 20.36 19.53 -0.74
CA ILE D 391 21.65 20.09 -1.11
C ILE D 391 22.13 21.21 -0.14
N ASP D 392 21.24 22.14 0.25
CA ASP D 392 21.72 23.28 1.04
C ASP D 392 22.35 22.87 2.36
N LYS D 393 21.87 21.80 2.98
CA LYS D 393 22.49 21.22 4.20
C LYS D 393 24.00 20.88 4.07
N TYR D 394 24.46 20.53 2.86
CA TYR D 394 25.82 20.11 2.63
C TYR D 394 26.71 21.14 1.92
N LYS D 395 26.21 22.36 1.72
CA LYS D 395 27.04 23.37 1.04
C LYS D 395 27.36 24.62 1.89
N ASN D 396 28.27 25.45 1.40
CA ASN D 396 28.95 26.47 2.23
C ASN D 396 28.87 27.93 1.71
N GLN E 20 -35.23 -26.22 46.21
CA GLN E 20 -35.17 -24.90 45.52
C GLN E 20 -36.41 -24.63 44.60
N SER E 21 -37.15 -23.57 44.96
CA SER E 21 -38.41 -23.17 44.32
C SER E 21 -38.17 -22.00 43.36
N THR E 22 -39.02 -21.86 42.34
CA THR E 22 -38.93 -20.80 41.33
C THR E 22 -40.26 -20.08 41.13
N LEU E 23 -40.15 -18.78 40.84
CA LEU E 23 -41.29 -17.88 40.63
C LEU E 23 -41.27 -17.15 39.26
N VAL E 24 -42.39 -17.21 38.57
CA VAL E 24 -42.46 -16.64 37.25
C VAL E 24 -43.47 -15.51 37.23
N ILE E 25 -43.00 -14.31 36.90
CA ILE E 25 -43.91 -13.21 36.71
C ILE E 25 -44.48 -13.40 35.32
N ALA E 26 -45.77 -13.66 35.26
CA ALA E 26 -46.41 -13.82 33.97
C ALA E 26 -46.70 -12.44 33.34
N GLU E 27 -46.18 -12.19 32.14
CA GLU E 27 -46.63 -11.01 31.40
C GLU E 27 -48.01 -11.24 30.76
N HIS E 28 -48.89 -10.23 30.82
CA HIS E 28 -50.16 -10.37 30.12
C HIS E 28 -50.83 -9.09 29.70
N ALA E 29 -52.06 -9.23 29.22
CA ALA E 29 -52.80 -8.16 28.57
C ALA E 29 -54.23 -8.58 28.15
N ASN E 30 -55.22 -7.79 28.59
CA ASN E 30 -56.59 -7.87 28.04
C ASN E 30 -57.12 -9.30 28.04
N ASP E 31 -56.80 -10.02 29.12
CA ASP E 31 -57.09 -11.46 29.26
C ASP E 31 -56.42 -12.23 28.14
N SER E 32 -55.12 -12.38 28.26
CA SER E 32 -54.36 -12.95 27.19
C SER E 32 -52.96 -13.11 27.75
N LEU E 33 -52.62 -14.32 28.21
CA LEU E 33 -51.26 -14.62 28.62
C LEU E 33 -50.33 -14.24 27.48
N ALA E 34 -49.28 -13.48 27.78
CA ALA E 34 -48.29 -13.14 26.74
C ALA E 34 -47.39 -14.35 26.45
N PRO E 35 -47.26 -14.66 25.15
CA PRO E 35 -46.56 -15.90 24.74
C PRO E 35 -45.20 -16.07 25.42
N ILE E 36 -44.36 -15.04 25.36
CA ILE E 36 -43.06 -15.03 26.02
C ILE E 36 -42.99 -15.67 27.45
N THR E 37 -44.14 -15.83 28.09
CA THR E 37 -44.24 -16.52 29.38
C THR E 37 -44.13 -18.06 29.35
N LEU E 38 -44.63 -18.65 28.26
CA LEU E 38 -44.61 -20.09 28.07
C LEU E 38 -43.15 -20.54 27.94
N ASN E 39 -42.43 -19.90 27.01
CA ASN E 39 -40.97 -20.01 26.97
C ASN E 39 -40.31 -19.84 28.34
N THR E 40 -40.67 -18.79 29.07
CA THR E 40 -40.16 -18.62 30.44
C THR E 40 -40.36 -19.85 31.33
N ILE E 41 -41.49 -20.54 31.12
CA ILE E 41 -41.90 -21.61 32.01
C ILE E 41 -41.15 -22.90 31.68
N THR E 42 -40.87 -23.12 30.39
CA THR E 42 -39.97 -24.17 29.98
C THR E 42 -38.63 -24.04 30.73
N ALA E 43 -38.02 -22.84 30.57
CA ALA E 43 -36.79 -22.43 31.20
C ALA E 43 -36.87 -22.58 32.71
N ALA E 44 -38.06 -22.39 33.24
CA ALA E 44 -38.28 -22.50 34.67
C ALA E 44 -38.06 -23.94 35.19
N THR E 45 -38.69 -24.91 34.49
CA THR E 45 -38.68 -26.36 34.82
C THR E 45 -37.28 -27.01 34.67
N ARG E 46 -36.49 -26.50 33.72
CA ARG E 46 -35.05 -26.79 33.60
C ARG E 46 -34.31 -26.75 34.94
N LEU E 47 -34.67 -25.80 35.80
CA LEU E 47 -34.05 -25.64 37.14
C LEU E 47 -34.39 -26.74 38.14
N GLY E 48 -35.40 -27.57 37.83
CA GLY E 48 -35.84 -28.69 38.67
C GLY E 48 -36.29 -28.33 40.08
N GLY E 49 -37.41 -27.62 40.16
CA GLY E 49 -37.96 -27.17 41.43
C GLY E 49 -39.41 -26.83 41.19
N GLU E 50 -40.26 -26.95 42.22
CA GLU E 50 -41.67 -26.57 42.05
C GLU E 50 -41.73 -25.16 41.38
N VAL E 51 -42.38 -25.10 40.21
CA VAL E 51 -42.52 -23.82 39.53
C VAL E 51 -43.79 -23.10 39.96
N SER E 52 -43.63 -22.04 40.77
CA SER E 52 -44.71 -21.06 41.02
C SER E 52 -44.79 -19.90 39.98
N CYS E 53 -46.00 -19.53 39.56
CA CYS E 53 -46.13 -18.42 38.62
C CYS E 53 -47.09 -17.37 39.17
N LEU E 54 -46.67 -16.10 39.18
CA LEU E 54 -47.46 -14.99 39.75
C LEU E 54 -48.11 -14.08 38.72
N VAL E 55 -49.44 -13.99 38.80
CA VAL E 55 -50.27 -13.18 37.88
C VAL E 55 -50.78 -11.93 38.59
N ALA E 56 -50.31 -10.75 38.15
CA ALA E 56 -50.69 -9.48 38.76
C ALA E 56 -51.48 -8.68 37.73
N GLY E 57 -52.47 -7.93 38.19
CA GLY E 57 -53.23 -7.13 37.26
C GLY E 57 -54.55 -6.71 37.84
N THR E 58 -55.37 -6.13 36.97
CA THR E 58 -56.71 -5.69 37.33
C THR E 58 -57.90 -6.66 36.93
N LYS E 59 -57.79 -7.43 35.85
CA LYS E 59 -58.68 -8.60 35.66
C LYS E 59 -57.79 -9.85 35.40
N CYS E 60 -57.55 -10.58 36.47
CA CYS E 60 -56.52 -11.63 36.54
C CYS E 60 -57.05 -13.03 36.34
N ASP E 61 -58.23 -13.29 36.87
CA ASP E 61 -58.84 -14.62 36.97
C ASP E 61 -58.84 -15.45 35.65
N LYS E 62 -59.08 -14.80 34.51
CA LYS E 62 -59.08 -15.50 33.20
C LYS E 62 -57.70 -16.10 32.88
N VAL E 63 -56.67 -15.26 32.89
CA VAL E 63 -55.30 -15.69 32.64
C VAL E 63 -54.86 -16.71 33.69
N ALA E 64 -55.19 -16.44 34.95
CA ALA E 64 -54.89 -17.38 36.01
C ALA E 64 -55.38 -18.74 35.59
N GLN E 65 -56.58 -18.78 35.01
CA GLN E 65 -57.21 -20.04 34.56
C GLN E 65 -56.40 -20.71 33.42
N ASP E 66 -55.99 -19.95 32.40
CA ASP E 66 -55.12 -20.52 31.34
C ASP E 66 -53.76 -21.02 31.91
N LEU E 67 -53.15 -20.18 32.75
CA LEU E 67 -51.90 -20.50 33.41
C LEU E 67 -51.99 -21.78 34.16
N CYS E 68 -53.17 -22.10 34.66
CA CYS E 68 -53.34 -23.28 35.46
C CYS E 68 -53.19 -24.54 34.61
N LYS E 69 -53.80 -24.49 33.41
CA LYS E 69 -53.81 -25.58 32.44
C LYS E 69 -52.38 -25.98 32.01
N VAL E 70 -51.46 -25.02 32.13
CA VAL E 70 -50.10 -25.14 31.61
C VAL E 70 -49.25 -26.12 32.39
N ALA E 71 -48.51 -26.96 31.65
CA ALA E 71 -47.70 -28.02 32.26
C ALA E 71 -46.39 -27.45 32.76
N GLY E 72 -46.01 -27.85 33.98
CA GLY E 72 -44.82 -27.34 34.67
C GLY E 72 -45.20 -26.60 35.94
N ILE E 73 -46.42 -26.06 35.94
CA ILE E 73 -46.89 -25.13 36.96
C ILE E 73 -47.57 -25.79 38.15
N ALA E 74 -46.88 -25.90 39.30
CA ALA E 74 -47.49 -26.45 40.55
C ALA E 74 -48.49 -25.52 41.30
N LYS E 75 -48.22 -24.21 41.28
CA LYS E 75 -48.99 -23.19 41.99
C LYS E 75 -49.05 -21.90 41.12
N VAL E 76 -50.28 -21.40 40.92
CA VAL E 76 -50.57 -20.06 40.34
C VAL E 76 -51.04 -19.18 41.51
N LEU E 77 -50.35 -18.05 41.75
CA LEU E 77 -50.71 -17.07 42.79
C LEU E 77 -51.38 -15.91 42.09
N VAL E 78 -52.51 -15.42 42.60
CA VAL E 78 -53.22 -14.29 41.96
C VAL E 78 -53.26 -13.05 42.84
N ALA E 79 -52.79 -11.93 42.29
CA ALA E 79 -52.90 -10.64 42.95
C ALA E 79 -53.77 -9.70 42.10
N GLN E 80 -55.07 -9.62 42.41
CA GLN E 80 -55.98 -8.74 41.64
C GLN E 80 -56.07 -7.44 42.42
N HIS E 81 -56.16 -6.31 41.72
CA HIS E 81 -56.15 -4.99 42.33
C HIS E 81 -56.10 -3.96 41.23
N ASP E 82 -56.90 -2.90 41.36
CA ASP E 82 -57.01 -1.83 40.36
C ASP E 82 -55.75 -1.09 40.13
N VAL E 83 -54.94 -1.03 41.16
CA VAL E 83 -53.72 -0.29 41.15
C VAL E 83 -52.66 -0.85 40.19
N TYR E 84 -52.83 -2.11 39.79
CA TYR E 84 -51.93 -2.73 38.86
C TYR E 84 -52.36 -2.45 37.43
N LYS E 85 -52.88 -1.25 37.21
CA LYS E 85 -53.15 -0.76 35.87
C LYS E 85 -51.78 -0.48 35.24
N GLY E 86 -51.56 -1.00 34.02
CA GLY E 86 -50.28 -0.86 33.30
C GLY E 86 -49.08 -1.53 33.95
N LEU E 87 -49.31 -2.47 34.86
CA LEU E 87 -48.25 -3.24 35.48
C LEU E 87 -46.99 -2.42 35.79
N LEU E 88 -47.15 -1.43 36.66
CA LEU E 88 -46.09 -0.47 36.97
C LEU E 88 -45.13 -1.12 37.89
N PRO E 89 -43.86 -0.91 37.64
CA PRO E 89 -42.81 -1.59 38.42
C PRO E 89 -42.70 -1.10 39.88
N GLU E 90 -43.21 0.09 40.18
CA GLU E 90 -43.21 0.61 41.54
C GLU E 90 -44.32 -0.03 42.37
N GLU E 91 -45.45 -0.33 41.71
CA GLU E 91 -46.52 -1.13 42.29
C GLU E 91 -46.15 -2.62 42.44
N LEU E 92 -45.55 -3.20 41.42
CA LEU E 92 -45.35 -4.64 41.36
C LEU E 92 -44.18 -5.10 42.17
N THR E 93 -43.15 -4.28 42.27
CA THR E 93 -41.96 -4.70 42.99
C THR E 93 -42.21 -5.10 44.45
N PRO E 94 -42.93 -4.29 45.22
CA PRO E 94 -43.22 -4.66 46.60
C PRO E 94 -44.20 -5.86 46.68
N LEU E 95 -45.10 -5.98 45.70
CA LEU E 95 -45.92 -7.17 45.57
C LEU E 95 -45.06 -8.43 45.47
N ILE E 96 -44.10 -8.45 44.54
CA ILE E 96 -43.20 -9.60 44.35
C ILE E 96 -42.35 -9.79 45.59
N LEU E 97 -41.91 -8.69 46.17
CA LEU E 97 -41.19 -8.71 47.42
C LEU E 97 -42.01 -9.32 48.56
N ALA E 98 -43.31 -9.01 48.58
CA ALA E 98 -44.20 -9.49 49.65
C ALA E 98 -44.33 -11.01 49.57
N THR E 99 -44.54 -11.49 48.35
CA THR E 99 -44.55 -12.90 48.01
C THR E 99 -43.22 -13.60 48.37
N GLN E 100 -42.11 -12.90 48.26
CA GLN E 100 -40.83 -13.53 48.49
C GLN E 100 -40.65 -13.87 49.97
N LYS E 101 -41.24 -13.03 50.82
CA LYS E 101 -41.12 -13.16 52.27
C LYS E 101 -41.93 -14.35 52.78
N GLN E 102 -43.17 -14.46 52.32
CA GLN E 102 -44.04 -15.57 52.70
C GLN E 102 -43.57 -16.94 52.14
N PHE E 103 -42.76 -16.93 51.09
CA PHE E 103 -42.46 -18.16 50.38
C PHE E 103 -41.00 -18.53 50.18
N ASN E 104 -40.10 -17.55 50.08
CA ASN E 104 -38.63 -17.79 49.90
C ASN E 104 -38.15 -18.59 48.65
N TYR E 105 -38.39 -18.00 47.48
CA TYR E 105 -37.94 -18.58 46.23
C TYR E 105 -36.44 -18.42 46.11
N THR E 106 -35.77 -19.36 45.44
CA THR E 106 -34.37 -19.18 45.04
C THR E 106 -34.34 -18.42 43.71
N HIS E 107 -35.41 -18.55 42.91
CA HIS E 107 -35.44 -17.97 41.56
C HIS E 107 -36.67 -17.13 41.25
N ILE E 108 -36.42 -15.96 40.64
CA ILE E 108 -37.48 -15.08 40.16
C ILE E 108 -37.14 -14.64 38.74
N CYS E 109 -37.91 -15.14 37.78
CA CYS E 109 -37.66 -14.85 36.39
C CYS E 109 -38.89 -14.26 35.71
N ALA E 110 -38.65 -13.72 34.53
CA ALA E 110 -39.71 -13.23 33.66
C ALA E 110 -39.24 -13.16 32.22
N GLY E 111 -40.20 -13.11 31.31
CA GLY E 111 -39.89 -13.09 29.90
C GLY E 111 -39.21 -11.78 29.58
N ALA E 112 -37.92 -11.89 29.26
CA ALA E 112 -37.09 -10.80 28.75
C ALA E 112 -37.73 -9.89 27.67
N SER E 113 -38.97 -9.47 27.90
CA SER E 113 -39.66 -8.51 27.04
C SER E 113 -39.55 -7.12 27.68
N ALA E 114 -40.13 -6.13 27.02
CA ALA E 114 -40.11 -4.77 27.57
C ALA E 114 -40.64 -4.80 28.98
N PHE E 115 -41.70 -5.59 29.23
CA PHE E 115 -42.27 -5.70 30.58
C PHE E 115 -41.28 -6.35 31.51
N GLY E 116 -40.75 -7.48 31.04
CA GLY E 116 -39.75 -8.25 31.73
C GLY E 116 -38.51 -7.49 32.16
N LYS E 117 -37.96 -6.66 31.26
CA LYS E 117 -36.66 -6.02 31.49
C LYS E 117 -36.81 -4.82 32.40
N ASN E 118 -37.98 -4.19 32.30
CA ASN E 118 -38.39 -3.07 33.17
C ASN E 118 -38.56 -3.42 34.67
N LEU E 119 -39.09 -4.61 34.91
CA LEU E 119 -39.46 -5.02 36.25
C LEU E 119 -38.32 -5.64 37.06
N LEU E 120 -37.63 -6.63 36.50
CA LEU E 120 -36.70 -7.46 37.32
C LEU E 120 -35.47 -6.72 37.92
N PRO E 121 -34.77 -5.86 37.17
CA PRO E 121 -33.59 -5.23 37.76
C PRO E 121 -34.02 -4.40 38.98
N ARG E 122 -35.28 -3.97 39.03
CA ARG E 122 -35.71 -3.19 40.18
C ARG E 122 -35.89 -4.10 41.36
N VAL E 123 -36.68 -5.15 41.13
CA VAL E 123 -36.89 -6.25 42.07
C VAL E 123 -35.55 -6.60 42.67
N ALA E 124 -34.57 -6.93 41.82
CA ALA E 124 -33.20 -7.17 42.26
C ALA E 124 -32.65 -6.05 43.20
N ALA E 125 -32.58 -4.81 42.73
CA ALA E 125 -32.21 -3.73 43.63
C ALA E 125 -32.89 -3.90 44.98
N LYS E 126 -34.21 -4.08 44.98
CA LYS E 126 -34.92 -4.23 46.23
C LYS E 126 -34.47 -5.42 47.03
N LEU E 127 -33.97 -6.45 46.38
CA LEU E 127 -33.52 -7.61 47.12
C LEU E 127 -32.10 -7.45 47.48
N GLU E 128 -31.39 -6.58 46.77
CA GLU E 128 -29.94 -6.35 46.96
C GLU E 128 -29.13 -7.52 46.45
N VAL E 129 -29.71 -8.22 45.46
CA VAL E 129 -28.98 -9.15 44.60
C VAL E 129 -28.79 -8.55 43.20
N ALA E 130 -27.79 -9.08 42.50
CA ALA E 130 -27.50 -8.60 41.16
C ALA E 130 -28.21 -9.52 40.14
N PRO E 131 -29.06 -8.94 39.31
CA PRO E 131 -29.75 -9.67 38.26
C PRO E 131 -28.84 -10.09 37.08
N ILE E 132 -29.46 -10.78 36.10
CA ILE E 132 -28.80 -11.40 34.96
C ILE E 132 -29.78 -11.23 33.83
N SER E 133 -29.31 -10.69 32.72
CA SER E 133 -30.24 -10.32 31.68
C SER E 133 -30.28 -11.27 30.51
N ASP E 134 -31.48 -11.42 29.92
CA ASP E 134 -31.70 -11.90 28.53
C ASP E 134 -31.17 -13.33 28.18
N ILE E 135 -31.09 -14.21 29.19
CA ILE E 135 -30.41 -15.50 29.07
C ILE E 135 -30.93 -16.42 27.92
N ILE E 136 -30.01 -17.17 27.31
CA ILE E 136 -30.37 -18.08 26.21
C ILE E 136 -30.22 -19.61 26.50
N ALA E 137 -29.34 -19.97 27.45
CA ALA E 137 -29.29 -21.35 27.94
C ALA E 137 -29.30 -21.34 29.45
N ILE E 138 -29.49 -22.50 30.04
CA ILE E 138 -29.37 -22.63 31.50
C ILE E 138 -28.38 -23.76 31.85
N LYS E 139 -27.15 -23.41 32.21
CA LYS E 139 -26.18 -24.45 32.51
C LYS E 139 -26.48 -25.11 33.84
N SER E 140 -27.12 -24.40 34.75
CA SER E 140 -27.63 -24.97 36.01
C SER E 140 -28.25 -23.87 36.92
N PRO E 141 -28.90 -24.30 38.03
CA PRO E 141 -29.58 -23.36 38.97
C PRO E 141 -28.82 -22.08 39.40
N ASP E 142 -27.55 -21.94 38.99
CA ASP E 142 -26.70 -20.76 39.36
C ASP E 142 -25.75 -20.31 38.23
N THR E 143 -25.77 -21.02 37.10
CA THR E 143 -24.93 -20.72 35.93
C THR E 143 -25.81 -20.45 34.74
N PHE E 144 -25.49 -19.36 34.02
CA PHE E 144 -26.34 -18.88 32.92
C PHE E 144 -25.57 -18.44 31.67
N VAL E 145 -26.29 -18.30 30.55
CA VAL E 145 -25.67 -17.88 29.32
C VAL E 145 -26.47 -16.83 28.61
N ARG E 146 -25.90 -15.65 28.57
CA ARG E 146 -26.44 -14.57 27.79
C ARG E 146 -25.52 -14.31 26.59
N THR E 147 -25.92 -13.39 25.71
CA THR E 147 -24.99 -12.74 24.77
C THR E 147 -24.49 -11.42 25.40
N ILE E 148 -23.46 -10.81 24.80
CA ILE E 148 -22.86 -9.49 25.14
C ILE E 148 -22.28 -8.87 23.85
N TYR E 149 -22.20 -7.53 23.78
CA TYR E 149 -21.81 -6.77 22.57
C TYR E 149 -22.64 -7.14 21.37
N ALA E 150 -23.81 -6.52 21.17
CA ALA E 150 -24.77 -6.96 20.11
C ALA E 150 -24.67 -8.48 19.84
N GLY E 151 -24.60 -9.27 20.90
CA GLY E 151 -24.42 -10.74 20.81
C GLY E 151 -23.16 -11.36 20.17
N ASN E 152 -22.16 -10.53 19.81
CA ASN E 152 -20.91 -10.96 19.16
C ASN E 152 -19.97 -11.78 20.06
N ALA E 153 -20.33 -11.95 21.33
CA ALA E 153 -19.63 -12.89 22.21
C ALA E 153 -20.65 -13.70 23.01
N LEU E 154 -20.21 -14.77 23.65
CA LEU E 154 -21.11 -15.51 24.55
C LEU E 154 -20.62 -15.54 26.02
N CYS E 155 -21.40 -14.92 26.88
CA CYS E 155 -20.97 -14.84 28.28
C CYS E 155 -21.63 -15.91 29.17
N THR E 156 -20.81 -16.57 29.98
CA THR E 156 -21.29 -17.58 30.92
C THR E 156 -21.06 -17.10 32.36
N VAL E 157 -22.15 -16.89 33.09
CA VAL E 157 -22.07 -16.26 34.39
C VAL E 157 -22.56 -17.19 35.47
N LYS E 158 -21.74 -17.32 36.53
CA LYS E 158 -22.12 -17.99 37.78
C LYS E 158 -22.60 -16.95 38.78
N CYS E 159 -23.84 -17.16 39.21
CA CYS E 159 -24.48 -16.31 40.18
C CYS E 159 -24.54 -17.05 41.53
N ASP E 160 -23.96 -16.45 42.59
CA ASP E 160 -23.93 -17.08 43.92
C ASP E 160 -24.85 -16.35 44.91
N GLU E 161 -26.00 -15.85 44.45
CA GLU E 161 -26.82 -14.99 45.31
C GLU E 161 -27.79 -15.78 46.17
N LYS E 162 -28.36 -15.13 47.17
CA LYS E 162 -29.48 -15.72 47.94
C LYS E 162 -30.72 -15.88 47.04
N VAL E 163 -30.73 -15.21 45.89
CA VAL E 163 -31.89 -15.20 44.99
C VAL E 163 -31.43 -14.99 43.55
N LYS E 164 -31.85 -15.87 42.66
CA LYS E 164 -31.56 -15.61 41.27
C LYS E 164 -32.71 -14.82 40.66
N VAL E 165 -32.36 -13.65 40.11
CA VAL E 165 -33.30 -12.80 39.36
C VAL E 165 -32.76 -12.65 37.98
N PHE E 166 -33.63 -12.84 37.01
CA PHE E 166 -33.19 -12.90 35.65
C PHE E 166 -34.36 -12.96 34.70
N SER E 167 -34.13 -12.50 33.47
CA SER E 167 -35.11 -12.58 32.42
C SER E 167 -34.57 -13.53 31.36
N VAL E 168 -35.45 -13.98 30.45
CA VAL E 168 -35.19 -15.19 29.66
C VAL E 168 -35.57 -14.95 28.22
N ARG E 169 -34.61 -15.17 27.32
CA ARG E 169 -34.86 -14.91 25.91
C ARG E 169 -35.89 -15.92 25.36
N GLY E 170 -36.95 -15.36 24.74
CA GLY E 170 -38.12 -16.12 24.27
C GLY E 170 -37.71 -17.26 23.36
N THR E 171 -37.13 -16.89 22.22
CA THR E 171 -36.73 -17.83 21.19
C THR E 171 -35.69 -18.86 21.64
N SER E 172 -35.16 -18.72 22.86
CA SER E 172 -34.17 -19.69 23.40
C SER E 172 -34.76 -20.93 24.10
N PHE E 173 -36.06 -20.92 24.28
CA PHE E 173 -36.76 -22.02 24.93
C PHE E 173 -38.08 -22.29 24.20
N ASP E 174 -38.55 -23.53 24.30
CA ASP E 174 -39.80 -23.91 23.64
C ASP E 174 -40.98 -23.40 24.50
N ALA E 175 -42.10 -23.13 23.83
CA ALA E 175 -43.33 -22.81 24.53
C ALA E 175 -43.86 -24.09 25.27
N ALA E 176 -44.17 -23.97 26.56
CA ALA E 176 -44.70 -25.11 27.33
C ALA E 176 -46.08 -25.45 26.86
N ALA E 177 -46.40 -26.74 26.93
CA ALA E 177 -47.75 -27.25 26.69
C ALA E 177 -48.78 -26.40 27.48
N THR E 178 -49.73 -25.81 26.74
CA THR E 178 -50.85 -25.07 27.34
C THR E 178 -51.85 -25.99 28.08
N SER E 179 -51.86 -27.29 27.79
CA SER E 179 -52.68 -28.26 28.58
C SER E 179 -51.95 -29.33 29.42
N GLY E 180 -52.71 -30.00 30.29
CA GLY E 180 -52.17 -31.05 31.14
C GLY E 180 -51.64 -30.57 32.47
N GLY E 181 -52.00 -29.35 32.86
CA GLY E 181 -51.51 -28.77 34.12
C GLY E 181 -52.46 -28.98 35.27
N SER E 182 -51.91 -29.32 36.43
CA SER E 182 -52.75 -29.59 37.60
C SER E 182 -52.48 -28.60 38.73
N ALA E 183 -52.34 -27.32 38.36
CA ALA E 183 -51.91 -26.26 39.28
C ALA E 183 -53.01 -25.77 40.23
N SER E 184 -52.68 -25.63 41.51
CA SER E 184 -53.55 -24.92 42.45
C SER E 184 -53.55 -23.41 42.14
N SER E 185 -54.71 -22.76 42.28
CA SER E 185 -54.71 -21.30 42.19
C SER E 185 -55.10 -20.69 43.54
N GLU E 186 -54.21 -19.87 44.03
CA GLU E 186 -54.27 -19.36 45.40
C GLU E 186 -54.29 -17.80 45.36
N LYS E 187 -54.88 -17.16 46.37
CA LYS E 187 -54.76 -15.72 46.51
C LYS E 187 -53.30 -15.32 46.87
N ALA E 188 -52.75 -14.39 46.11
CA ALA E 188 -51.46 -13.79 46.42
C ALA E 188 -51.51 -12.87 47.67
N SER E 189 -50.35 -12.65 48.31
CA SER E 189 -50.26 -11.69 49.41
C SER E 189 -50.33 -10.26 48.89
N SER E 190 -50.84 -9.38 49.72
CA SER E 190 -51.25 -8.05 49.24
C SER E 190 -50.31 -6.95 49.69
N THR E 191 -50.33 -5.85 48.91
CA THR E 191 -49.41 -4.73 49.10
C THR E 191 -50.13 -3.38 49.06
N SER E 192 -49.49 -2.35 49.61
CA SER E 192 -50.09 -1.02 49.67
C SER E 192 -49.76 -0.15 48.45
N PRO E 193 -50.82 0.31 47.74
CA PRO E 193 -50.71 1.13 46.55
C PRO E 193 -49.79 2.29 46.78
N VAL E 194 -48.75 2.38 45.95
CA VAL E 194 -47.71 3.39 46.11
C VAL E 194 -48.13 4.77 45.55
N GLU E 195 -48.71 4.80 44.35
CA GLU E 195 -49.11 6.04 43.63
C GLU E 195 -48.04 7.09 43.48
N ILE E 196 -46.80 6.66 43.32
CA ILE E 196 -45.74 7.55 42.81
C ILE E 196 -45.60 7.53 41.27
N SER E 197 -46.33 6.65 40.59
CA SER E 197 -46.37 6.62 39.13
C SER E 197 -47.78 6.34 38.74
N GLU E 198 -48.15 6.62 37.51
CA GLU E 198 -49.49 6.26 37.07
C GLU E 198 -49.55 6.04 35.57
N TRP E 199 -50.40 5.10 35.15
CA TRP E 199 -50.59 4.82 33.74
C TRP E 199 -51.51 5.84 33.20
N LEU E 200 -51.21 6.37 32.02
CA LEU E 200 -52.04 7.37 31.38
C LEU E 200 -52.60 6.87 30.10
N ASP E 201 -51.81 6.17 29.29
CA ASP E 201 -52.22 5.90 27.91
C ASP E 201 -51.40 4.88 27.09
N GLN E 202 -51.98 4.42 25.97
CA GLN E 202 -51.32 3.57 24.97
C GLN E 202 -51.44 4.13 23.52
N LYS E 203 -50.95 3.38 22.51
CA LYS E 203 -50.76 3.86 21.11
C LYS E 203 -51.67 5.02 20.69
N LEU F 4 -34.55 22.61 38.10
CA LEU F 4 -34.25 21.17 38.39
C LEU F 4 -32.78 20.83 38.19
N ARG F 5 -32.13 20.12 39.10
CA ARG F 5 -30.75 19.66 38.83
C ARG F 5 -30.80 18.27 38.21
N VAL F 6 -29.91 17.96 37.27
CA VAL F 6 -29.91 16.64 36.60
C VAL F 6 -28.60 15.92 36.69
N LEU F 7 -28.66 14.61 36.94
CA LEU F 7 -27.47 13.77 36.91
C LEU F 7 -27.46 12.84 35.67
N VAL F 8 -26.43 12.88 34.83
CA VAL F 8 -26.45 12.05 33.61
C VAL F 8 -25.35 10.99 33.67
N ALA F 9 -25.73 9.72 33.55
CA ALA F 9 -24.70 8.67 33.60
C ALA F 9 -24.15 8.33 32.23
N VAL F 10 -22.83 8.26 32.17
CA VAL F 10 -22.18 8.01 30.91
C VAL F 10 -21.16 6.91 31.03
N LYS F 11 -21.12 6.01 30.06
CA LYS F 11 -20.28 4.82 30.20
C LYS F 11 -19.35 4.68 29.02
N ARG F 12 -18.07 4.52 29.34
CA ARG F 12 -17.04 4.46 28.35
C ARG F 12 -17.04 3.05 27.76
N VAL F 13 -17.47 2.91 26.53
CA VAL F 13 -17.53 1.59 25.93
C VAL F 13 -16.66 1.43 24.71
N ILE F 14 -16.27 0.19 24.48
CA ILE F 14 -15.61 -0.18 23.27
C ILE F 14 -16.47 0.45 22.17
N ASP F 15 -15.90 1.43 21.48
CA ASP F 15 -16.57 2.14 20.38
C ASP F 15 -17.23 1.08 19.52
N TYR F 16 -18.47 1.31 19.08
CA TYR F 16 -19.20 0.23 18.39
C TYR F 16 -18.52 -0.21 17.08
N ALA F 17 -17.80 0.71 16.42
CA ALA F 17 -17.18 0.47 15.10
C ALA F 17 -16.08 -0.59 15.17
N VAL F 18 -15.23 -0.50 16.19
CA VAL F 18 -14.26 -1.56 16.50
C VAL F 18 -14.96 -2.92 16.47
N LYS F 19 -14.47 -3.82 15.62
CA LYS F 19 -14.99 -5.20 15.51
C LYS F 19 -14.31 -6.07 16.56
N ILE F 20 -15.09 -6.73 17.41
CA ILE F 20 -14.55 -7.18 18.70
C ILE F 20 -13.81 -8.54 18.64
N ARG F 21 -12.81 -8.69 19.51
CA ARG F 21 -12.01 -9.91 19.56
C ARG F 21 -11.99 -10.46 20.99
N VAL F 22 -12.13 -11.79 21.08
CA VAL F 22 -12.20 -12.55 22.35
C VAL F 22 -10.85 -13.16 22.75
N LYS F 23 -10.49 -13.03 24.03
CA LYS F 23 -9.19 -13.53 24.59
C LYS F 23 -8.94 -15.08 24.52
N PRO F 24 -7.69 -15.47 24.16
CA PRO F 24 -7.31 -16.89 24.11
C PRO F 24 -7.72 -17.55 25.41
N ASP F 25 -7.09 -17.12 26.52
CA ASP F 25 -7.44 -17.54 27.89
C ASP F 25 -8.98 -17.51 28.19
N ARG F 26 -9.78 -17.12 27.19
CA ARG F 26 -11.25 -17.08 27.27
C ARG F 26 -11.80 -16.61 28.62
N THR F 27 -11.29 -15.48 29.13
CA THR F 27 -11.76 -14.93 30.42
C THR F 27 -12.72 -13.76 30.26
N GLY F 28 -12.60 -13.09 29.11
CA GLY F 28 -13.39 -11.91 28.72
C GLY F 28 -13.00 -11.54 27.30
N VAL F 29 -13.19 -10.26 26.95
CA VAL F 29 -12.77 -9.77 25.63
C VAL F 29 -11.55 -8.85 25.75
N VAL F 30 -10.97 -8.54 24.60
CA VAL F 30 -9.71 -7.77 24.50
C VAL F 30 -9.92 -6.24 24.67
N THR F 31 -9.48 -5.70 25.80
CA THR F 31 -9.71 -4.28 26.10
C THR F 31 -8.44 -3.39 26.06
N ASP F 32 -7.30 -3.94 25.62
CA ASP F 32 -6.06 -3.15 25.55
C ASP F 32 -5.70 -2.55 24.17
N GLY F 33 -5.49 -1.22 24.16
CA GLY F 33 -5.19 -0.44 22.93
C GLY F 33 -6.34 -0.45 21.93
N VAL F 34 -7.55 -0.22 22.45
CA VAL F 34 -8.80 -0.55 21.78
C VAL F 34 -9.68 0.72 21.90
N LYS F 35 -10.01 1.41 20.79
CA LYS F 35 -10.76 2.70 20.85
C LYS F 35 -12.06 2.61 21.69
N HIS F 36 -12.32 3.64 22.51
CA HIS F 36 -13.51 3.70 23.37
C HIS F 36 -14.15 5.08 23.27
N SER F 37 -15.45 5.13 23.00
CA SER F 37 -16.17 6.40 23.08
C SER F 37 -17.31 6.31 24.07
N MET F 38 -18.17 7.32 24.06
CA MET F 38 -19.33 7.31 24.96
C MET F 38 -20.42 6.41 24.40
N ASN F 39 -20.90 5.47 25.19
CA ASN F 39 -21.99 4.58 24.77
C ASN F 39 -23.08 5.41 24.06
N PRO F 40 -23.53 4.97 22.89
CA PRO F 40 -24.50 5.76 22.09
C PRO F 40 -25.89 6.10 22.76
N PHE F 41 -26.31 5.35 23.78
CA PHE F 41 -27.55 5.68 24.48
C PHE F 41 -27.29 6.80 25.50
N CYS F 42 -26.10 6.79 26.10
CA CYS F 42 -25.69 7.86 27.00
C CYS F 42 -25.67 9.15 26.22
N GLU F 43 -25.12 9.09 25.02
CA GLU F 43 -25.17 10.21 24.11
C GLU F 43 -26.58 10.76 24.05
N ILE F 44 -27.54 9.84 24.01
CA ILE F 44 -28.90 10.27 23.87
C ILE F 44 -29.37 10.95 25.15
N ALA F 45 -28.93 10.43 26.30
CA ALA F 45 -29.37 10.96 27.58
C ALA F 45 -28.72 12.32 27.76
N VAL F 46 -27.40 12.39 27.62
CA VAL F 46 -26.76 13.71 27.68
C VAL F 46 -27.51 14.74 26.82
N GLU F 47 -27.82 14.37 25.59
CA GLU F 47 -28.69 15.23 24.78
C GLU F 47 -29.94 15.66 25.48
N GLU F 48 -30.62 14.76 26.20
CA GLU F 48 -31.89 15.12 26.84
C GLU F 48 -31.69 16.07 28.04
N ALA F 49 -30.54 15.97 28.72
CA ALA F 49 -30.27 16.81 29.88
C ALA F 49 -30.29 18.21 29.30
N VAL F 50 -29.48 18.35 28.27
CA VAL F 50 -29.26 19.60 27.55
C VAL F 50 -30.50 20.23 26.88
N ARG F 51 -31.36 19.47 26.23
CA ARG F 51 -32.55 20.07 25.60
C ARG F 51 -33.48 20.71 26.65
N LEU F 52 -33.54 20.04 27.82
CA LEU F 52 -34.30 20.52 28.96
C LEU F 52 -33.63 21.75 29.54
N LYS F 53 -32.31 21.68 29.77
CA LYS F 53 -31.53 22.88 30.15
C LYS F 53 -31.69 24.01 29.13
N GLU F 54 -32.02 23.66 27.88
CA GLU F 54 -32.24 24.64 26.84
C GLU F 54 -33.62 25.20 26.98
N LYS F 55 -34.58 24.33 27.28
CA LYS F 55 -35.95 24.77 27.46
C LYS F 55 -36.03 25.51 28.79
N LYS F 56 -34.86 25.80 29.39
CA LYS F 56 -34.76 26.42 30.74
C LYS F 56 -35.79 25.78 31.72
N LEU F 57 -35.55 24.55 32.13
CA LEU F 57 -36.40 23.86 33.07
C LEU F 57 -35.41 23.14 33.97
N VAL F 58 -34.15 23.25 33.58
CA VAL F 58 -33.01 22.76 34.36
C VAL F 58 -31.90 23.79 34.57
N LYS F 59 -31.52 24.00 35.82
CA LYS F 59 -30.54 25.00 36.16
C LYS F 59 -29.09 24.47 36.04
N GLU F 60 -28.91 23.15 35.89
CA GLU F 60 -27.54 22.56 35.92
C GLU F 60 -27.57 21.06 35.54
N VAL F 61 -26.50 20.56 34.94
CA VAL F 61 -26.43 19.18 34.49
C VAL F 61 -25.09 18.55 34.89
N ILE F 62 -25.14 17.52 35.71
CA ILE F 62 -23.91 16.86 36.11
C ILE F 62 -23.76 15.59 35.32
N ALA F 63 -22.51 15.22 35.03
CA ALA F 63 -22.23 14.04 34.27
C ALA F 63 -21.38 13.06 35.06
N VAL F 64 -21.85 11.85 35.29
CA VAL F 64 -21.06 10.90 36.08
C VAL F 64 -20.58 9.76 35.22
N SER F 65 -19.40 9.25 35.52
CA SER F 65 -18.87 8.07 34.85
C SER F 65 -18.07 7.15 35.83
N CYS F 66 -18.08 5.83 35.61
CA CYS F 66 -17.40 4.88 36.50
C CYS F 66 -16.43 3.93 35.84
N GLY F 67 -15.15 4.13 36.06
CA GLY F 67 -14.17 3.14 35.69
C GLY F 67 -12.76 3.60 35.92
N PRO F 68 -11.86 3.17 35.03
CA PRO F 68 -10.50 3.70 34.95
C PRO F 68 -10.44 5.23 34.85
N ALA F 69 -9.27 5.78 34.55
CA ALA F 69 -9.17 7.22 34.33
C ALA F 69 -9.70 7.66 32.92
N GLN F 70 -9.81 6.71 31.98
CA GLN F 70 -10.13 7.02 30.58
C GLN F 70 -11.54 7.50 30.42
N CYS F 71 -12.31 7.31 31.49
CA CYS F 71 -13.62 7.92 31.66
C CYS F 71 -13.52 9.44 31.86
N GLN F 72 -12.31 9.97 31.86
CA GLN F 72 -12.10 11.41 31.75
C GLN F 72 -12.55 11.73 30.37
N GLU F 73 -11.96 11.03 29.39
CA GLU F 73 -12.29 11.21 27.97
C GLU F 73 -13.84 11.33 27.82
N THR F 74 -14.54 10.37 28.40
CA THR F 74 -15.99 10.20 28.30
C THR F 74 -16.72 11.39 28.90
N ILE F 75 -16.38 11.72 30.16
CA ILE F 75 -16.96 12.90 30.82
C ILE F 75 -16.68 14.19 30.05
N ARG F 76 -15.44 14.38 29.59
CA ARG F 76 -15.12 15.50 28.71
C ARG F 76 -16.05 15.63 27.47
N THR F 77 -16.43 14.50 26.85
CA THR F 77 -17.26 14.63 25.63
C THR F 77 -18.61 15.20 26.03
N ALA F 78 -19.14 14.63 27.12
CA ALA F 78 -20.40 15.06 27.71
C ALA F 78 -20.36 16.53 28.03
N LEU F 79 -19.29 16.97 28.70
CA LEU F 79 -19.08 18.38 28.98
C LEU F 79 -19.17 19.26 27.71
N ALA F 80 -18.61 18.78 26.60
CA ALA F 80 -18.62 19.48 25.31
C ALA F 80 -20.01 19.59 24.68
N MET F 81 -20.89 18.68 25.08
CA MET F 81 -22.23 18.69 24.54
C MET F 81 -23.16 19.61 25.29
N GLY F 82 -22.84 19.96 26.54
CA GLY F 82 -23.71 20.88 27.31
C GLY F 82 -23.74 20.70 28.82
N ALA F 83 -23.23 19.55 29.25
CA ALA F 83 -23.03 19.24 30.66
C ALA F 83 -22.12 20.28 31.34
N ASP F 84 -22.49 20.73 32.55
CA ASP F 84 -21.76 21.80 33.28
C ASP F 84 -20.59 21.35 34.12
N ARG F 85 -20.74 20.38 34.99
CA ARG F 85 -19.55 19.85 35.65
C ARG F 85 -19.55 18.32 35.58
N GLY F 86 -18.40 17.70 35.72
CA GLY F 86 -18.37 16.25 35.63
C GLY F 86 -17.97 15.56 36.90
N ILE F 87 -18.48 14.35 37.12
CA ILE F 87 -17.96 13.49 38.19
C ILE F 87 -17.46 12.13 37.67
N HIS F 88 -16.19 11.88 37.95
CA HIS F 88 -15.58 10.61 37.67
C HIS F 88 -15.57 9.82 38.98
N VAL F 89 -16.14 8.60 39.00
CA VAL F 89 -15.95 7.68 40.14
C VAL F 89 -14.85 6.70 39.76
N GLU F 90 -13.78 6.65 40.59
CA GLU F 90 -12.51 6.01 40.19
C GLU F 90 -12.44 4.58 40.64
N VAL F 91 -12.17 3.70 39.68
CA VAL F 91 -11.98 2.26 39.89
C VAL F 91 -10.86 1.80 38.94
N PRO F 92 -9.74 1.32 39.49
CA PRO F 92 -8.61 0.87 38.64
C PRO F 92 -9.03 -0.21 37.64
N PRO F 93 -8.40 -0.25 36.46
CA PRO F 93 -8.80 -1.21 35.41
C PRO F 93 -8.68 -2.70 35.82
N ALA F 94 -8.37 -2.96 37.11
CA ALA F 94 -8.42 -4.30 37.73
C ALA F 94 -9.84 -4.59 38.22
N GLU F 95 -10.30 -3.77 39.19
CA GLU F 95 -11.69 -3.78 39.72
C GLU F 95 -12.76 -3.35 38.71
N ALA F 96 -12.33 -2.71 37.60
CA ALA F 96 -13.23 -2.32 36.50
C ALA F 96 -13.88 -3.56 35.95
N GLU F 97 -13.06 -4.58 35.69
CA GLU F 97 -13.50 -5.90 35.23
C GLU F 97 -14.75 -6.43 35.93
N ARG F 98 -14.70 -6.52 37.26
CA ARG F 98 -15.82 -7.08 38.03
C ARG F 98 -16.86 -6.03 38.53
N LEU F 99 -17.02 -4.92 37.82
CA LEU F 99 -17.98 -3.88 38.19
C LEU F 99 -19.16 -3.90 37.24
N GLY F 100 -20.36 -3.71 37.79
CA GLY F 100 -21.59 -3.85 37.01
C GLY F 100 -22.76 -2.97 37.44
N PRO F 101 -23.94 -3.24 36.90
CA PRO F 101 -25.04 -2.36 37.08
C PRO F 101 -25.37 -2.16 38.56
N LEU F 102 -25.23 -3.21 39.39
CA LEU F 102 -25.52 -3.12 40.84
C LEU F 102 -24.62 -2.08 41.50
N GLN F 103 -23.32 -2.35 41.39
CA GLN F 103 -22.33 -1.38 41.85
C GLN F 103 -22.80 -0.02 41.39
N VAL F 104 -22.91 0.16 40.08
CA VAL F 104 -23.13 1.46 39.53
C VAL F 104 -24.42 2.12 40.06
N ALA F 105 -25.51 1.36 40.18
CA ALA F 105 -26.75 1.98 40.66
C ALA F 105 -26.57 2.47 42.09
N ARG F 106 -26.04 1.58 42.94
CA ARG F 106 -25.60 1.90 44.33
C ARG F 106 -24.84 3.21 44.31
N VAL F 107 -23.71 3.22 43.60
CA VAL F 107 -23.00 4.45 43.33
C VAL F 107 -23.99 5.58 42.98
N LEU F 108 -24.68 5.45 41.86
CA LEU F 108 -25.43 6.58 41.35
C LEU F 108 -26.49 7.08 42.30
N ALA F 109 -27.04 6.19 43.12
CA ALA F 109 -28.08 6.58 44.08
C ALA F 109 -27.50 7.44 45.21
N LYS F 110 -26.44 6.95 45.86
CA LYS F 110 -25.73 7.68 46.92
C LYS F 110 -25.42 9.09 46.36
N LEU F 111 -24.74 9.11 45.20
CA LEU F 111 -24.55 10.30 44.36
C LEU F 111 -25.79 11.16 44.16
N ALA F 112 -26.93 10.54 43.98
CA ALA F 112 -28.07 11.32 43.64
C ALA F 112 -28.49 12.09 44.87
N GLU F 113 -28.64 11.39 46.00
CA GLU F 113 -29.17 12.04 47.19
C GLU F 113 -28.20 13.12 47.67
N LYS F 114 -26.90 12.81 47.67
CA LYS F 114 -25.82 13.75 47.98
C LYS F 114 -25.84 15.12 47.18
N GLU F 115 -25.84 15.04 45.84
CA GLU F 115 -25.79 16.25 45.03
C GLU F 115 -27.16 16.91 44.91
N LYS F 116 -28.12 16.36 45.65
CA LYS F 116 -29.42 16.98 45.75
C LYS F 116 -30.05 17.15 44.35
N VAL F 117 -30.22 16.03 43.62
CA VAL F 117 -30.75 16.08 42.24
C VAL F 117 -32.24 15.75 42.14
N ASP F 118 -32.88 16.07 41.00
CA ASP F 118 -34.31 15.80 40.86
C ASP F 118 -34.62 14.83 39.71
N LEU F 119 -33.56 14.35 39.05
CA LEU F 119 -33.66 13.52 37.82
C LEU F 119 -32.31 12.94 37.61
N VAL F 120 -32.30 11.63 37.38
CA VAL F 120 -31.11 10.91 36.94
C VAL F 120 -31.50 10.44 35.54
N LEU F 121 -30.70 10.86 34.56
CA LEU F 121 -30.86 10.41 33.15
C LEU F 121 -29.80 9.37 32.84
N LEU F 122 -30.26 8.20 32.38
CA LEU F 122 -29.36 7.20 31.85
C LEU F 122 -29.80 6.81 30.47
N GLY F 123 -28.87 6.28 29.69
CA GLY F 123 -29.22 5.45 28.54
C GLY F 123 -29.81 4.10 28.98
N LYS F 124 -30.64 3.53 28.11
CA LYS F 124 -31.37 2.30 28.47
C LYS F 124 -30.56 1.04 28.58
N GLN F 125 -29.50 0.91 27.76
CA GLN F 125 -28.54 -0.23 27.85
C GLN F 125 -27.20 0.18 27.27
N ALA F 126 -26.14 -0.43 27.83
CA ALA F 126 -24.76 -0.27 27.37
C ALA F 126 -24.49 -1.28 26.27
N ILE F 127 -23.92 -0.83 25.16
CA ILE F 127 -23.62 -1.79 24.08
C ILE F 127 -22.55 -2.86 24.45
N ASP F 128 -21.71 -2.61 25.48
CA ASP F 128 -20.81 -3.68 25.97
C ASP F 128 -21.53 -4.87 26.69
N ASP F 129 -22.02 -4.66 27.90
CA ASP F 129 -22.58 -5.79 28.66
C ASP F 129 -24.04 -6.06 28.35
N ASP F 130 -24.66 -5.16 27.60
CA ASP F 130 -26.08 -5.30 27.23
C ASP F 130 -27.05 -5.49 28.41
N CYS F 131 -26.75 -4.92 29.57
CA CYS F 131 -27.54 -5.29 30.74
C CYS F 131 -28.94 -4.76 30.82
N ASN F 132 -29.09 -3.46 30.55
CA ASN F 132 -30.35 -2.73 30.71
C ASN F 132 -30.88 -3.02 32.12
N GLN F 133 -30.21 -2.43 33.11
CA GLN F 133 -30.39 -2.79 34.47
C GLN F 133 -30.10 -1.62 35.40
N THR F 134 -29.22 -0.72 34.97
CA THR F 134 -28.66 0.29 35.83
C THR F 134 -29.74 1.26 36.26
N GLY F 135 -30.44 1.81 35.26
CA GLY F 135 -31.45 2.82 35.51
C GLY F 135 -32.47 2.26 36.47
N GLN F 136 -32.97 1.07 36.16
CA GLN F 136 -34.03 0.44 36.94
C GLN F 136 -33.52 0.33 38.35
N MET F 137 -32.30 -0.17 38.48
CA MET F 137 -31.74 -0.45 39.80
C MET F 137 -31.53 0.81 40.63
N THR F 138 -31.21 1.89 39.94
CA THR F 138 -30.98 3.19 40.59
C THR F 138 -32.28 3.83 41.07
N ALA F 139 -33.33 3.73 40.25
CA ALA F 139 -34.64 4.12 40.68
C ALA F 139 -35.00 3.29 41.90
N GLY F 140 -34.58 2.03 41.87
CA GLY F 140 -34.82 1.08 42.95
C GLY F 140 -34.22 1.57 44.26
N PHE F 141 -32.91 1.83 44.28
CA PHE F 141 -32.30 2.35 45.50
C PHE F 141 -32.82 3.69 45.98
N LEU F 142 -33.12 4.65 45.10
CA LEU F 142 -33.65 5.92 45.63
C LEU F 142 -35.10 5.82 46.04
N ASP F 143 -35.73 4.65 45.89
CA ASP F 143 -37.21 4.61 45.76
C ASP F 143 -37.79 5.78 44.92
N TRP F 144 -37.31 6.07 43.71
CA TRP F 144 -38.10 6.96 42.85
C TRP F 144 -38.70 6.18 41.73
N PRO F 145 -39.68 6.76 41.06
CA PRO F 145 -40.35 6.15 39.93
C PRO F 145 -39.37 6.13 38.77
N GLN F 146 -39.66 5.32 37.75
CA GLN F 146 -38.77 5.21 36.58
C GLN F 146 -39.56 5.18 35.29
N GLY F 147 -39.17 6.07 34.37
CA GLY F 147 -39.62 6.04 32.96
C GLY F 147 -38.47 5.52 32.12
N THR F 148 -38.49 4.19 31.92
CA THR F 148 -37.49 3.50 31.10
C THR F 148 -37.89 3.47 29.63
N PHE F 149 -36.87 3.52 28.79
CA PHE F 149 -37.06 3.44 27.33
C PHE F 149 -37.84 4.63 26.92
N ALA F 150 -37.50 5.77 27.48
CA ALA F 150 -38.23 6.98 27.17
C ALA F 150 -38.05 7.23 25.70
N SER F 151 -39.11 7.69 25.06
CA SER F 151 -39.02 8.10 23.68
C SER F 151 -39.49 9.55 23.58
N GLN F 152 -40.08 10.02 24.68
CA GLN F 152 -40.49 11.41 24.82
C GLN F 152 -40.60 11.81 26.30
N VAL F 153 -40.21 13.02 26.61
CA VAL F 153 -40.22 13.48 27.97
C VAL F 153 -40.70 14.92 28.06
N THR F 154 -41.17 15.33 29.24
CA THR F 154 -41.82 16.62 29.46
C THR F 154 -41.99 16.82 30.92
N LEU F 155 -41.43 17.90 31.44
CA LEU F 155 -41.69 18.36 32.80
C LEU F 155 -43.03 19.05 32.93
N GLU F 156 -43.78 18.70 33.97
CA GLU F 156 -45.10 19.29 34.27
C GLU F 156 -45.09 19.63 35.75
N GLY F 157 -44.47 20.76 36.05
CA GLY F 157 -44.29 21.25 37.42
C GLY F 157 -43.43 20.37 38.31
N ASP F 158 -44.07 19.37 38.89
CA ASP F 158 -43.48 18.43 39.84
C ASP F 158 -43.82 17.02 39.32
N LYS F 159 -44.43 16.96 38.14
CA LYS F 159 -44.69 15.69 37.46
C LYS F 159 -43.97 15.56 36.08
N LEU F 160 -43.38 14.38 35.78
CA LEU F 160 -42.81 14.11 34.44
C LEU F 160 -43.81 13.34 33.64
N LYS F 161 -43.97 13.66 32.38
CA LYS F 161 -44.78 12.79 31.56
C LYS F 161 -43.81 12.07 30.64
N VAL F 162 -43.74 10.74 30.79
CA VAL F 162 -42.82 9.92 30.00
C VAL F 162 -43.55 9.05 29.03
N GLU F 163 -43.23 9.21 27.76
CA GLU F 163 -43.70 8.28 26.79
C GLU F 163 -42.55 7.32 26.64
N ARG F 164 -42.85 6.04 26.70
CA ARG F 164 -41.82 5.03 26.65
C ARG F 164 -42.17 4.00 25.59
N GLU F 165 -41.25 3.08 25.32
CA GLU F 165 -41.31 2.23 24.14
C GLU F 165 -41.57 0.84 24.60
N ILE F 166 -42.75 0.33 24.34
CA ILE F 166 -43.10 -0.97 24.85
C ILE F 166 -43.37 -1.87 23.68
N ASP F 167 -43.41 -3.19 23.94
CA ASP F 167 -43.48 -4.20 22.85
C ASP F 167 -44.44 -3.90 21.67
N GLY F 168 -45.73 -3.69 21.88
CA GLY F 168 -46.58 -3.29 20.75
C GLY F 168 -46.42 -1.88 20.09
N GLY F 169 -46.26 -0.81 20.90
CA GLY F 169 -46.26 0.60 20.43
C GLY F 169 -45.64 1.51 21.48
N LEU F 170 -46.30 2.63 21.82
CA LEU F 170 -45.89 3.50 22.98
C LEU F 170 -46.85 3.38 24.16
N GLU F 171 -46.35 3.49 25.39
CA GLU F 171 -47.16 3.56 26.62
C GLU F 171 -46.87 4.95 27.19
N THR F 172 -47.74 5.51 28.04
CA THR F 172 -47.49 6.88 28.57
C THR F 172 -47.64 6.97 30.08
N LEU F 173 -46.60 7.39 30.78
CA LEU F 173 -46.67 7.44 32.23
C LEU F 173 -46.67 8.89 32.78
N ARG F 174 -47.21 9.10 33.99
CA ARG F 174 -46.91 10.31 34.76
C ARG F 174 -46.21 9.87 36.05
N LEU F 175 -45.07 10.48 36.35
CA LEU F 175 -44.27 10.08 37.47
C LEU F 175 -44.13 11.28 38.37
N LYS F 176 -44.03 11.04 39.67
CA LYS F 176 -43.76 12.11 40.65
C LYS F 176 -42.25 12.44 40.67
N LEU F 177 -41.85 13.61 41.18
CA LEU F 177 -40.68 14.21 40.55
C LEU F 177 -39.35 14.45 41.21
N PRO F 178 -38.92 13.62 42.12
CA PRO F 178 -37.64 13.00 41.85
C PRO F 178 -38.08 11.74 41.03
N ALA F 179 -37.41 11.52 39.87
CA ALA F 179 -37.74 10.51 38.81
C ALA F 179 -36.45 10.01 38.19
N VAL F 180 -36.49 8.82 37.61
CA VAL F 180 -35.35 8.26 36.89
C VAL F 180 -35.84 7.96 35.47
N VAL F 181 -35.04 8.33 34.48
CA VAL F 181 -35.49 8.17 33.12
C VAL F 181 -34.35 7.56 32.33
N THR F 182 -34.65 6.52 31.57
CA THR F 182 -33.63 5.94 30.71
C THR F 182 -34.01 6.11 29.26
N ALA F 183 -33.07 6.67 28.50
CA ALA F 183 -33.24 7.01 27.10
C ALA F 183 -33.16 5.80 26.14
N ASP F 184 -34.01 5.84 25.12
CA ASP F 184 -34.09 4.85 24.07
C ASP F 184 -33.87 5.51 22.70
N LEU F 185 -33.49 4.73 21.69
CA LEU F 185 -33.08 5.31 20.40
C LEU F 185 -33.96 6.44 19.92
N ARG F 186 -35.25 6.22 19.81
CA ARG F 186 -36.10 7.24 19.21
C ARG F 186 -36.18 8.53 20.03
N LEU F 187 -35.55 8.58 21.21
CA LEU F 187 -35.71 9.76 22.05
C LEU F 187 -35.35 11.04 21.30
N ASN F 188 -34.11 11.15 20.83
CA ASN F 188 -33.64 12.34 20.14
C ASN F 188 -32.48 11.97 19.21
N GLU F 189 -32.07 12.95 18.38
CA GLU F 189 -30.81 12.92 17.58
C GLU F 189 -29.76 13.77 18.32
N PRO F 190 -28.82 13.12 19.04
CA PRO F 190 -27.75 13.79 19.81
C PRO F 190 -26.84 14.72 19.00
N ARG F 191 -26.55 15.93 19.49
CA ARG F 191 -25.72 16.89 18.77
C ARG F 191 -24.25 16.51 18.75
N TYR F 192 -23.51 17.22 17.92
CA TYR F 192 -22.06 17.05 17.82
C TYR F 192 -21.46 17.89 18.87
N ALA F 193 -20.28 17.45 19.30
CA ALA F 193 -19.36 18.32 20.01
C ALA F 193 -18.86 19.29 18.96
N THR F 194 -19.09 20.58 19.12
CA THR F 194 -18.61 21.58 18.19
C THR F 194 -17.19 21.90 18.57
N LEU F 195 -16.34 22.18 17.59
CA LEU F 195 -14.92 22.42 17.95
C LEU F 195 -14.80 23.51 18.99
N PRO F 196 -15.56 24.63 18.85
CA PRO F 196 -15.62 25.66 19.91
C PRO F 196 -15.97 25.10 21.30
N ASN F 197 -17.01 24.30 21.42
CA ASN F 197 -17.35 23.79 22.74
C ASN F 197 -16.40 22.75 23.28
N ILE F 198 -15.74 21.97 22.41
CA ILE F 198 -14.71 21.03 22.84
C ILE F 198 -13.56 21.80 23.48
N MET F 199 -13.28 22.98 22.95
CA MET F 199 -12.35 23.90 23.58
C MET F 199 -12.88 24.47 24.90
N LYS F 200 -14.08 25.07 24.88
CA LYS F 200 -14.69 25.57 26.10
C LYS F 200 -14.81 24.53 27.24
N ALA F 201 -14.92 23.26 26.90
CA ALA F 201 -15.04 22.19 27.88
C ALA F 201 -13.78 21.87 28.64
N LYS F 202 -12.60 22.13 28.06
CA LYS F 202 -11.33 22.03 28.82
C LYS F 202 -11.36 22.82 30.13
N LYS F 203 -11.96 23.99 30.08
CA LYS F 203 -12.14 24.87 31.24
C LYS F 203 -12.95 24.26 32.39
N LYS F 204 -14.08 23.62 32.07
CA LYS F 204 -14.99 22.96 33.04
C LYS F 204 -14.30 21.75 33.70
N LYS F 205 -14.46 21.62 35.01
CA LYS F 205 -13.63 20.72 35.83
C LYS F 205 -14.36 19.40 36.18
N ILE F 206 -13.59 18.32 36.40
CA ILE F 206 -14.16 17.02 36.75
C ILE F 206 -13.67 16.50 38.10
N GLU F 207 -14.54 16.53 39.11
CA GLU F 207 -14.12 16.02 40.40
C GLU F 207 -13.98 14.50 40.36
N VAL F 208 -12.75 14.03 40.54
CA VAL F 208 -12.40 12.61 40.64
C VAL F 208 -12.57 12.14 42.08
N ILE F 209 -13.59 11.34 42.35
CA ILE F 209 -13.69 10.64 43.67
C ILE F 209 -13.67 9.11 43.53
N LYS F 210 -13.79 8.43 44.67
CA LYS F 210 -13.67 6.96 44.78
C LYS F 210 -14.97 6.41 45.38
N PRO F 211 -15.23 5.10 45.24
CA PRO F 211 -16.49 4.49 45.73
C PRO F 211 -16.50 4.31 47.25
N GLY F 212 -15.31 3.99 47.81
CA GLY F 212 -15.07 4.07 49.25
C GLY F 212 -15.66 5.33 49.90
N ASP F 213 -15.36 6.49 49.30
CA ASP F 213 -15.82 7.81 49.78
C ASP F 213 -17.34 7.91 49.84
N LEU F 214 -18.00 7.44 48.77
CA LEU F 214 -19.43 7.65 48.60
C LEU F 214 -20.18 6.80 49.60
N GLY F 215 -19.64 5.62 49.90
CA GLY F 215 -20.17 4.77 50.96
C GLY F 215 -20.56 3.39 50.44
N VAL F 216 -19.83 2.92 49.42
CA VAL F 216 -20.28 1.79 48.59
C VAL F 216 -19.24 0.67 48.52
N ASP F 217 -19.74 -0.56 48.62
CA ASP F 217 -18.94 -1.78 48.51
C ASP F 217 -19.08 -2.37 47.12
N LEU F 218 -17.98 -2.88 46.57
CA LEU F 218 -17.96 -3.42 45.21
C LEU F 218 -18.03 -4.94 45.03
N THR F 219 -18.28 -5.70 46.10
CA THR F 219 -18.12 -7.18 46.00
C THR F 219 -19.30 -7.87 45.29
N SER F 220 -18.95 -8.72 44.34
CA SER F 220 -19.89 -9.26 43.36
C SER F 220 -19.92 -10.76 43.52
N LYS F 221 -21.03 -11.27 44.07
CA LYS F 221 -21.27 -12.71 44.14
C LYS F 221 -21.67 -13.26 42.76
N LEU F 222 -21.77 -12.36 41.77
CA LEU F 222 -21.80 -12.75 40.34
C LEU F 222 -20.40 -13.22 40.00
N SER F 223 -20.20 -13.76 38.82
CA SER F 223 -18.84 -14.13 38.38
C SER F 223 -18.96 -14.63 36.96
N VAL F 224 -18.19 -14.05 36.07
CA VAL F 224 -18.06 -14.55 34.70
C VAL F 224 -17.20 -15.82 34.81
N ILE F 225 -17.65 -16.91 34.20
CA ILE F 225 -16.85 -18.17 34.14
C ILE F 225 -16.05 -18.20 32.84
N SER F 226 -16.70 -17.87 31.74
CA SER F 226 -16.04 -17.92 30.47
C SER F 226 -16.73 -16.99 29.51
N VAL F 227 -16.03 -16.70 28.44
CA VAL F 227 -16.49 -15.91 27.32
C VAL F 227 -15.89 -16.62 26.11
N GLU F 228 -16.66 -16.74 25.03
CA GLU F 228 -16.16 -17.40 23.84
C GLU F 228 -16.53 -16.55 22.62
N ASP F 229 -16.31 -17.12 21.45
CA ASP F 229 -16.84 -16.59 20.25
C ASP F 229 -18.24 -17.15 20.20
N PRO F 230 -19.06 -16.67 19.27
CA PRO F 230 -20.35 -17.32 18.94
C PRO F 230 -20.18 -18.67 18.22
N PRO F 231 -21.27 -19.44 18.15
CA PRO F 231 -21.52 -20.30 16.99
C PRO F 231 -21.57 -19.48 15.69
PA FAD G . 13.95 -19.24 3.76
O1A FAD G . 13.10 -19.46 4.98
O2A FAD G . 14.37 -20.57 3.21
O5B FAD G . 13.10 -18.36 2.77
C5B FAD G . 13.46 -18.43 1.39
C4B FAD G . 12.81 -17.33 0.55
O4B FAD G . 11.42 -17.61 0.60
C3B FAD G . 12.96 -15.94 1.16
O3B FAD G . 13.07 -15.07 0.08
C2B FAD G . 11.69 -15.74 1.99
O2B FAD G . 11.29 -14.40 2.18
C1B FAD G . 10.68 -16.58 1.21
N9A FAD G . 9.61 -17.23 1.97
C8A FAD G . 9.77 -18.15 2.99
N7A FAD G . 8.56 -18.51 3.45
C5A FAD G . 7.61 -17.86 2.73
C6A FAD G . 6.23 -17.89 2.78
N6A FAD G . 5.62 -18.33 3.88
N1A FAD G . 5.52 -17.13 1.90
C2A FAD G . 6.15 -16.32 1.00
N3A FAD G . 7.52 -16.29 0.96
C4A FAD G . 8.25 -17.05 1.81
N1 FAD G . 19.68 -16.62 12.83
C2 FAD G . 19.76 -16.70 14.29
O2 FAD G . 19.02 -17.43 15.02
N3 FAD G . 20.72 -15.99 14.93
C4 FAD G . 21.59 -15.17 14.25
O4 FAD G . 22.55 -14.38 14.61
C4X FAD G . 21.52 -15.07 12.76
N5 FAD G . 22.32 -14.23 11.95
C5X FAD G . 22.14 -14.13 10.56
C6 FAD G . 23.04 -13.31 9.93
C7 FAD G . 23.02 -13.12 8.61
C7M FAD G . 24.24 -12.65 7.82
C8 FAD G . 22.01 -13.82 7.91
C8M FAD G . 22.28 -14.20 6.64
C9 FAD G . 21.07 -14.67 8.58
C9A FAD G . 21.14 -14.85 9.94
N10 FAD G . 20.27 -15.70 10.72
C10 FAD G . 20.52 -15.81 12.10
C1' FAD G . 18.71 -16.32 10.13
C2' FAD G . 17.95 -15.32 9.09
O2' FAD G . 16.82 -14.65 9.66
C3' FAD G . 17.27 -16.19 8.05
O3' FAD G . 18.23 -16.61 7.11
C4' FAD G . 16.04 -15.52 7.43
O4' FAD G . 14.95 -15.55 8.33
C5' FAD G . 15.56 -16.30 6.24
O5' FAD G . 15.49 -17.68 6.56
P FAD G . 16.13 -18.62 5.44
O1P FAD G . 17.54 -18.15 5.09
O2P FAD G . 16.06 -20.08 5.85
O3P FAD G . 15.27 -18.38 4.08
PA FAD H . 30.17 10.33 -14.59
O1A FAD H . 30.15 10.65 -16.06
O2A FAD H . 31.01 11.15 -13.59
O5B FAD H . 28.61 10.31 -14.09
C5B FAD H . 28.30 9.97 -12.72
C4B FAD H . 26.79 9.85 -12.54
O4B FAD H . 26.20 11.01 -13.07
C3B FAD H . 26.22 8.72 -13.38
O3B FAD H . 25.10 8.20 -12.72
C2B FAD H . 25.81 9.40 -14.66
O2B FAD H . 24.75 8.77 -15.27
C1B FAD H . 25.28 10.69 -14.12
N9A FAD H . 25.25 11.73 -15.17
C8A FAD H . 26.34 12.21 -15.81
N7A FAD H . 25.91 13.16 -16.68
C5A FAD H . 24.57 13.29 -16.64
C6A FAD H . 23.68 14.13 -17.33
N6A FAD H . 24.10 15.02 -18.25
N1A FAD H . 22.32 14.02 -17.02
C2A FAD H . 21.88 13.12 -16.06
N3A FAD H . 22.78 12.32 -15.40
C4A FAD H . 24.12 12.40 -15.68
N1 FAD H . 35.53 3.09 -20.61
C2 FAD H . 36.24 2.89 -21.76
O2 FAD H . 36.43 3.88 -22.45
N3 FAD H . 36.71 1.65 -22.14
C4 FAD H . 36.50 0.53 -21.34
O4 FAD H . 37.04 -0.57 -21.66
C4X FAD H . 35.78 0.75 -20.15
N5 FAD H . 35.51 -0.30 -19.29
C5X FAD H . 34.82 -0.09 -18.11
C6 FAD H . 34.61 -1.18 -17.30
C7 FAD H . 33.97 -0.98 -16.08
C7M FAD H . 34.71 -1.67 -14.95
C8 FAD H . 33.48 0.30 -15.71
C8M FAD H . 33.81 0.65 -14.29
C9 FAD H . 33.67 1.39 -16.56
C9A FAD H . 34.36 1.19 -17.76
N10 FAD H . 34.60 2.25 -18.62
C10 FAD H . 35.30 2.02 -19.79
C1' FAD H . 34.22 3.67 -18.28
C2' FAD H . 32.73 3.85 -18.24
O2' FAD H . 32.28 3.87 -19.57
C3' FAD H . 32.32 5.12 -17.47
O3' FAD H . 32.38 4.92 -16.05
C4' FAD H . 30.90 5.52 -17.82
O4' FAD H . 30.90 6.11 -19.09
C5' FAD H . 30.29 6.46 -16.77
O5' FAD H . 31.05 7.66 -16.76
P FAD H . 31.73 8.15 -15.40
O1P FAD H . 32.21 6.91 -14.64
O2P FAD H . 32.84 9.14 -15.65
O3P FAD H . 30.55 8.78 -14.51
PA FAD I . -12.54 -11.36 -8.95
O1A FAD I . -12.60 -12.82 -9.34
O2A FAD I . -13.73 -10.77 -8.14
O5B FAD I . -11.11 -10.90 -8.36
C5B FAD I . -10.87 -9.60 -7.83
C4B FAD I . -9.40 -9.37 -7.54
O4B FAD I . -8.80 -10.54 -6.98
C3B FAD I . -8.61 -9.11 -8.81
O3B FAD I . -7.63 -8.14 -8.50
C2B FAD I . -7.95 -10.45 -9.14
O2B FAD I . -6.79 -10.39 -9.94
C1B FAD I . -7.68 -10.96 -7.75
N9A FAD I . -7.64 -12.40 -7.68
C8A FAD I . -8.67 -13.28 -7.89
N7A FAD I . -8.23 -14.56 -7.69
C5A FAD I . -6.91 -14.52 -7.37
C6A FAD I . -5.98 -15.49 -7.06
N6A FAD I . -6.26 -16.77 -7.20
N1A FAD I . -4.70 -15.18 -6.72
C2A FAD I . -4.36 -13.86 -6.72
N3A FAD I . -5.27 -12.87 -7.04
C4A FAD I . -6.54 -13.18 -7.36
N1 FAD I . -16.55 -11.32 -18.90
C2 FAD I . -17.05 -12.11 -19.94
O2 FAD I . -17.27 -13.32 -19.82
N3 FAD I . -17.31 -11.54 -21.17
C4 FAD I . -17.09 -10.18 -21.37
O4 FAD I . -17.72 -9.72 -22.32
C4X FAD I . -16.57 -9.36 -20.32
N5 FAD I . -16.36 -7.98 -20.46
C5X FAD I . -15.92 -7.20 -19.42
C6 FAD I . -15.73 -5.86 -19.63
C7 FAD I . -15.28 -5.03 -18.60
C7M FAD I . -15.90 -3.60 -18.71
C8 FAD I . -15.02 -5.60 -17.29
C8M FAD I . -15.64 -4.93 -16.02
C9 FAD I . -15.20 -6.98 -17.16
C9A FAD I . -15.66 -7.81 -18.20
N10 FAD I . -15.83 -9.20 -18.03
C10 FAD I . -16.30 -9.96 -19.08
C1' FAD I . -15.51 -10.02 -16.76
C2' FAD I . -14.06 -9.84 -16.40
O2' FAD I . -13.49 -10.81 -17.21
C3' FAD I . -13.82 -10.09 -14.93
O3' FAD I . -14.28 -8.97 -14.16
C4' FAD I . -12.36 -10.45 -14.58
O4' FAD I . -11.91 -11.31 -15.55
C5' FAD I . -12.33 -11.26 -13.31
O5' FAD I . -13.16 -10.38 -12.64
P FAD I . -13.90 -10.50 -11.26
O1P FAD I . -14.61 -9.14 -11.15
O2P FAD I . -14.79 -11.70 -11.13
O3P FAD I . -12.53 -10.62 -10.38
PA FAD J . 2.83 23.21 -15.89
O1A FAD J . 3.40 24.30 -15.01
O2A FAD J . 2.89 23.57 -17.36
O5B FAD J . 3.59 21.80 -15.78
C5B FAD J . 3.37 20.88 -16.83
C4B FAD J . 4.11 19.61 -16.57
O4B FAD J . 5.52 19.85 -16.62
C3B FAD J . 3.79 19.05 -15.19
O3B FAD J . 3.78 17.63 -15.33
C2B FAD J . 4.97 19.57 -14.37
O2B FAD J . 5.20 18.82 -13.21
C1B FAD J . 6.12 19.49 -15.37
N9A FAD J . 7.09 20.54 -15.11
C8A FAD J . 6.83 21.88 -15.12
N7A FAD J . 7.96 22.57 -14.84
C5A FAD J . 8.95 21.67 -14.66
C6A FAD J . 10.29 21.86 -14.35
N6A FAD J . 10.71 23.00 -13.78
N1A FAD J . 11.04 20.72 -14.23
C2A FAD J . 10.49 19.49 -14.39
N3A FAD J . 9.17 19.31 -14.68
C4A FAD J . 8.42 20.39 -14.82
N1 FAD J . -4.05 27.25 -8.81
C2 FAD J . -4.33 28.29 -7.93
O2 FAD J . -3.63 29.29 -7.85
N3 FAD J . -5.40 28.23 -7.06
C4 FAD J . -6.21 27.10 -7.09
O4 FAD J . -7.07 26.99 -6.19
C4X FAD J . -5.92 26.06 -7.97
N5 FAD J . -6.73 24.96 -7.99
C5X FAD J . -6.54 23.90 -8.88
C6 FAD J . -7.43 22.81 -8.85
C7 FAD J . -7.28 21.73 -9.73
C7M FAD J . -8.55 21.06 -10.24
C8 FAD J . -6.21 21.76 -10.63
C8M FAD J . -6.40 20.95 -11.86
C9 FAD J . -5.31 22.86 -10.66
C9A FAD J . -5.46 23.95 -9.78
N10 FAD J . -4.59 25.06 -9.74
C10 FAD J . -4.84 26.12 -8.84
C1' FAD J . -3.29 25.07 -10.49
C2' FAD J . -2.23 24.08 -10.03
O2' FAD J . -1.63 24.39 -8.79
C3' FAD J . -1.19 24.02 -11.14
O3' FAD J . -1.93 23.45 -12.20
C4' FAD J . 0.05 23.15 -10.90
O4' FAD J . 0.98 23.83 -10.10
C5' FAD J . 0.71 22.77 -12.22
O5' FAD J . 0.81 23.89 -13.08
P FAD J . 0.39 23.76 -14.62
O1P FAD J . -0.96 23.09 -14.69
O2P FAD J . 0.45 25.08 -15.49
O3P FAD J . 1.40 22.75 -15.33
P AMP K . -26.55 -1.21 31.50
O1P AMP K . -27.77 -1.70 32.24
O2P AMP K . -25.34 -1.91 32.02
O3P AMP K . -26.63 -1.25 29.99
O5' AMP K . -26.36 0.37 31.89
C5' AMP K . -26.91 1.30 30.95
C4' AMP K . -26.90 2.76 31.37
O4' AMP K . -26.51 2.89 32.73
C3' AMP K . -25.92 3.60 30.55
O3' AMP K . -26.54 4.20 29.38
C2' AMP K . -25.40 4.63 31.53
O2' AMP K . -26.11 5.86 31.33
C1' AMP K . -25.60 3.96 32.90
N9 AMP K . -24.33 3.27 33.23
C8 AMP K . -24.06 1.93 33.10
N7 AMP K . -22.77 1.63 33.46
C5 AMP K . -22.19 2.78 33.85
C6 AMP K . -20.84 3.20 34.35
N6 AMP K . -19.84 2.30 34.53
N1 AMP K . -20.67 4.52 34.60
C2 AMP K . -21.67 5.44 34.45
N3 AMP K . -22.91 5.14 34.00
C4 AMP K . -23.22 3.86 33.69
#